data_4D4P
#
_entry.id   4D4P
#
_cell.length_a   152.060
_cell.length_b   152.060
_cell.length_c   203.850
_cell.angle_alpha   90.00
_cell.angle_beta   90.00
_cell.angle_gamma   120.00
#
_symmetry.space_group_name_H-M   'P 65'
#
loop_
_entity.id
_entity.type
_entity.pdbx_description
1 polymer 'PROTEIN ATS1, DIPHTHAMIDE BIOSYNTHESIS PROTEIN 3'
2 non-polymer 'FE (III) ION'
3 non-polymer 'SULFATE ION'
#
_entity_poly.entity_id   1
_entity_poly.type   'polypeptide(L)'
_entity_poly.pdbx_seq_one_letter_code
;GAMSCVYAFGSNGQRQLGLGHDEDMDTPQRSVPGDDGAIVRKIACGGNHSVMLTNDGNLVGCGDNRRGELDSAQALRQVH
DWRPVEVPAPVVDVACGWDTTVIVDADGRVWQRGGGCYEFTQQHVPLNSNDERIAVYGCFQNFVVVQGTRVYGWGSNTKC
QLQEPKSRSLKEPVLVYDTGSVAVDYVAMGKDFMVIVDEGGRIVHASGRLPTGFELKQQQKRHNLVVLCMWTSIHLWNAR
LNTVESFGRGTHSQLFPQERLDFPIVGVATGSEHGILTTANQEGKSHCYNVYCWGWGEHGNCGPQKGSQPGLQLVGQYSG
KPRVFGGCATTWIVLGSGSGSGSGSMSTYDEIEIEDMTFEPENQMFTYPCPCGDRFQIYLDDMFEGEKVAVCPSCSLMID
VVFDKEDLAEYYEEAGIHPPEPIAAAA
;
_entity_poly.pdbx_strand_id   A,B,C,E,G,H
#
# COMPACT_ATOMS: atom_id res chain seq x y z
N ALA A 2 18.05 -2.75 -10.38
CA ALA A 2 18.25 -3.31 -9.05
C ALA A 2 18.31 -2.22 -7.98
N MET A 3 17.15 -1.72 -7.58
CA MET A 3 17.06 -0.69 -6.56
C MET A 3 16.50 -1.25 -5.27
N SER A 4 16.31 -0.38 -4.27
CA SER A 4 15.75 -0.79 -3.00
C SER A 4 14.26 -0.46 -2.90
N CYS A 5 13.48 -1.39 -2.38
CA CYS A 5 12.05 -1.18 -2.19
C CYS A 5 11.78 -0.51 -0.85
N VAL A 6 11.58 0.80 -0.88
CA VAL A 6 11.32 1.55 0.34
C VAL A 6 9.82 1.70 0.61
N TYR A 7 9.40 1.27 1.79
CA TYR A 7 8.02 1.46 2.23
C TYR A 7 7.97 2.49 3.37
N ALA A 8 6.98 3.38 3.29
CA ALA A 8 6.84 4.42 4.30
C ALA A 8 5.38 4.71 4.61
N PHE A 9 5.08 4.93 5.88
CA PHE A 9 3.73 5.26 6.32
C PHE A 9 3.74 5.89 7.71
N GLY A 10 2.69 6.65 8.01
CA GLY A 10 2.60 7.34 9.29
C GLY A 10 2.30 8.81 9.11
N SER A 11 2.85 9.64 9.99
CA SER A 11 2.65 11.08 9.93
C SER A 11 3.24 11.66 8.64
N ASN A 12 2.50 12.56 8.01
CA ASN A 12 2.91 13.10 6.72
C ASN A 12 2.53 14.58 6.57
N GLY A 13 2.55 15.30 7.68
CA GLY A 13 2.14 16.69 7.70
C GLY A 13 2.96 17.61 6.82
N GLN A 14 4.24 17.29 6.66
CA GLN A 14 5.14 18.11 5.85
C GLN A 14 5.71 17.33 4.67
N ARG A 15 4.96 16.33 4.22
CA ARG A 15 5.36 15.48 3.09
C ARG A 15 6.69 14.78 3.33
N GLN A 16 6.95 14.42 4.58
CA GLN A 16 8.23 13.77 4.93
C GLN A 16 8.24 12.28 4.62
N LEU A 17 7.20 11.80 3.95
CA LEU A 17 7.13 10.40 3.55
C LEU A 17 7.59 10.22 2.10
N GLY A 18 7.83 11.33 1.42
CA GLY A 18 8.27 11.31 0.04
C GLY A 18 7.23 10.71 -0.89
N LEU A 19 5.97 11.07 -0.66
CA LEU A 19 4.87 10.55 -1.47
C LEU A 19 4.28 11.64 -2.37
N GLY A 20 4.68 12.88 -2.13
CA GLY A 20 4.19 14.00 -2.90
C GLY A 20 3.04 14.72 -2.24
N HIS A 21 2.21 13.96 -1.52
CA HIS A 21 1.07 14.52 -0.83
C HIS A 21 1.34 14.66 0.67
N ASP A 22 0.44 15.35 1.37
CA ASP A 22 0.59 15.54 2.81
C ASP A 22 -0.47 14.80 3.61
N GLU A 23 -0.86 13.62 3.13
CA GLU A 23 -1.87 12.80 3.80
C GLU A 23 -1.22 11.71 4.64
N ASP A 24 -1.66 11.60 5.90
CA ASP A 24 -1.15 10.56 6.79
C ASP A 24 -1.55 9.18 6.29
N MET A 25 -0.60 8.25 6.30
CA MET A 25 -0.84 6.92 5.78
C MET A 25 -0.78 5.88 6.89
N ASP A 26 -1.63 4.85 6.80
CA ASP A 26 -1.66 3.79 7.81
C ASP A 26 -1.20 2.44 7.24
N THR A 27 -0.93 2.42 5.94
CA THR A 27 -0.42 1.22 5.29
C THR A 27 0.81 1.57 4.45
N PRO A 28 1.82 0.70 4.46
CA PRO A 28 3.12 0.91 3.79
C PRO A 28 2.99 1.37 2.34
N GLN A 29 3.39 2.61 2.08
CA GLN A 29 3.38 3.16 0.73
C GLN A 29 4.79 3.14 0.14
N ARG A 30 4.90 2.80 -1.13
CA ARG A 30 6.19 2.78 -1.81
C ARG A 30 6.71 4.20 -2.00
N SER A 31 7.80 4.52 -1.31
CA SER A 31 8.45 5.82 -1.47
C SER A 31 9.60 5.72 -2.47
N VAL A 32 9.43 6.37 -3.62
CA VAL A 32 10.41 6.28 -4.69
C VAL A 32 11.08 7.63 -4.97
N PRO A 33 12.36 7.75 -4.60
CA PRO A 33 13.13 8.97 -4.86
C PRO A 33 13.45 9.15 -6.33
N GLY A 34 13.04 10.29 -6.90
CA GLY A 34 13.29 10.57 -8.31
C GLY A 34 12.45 9.71 -9.23
N ASP A 35 13.07 9.17 -10.26
CA ASP A 35 12.36 8.37 -11.25
C ASP A 35 12.57 6.87 -11.05
N ASP A 36 13.84 6.45 -11.03
CA ASP A 36 14.17 5.03 -10.94
C ASP A 36 14.34 4.56 -9.50
N GLY A 37 14.50 5.51 -8.57
CA GLY A 37 14.70 5.17 -7.18
C GLY A 37 16.16 5.23 -6.80
N ALA A 38 16.50 4.55 -5.71
CA ALA A 38 17.88 4.53 -5.22
C ALA A 38 18.13 3.33 -4.32
N ILE A 39 19.40 2.96 -4.16
CA ILE A 39 19.79 1.90 -3.24
C ILE A 39 19.99 2.49 -1.85
N VAL A 40 18.94 2.45 -1.04
CA VAL A 40 18.96 3.07 0.27
C VAL A 40 19.70 2.21 1.31
N ARG A 41 20.73 2.79 1.91
CA ARG A 41 21.52 2.09 2.91
C ARG A 41 21.00 2.40 4.32
N LYS A 42 20.71 3.66 4.58
CA LYS A 42 20.23 4.08 5.90
C LYS A 42 19.27 5.26 5.81
N ILE A 43 18.22 5.23 6.64
CA ILE A 43 17.26 6.32 6.69
C ILE A 43 17.28 7.00 8.05
N ALA A 44 17.39 8.32 8.04
CA ALA A 44 17.33 9.11 9.27
C ALA A 44 16.13 10.05 9.24
N CYS A 45 15.45 10.17 10.37
CA CYS A 45 14.23 10.98 10.43
C CYS A 45 14.28 12.03 11.52
N GLY A 46 13.74 13.20 11.23
CA GLY A 46 13.62 14.26 12.21
C GLY A 46 12.18 14.42 12.63
N GLY A 47 11.83 15.61 13.11
CA GLY A 47 10.46 15.89 13.52
C GLY A 47 9.53 15.94 12.32
N ASN A 48 9.93 16.67 11.29
CA ASN A 48 9.10 16.84 10.10
C ASN A 48 9.88 16.72 8.79
N HIS A 49 10.96 15.94 8.81
CA HIS A 49 11.77 15.73 7.61
C HIS A 49 12.49 14.38 7.66
N SER A 50 12.70 13.80 6.48
CA SER A 50 13.35 12.50 6.38
C SER A 50 14.54 12.53 5.43
N VAL A 51 15.63 11.89 5.83
CA VAL A 51 16.86 11.87 5.04
C VAL A 51 17.30 10.45 4.72
N MET A 52 17.55 10.18 3.45
CA MET A 52 18.03 8.88 3.02
C MET A 52 19.51 8.93 2.60
N LEU A 53 20.27 7.93 3.02
CA LEU A 53 21.66 7.81 2.61
C LEU A 53 21.82 6.68 1.59
N THR A 54 22.15 7.06 0.36
CA THR A 54 22.35 6.09 -0.70
C THR A 54 23.65 5.32 -0.48
N ASN A 55 23.85 4.26 -1.25
CA ASN A 55 25.01 3.39 -1.07
C ASN A 55 26.28 3.94 -1.72
N ASP A 56 26.17 5.12 -2.34
CA ASP A 56 27.33 5.73 -2.98
C ASP A 56 27.67 7.09 -2.37
N GLY A 57 27.18 7.34 -1.15
CA GLY A 57 27.55 8.54 -0.41
C GLY A 57 26.74 9.77 -0.76
N ASN A 58 25.52 9.57 -1.25
CA ASN A 58 24.64 10.70 -1.57
C ASN A 58 23.43 10.79 -0.65
N LEU A 59 23.09 12.01 -0.25
CA LEU A 59 21.93 12.23 0.58
C LEU A 59 20.73 12.76 -0.22
N VAL A 60 19.58 12.14 -0.02
CA VAL A 60 18.34 12.63 -0.61
C VAL A 60 17.29 12.81 0.50
N GLY A 61 16.68 13.99 0.53
CA GLY A 61 15.75 14.30 1.60
C GLY A 61 14.43 14.90 1.15
N CYS A 62 13.49 14.98 2.08
CA CYS A 62 12.17 15.56 1.83
C CYS A 62 11.56 15.99 3.15
N GLY A 63 10.65 16.96 3.10
CA GLY A 63 9.98 17.41 4.30
C GLY A 63 10.14 18.90 4.58
N ASP A 64 10.06 19.25 5.87
CA ASP A 64 10.11 20.64 6.29
C ASP A 64 11.49 21.26 6.11
N ASN A 65 11.53 22.50 5.65
CA ASN A 65 12.78 23.22 5.45
C ASN A 65 12.72 24.63 6.05
N ARG A 66 11.84 24.80 7.03
CA ARG A 66 11.66 26.10 7.68
C ARG A 66 12.72 26.36 8.75
N ARG A 67 13.64 25.41 8.91
CA ARG A 67 14.73 25.56 9.87
C ARG A 67 16.07 25.29 9.18
N GLY A 68 16.02 24.98 7.89
CA GLY A 68 17.21 24.69 7.11
C GLY A 68 17.64 23.23 7.23
N GLU A 69 16.67 22.35 7.45
CA GLU A 69 16.94 20.93 7.61
C GLU A 69 17.50 20.30 6.34
N LEU A 70 17.05 20.79 5.19
CA LEU A 70 17.38 20.16 3.91
C LEU A 70 18.11 21.09 2.96
N ASP A 71 17.34 21.92 2.25
CA ASP A 71 17.92 22.81 1.23
C ASP A 71 18.48 24.08 1.87
N SER A 72 19.47 24.66 1.20
CA SER A 72 20.14 25.86 1.72
C SER A 72 19.36 27.13 1.39
N ALA A 73 18.44 27.03 0.43
CA ALA A 73 17.60 28.17 0.07
C ALA A 73 16.66 28.54 1.20
N GLN A 74 16.91 29.70 1.81
CA GLN A 74 16.12 30.15 2.96
C GLN A 74 14.67 30.45 2.56
N ALA A 75 14.47 30.77 1.29
CA ALA A 75 13.13 31.04 0.78
C ALA A 75 12.31 29.75 0.70
N LEU A 76 12.98 28.64 0.43
CA LEU A 76 12.31 27.34 0.32
C LEU A 76 11.87 26.84 1.69
N ARG A 77 10.56 26.85 1.92
CA ARG A 77 10.01 26.48 3.23
C ARG A 77 9.80 24.97 3.36
N GLN A 78 9.55 24.29 2.24
CA GLN A 78 9.29 22.86 2.26
C GLN A 78 9.74 22.15 1.00
N VAL A 79 10.49 21.06 1.16
CA VAL A 79 10.89 20.22 0.04
C VAL A 79 9.81 19.17 -0.21
N HIS A 80 9.04 19.38 -1.27
CA HIS A 80 7.87 18.55 -1.55
C HIS A 80 8.21 17.10 -1.87
N ASP A 81 9.11 16.89 -2.84
CA ASP A 81 9.50 15.54 -3.23
C ASP A 81 10.96 15.27 -2.90
N TRP A 82 11.40 14.03 -3.10
CA TRP A 82 12.78 13.64 -2.82
C TRP A 82 13.77 14.42 -3.66
N ARG A 83 14.52 15.30 -2.99
CA ARG A 83 15.55 16.10 -3.64
C ARG A 83 16.91 15.88 -2.98
N PRO A 84 17.98 15.87 -3.78
CA PRO A 84 19.34 15.65 -3.28
C PRO A 84 19.76 16.71 -2.26
N VAL A 85 20.28 16.27 -1.12
CA VAL A 85 20.80 17.18 -0.12
C VAL A 85 22.26 17.51 -0.41
N GLU A 86 22.54 18.79 -0.57
CA GLU A 86 23.88 19.24 -0.93
C GLU A 86 24.91 18.94 0.16
N VAL A 87 25.91 18.15 -0.20
CA VAL A 87 26.97 17.76 0.74
C VAL A 87 28.34 18.14 0.19
N PRO A 88 29.27 18.54 1.08
CA PRO A 88 30.62 18.93 0.68
C PRO A 88 31.47 17.72 0.28
N ALA A 89 31.03 16.53 0.68
CA ALA A 89 31.77 15.30 0.42
C ALA A 89 30.85 14.09 0.54
N PRO A 90 31.21 12.97 -0.12
CA PRO A 90 30.44 11.73 -0.01
C PRO A 90 30.18 11.34 1.44
N VAL A 91 28.93 10.97 1.75
CA VAL A 91 28.51 10.72 3.11
C VAL A 91 28.70 9.27 3.54
N VAL A 92 29.22 9.06 4.74
CA VAL A 92 29.41 7.73 5.30
C VAL A 92 28.27 7.38 6.25
N ASP A 93 27.97 8.28 7.16
CA ASP A 93 26.89 8.06 8.13
C ASP A 93 26.07 9.35 8.30
N VAL A 94 24.84 9.20 8.77
CA VAL A 94 23.95 10.36 8.92
C VAL A 94 22.97 10.19 10.09
N ALA A 95 22.68 11.29 10.77
CA ALA A 95 21.70 11.29 11.86
C ALA A 95 20.88 12.58 11.81
N CYS A 96 19.72 12.56 12.46
CA CYS A 96 18.83 13.72 12.45
C CYS A 96 18.35 14.12 13.85
N GLY A 97 18.03 15.40 13.99
CA GLY A 97 17.46 15.91 15.23
C GLY A 97 16.05 16.43 14.95
N TRP A 98 15.49 17.18 15.89
CA TRP A 98 14.14 17.70 15.72
C TRP A 98 14.01 18.61 14.50
N ASP A 99 15.06 19.38 14.24
CA ASP A 99 15.09 20.24 13.06
C ASP A 99 16.52 20.39 12.53
N THR A 100 17.32 19.36 12.74
CA THR A 100 18.73 19.40 12.36
C THR A 100 19.17 18.14 11.62
N THR A 101 20.26 18.25 10.87
CA THR A 101 20.80 17.12 10.13
C THR A 101 22.33 17.09 10.25
N VAL A 102 22.84 16.01 10.84
CA VAL A 102 24.29 15.85 11.01
C VAL A 102 24.82 14.70 10.16
N ILE A 103 25.87 14.97 9.39
CA ILE A 103 26.45 13.97 8.51
C ILE A 103 27.92 13.72 8.84
N VAL A 104 28.46 12.62 8.33
CA VAL A 104 29.87 12.30 8.47
C VAL A 104 30.42 11.85 7.12
N ASP A 105 31.41 12.57 6.61
CA ASP A 105 31.96 12.29 5.28
C ASP A 105 33.11 11.28 5.29
N ALA A 106 33.59 10.93 4.10
CA ALA A 106 34.66 9.96 3.95
C ALA A 106 36.00 10.53 4.42
N ASP A 107 36.08 11.86 4.48
CA ASP A 107 37.29 12.52 4.92
C ASP A 107 37.39 12.50 6.45
N GLY A 108 36.27 12.23 7.10
CA GLY A 108 36.24 12.14 8.54
C GLY A 108 35.81 13.43 9.22
N ARG A 109 35.10 14.28 8.47
CA ARG A 109 34.64 15.56 8.99
C ARG A 109 33.16 15.50 9.34
N VAL A 110 32.79 16.13 10.45
CA VAL A 110 31.40 16.14 10.89
C VAL A 110 30.72 17.47 10.51
N TRP A 111 29.64 17.38 9.76
CA TRP A 111 28.91 18.56 9.31
C TRP A 111 27.49 18.57 9.86
N GLN A 112 27.02 19.74 10.27
CA GLN A 112 25.66 19.89 10.80
C GLN A 112 24.92 21.05 10.15
N ARG A 113 23.67 20.79 9.76
CA ARG A 113 22.81 21.84 9.21
C ARG A 113 21.46 21.83 9.91
N GLY A 114 20.70 22.90 9.72
CA GLY A 114 19.37 23.00 10.32
C GLY A 114 19.37 23.73 11.65
N GLY A 115 18.20 23.82 12.25
CA GLY A 115 18.06 24.50 13.54
C GLY A 115 18.31 25.98 13.45
N GLY A 116 18.00 26.57 12.31
CA GLY A 116 18.21 27.99 12.09
C GLY A 116 19.24 28.25 11.01
N CYS A 117 20.34 27.50 11.07
CA CYS A 117 21.40 27.63 10.07
C CYS A 117 21.01 26.91 8.78
N TYR A 118 21.21 27.57 7.65
CA TYR A 118 20.85 27.00 6.36
C TYR A 118 22.06 26.48 5.60
N GLU A 119 23.17 26.28 6.30
CA GLU A 119 24.39 25.79 5.67
C GLU A 119 25.07 24.75 6.55
N PHE A 120 25.69 23.76 5.91
CA PHE A 120 26.42 22.72 6.64
C PHE A 120 27.63 23.30 7.36
N THR A 121 27.50 23.49 8.67
CA THR A 121 28.60 23.99 9.49
C THR A 121 29.37 22.82 10.09
N GLN A 122 30.68 22.81 9.89
CA GLN A 122 31.53 21.73 10.37
C GLN A 122 31.65 21.70 11.88
N GLN A 123 31.41 20.53 12.47
CA GLN A 123 31.62 20.33 13.90
C GLN A 123 33.00 19.75 14.13
N HIS A 124 33.80 20.43 14.94
CA HIS A 124 35.19 20.02 15.16
C HIS A 124 35.33 19.13 16.39
N VAL A 125 35.34 17.82 16.16
CA VAL A 125 35.50 16.84 17.22
C VAL A 125 36.86 16.15 17.13
N PRO A 126 37.60 16.13 18.24
CA PRO A 126 38.94 15.52 18.28
C PRO A 126 38.92 14.03 17.95
N LEU A 127 39.21 13.70 16.70
CA LEU A 127 39.19 12.30 16.25
C LEU A 127 40.55 11.87 15.71
N ASN A 128 40.75 10.57 15.60
CA ASN A 128 41.99 10.02 15.07
C ASN A 128 41.92 9.80 13.56
N SER A 129 43.04 9.38 12.98
CA SER A 129 43.12 9.16 11.54
C SER A 129 43.57 7.75 11.20
N ASN A 130 42.63 6.81 11.21
CA ASN A 130 42.93 5.42 10.88
C ASN A 130 41.71 4.66 10.36
N ASP A 131 41.73 3.34 10.52
CA ASP A 131 40.68 2.48 9.98
C ASP A 131 39.41 2.55 10.84
N GLU A 132 39.54 3.02 12.07
CA GLU A 132 38.40 3.15 12.96
C GLU A 132 37.35 4.10 12.39
N ARG A 133 36.23 3.53 11.96
CA ARG A 133 35.17 4.30 11.30
C ARG A 133 34.53 5.31 12.24
N ILE A 134 33.88 6.31 11.65
CA ILE A 134 33.23 7.37 12.42
C ILE A 134 31.72 7.32 12.24
N ALA A 135 31.02 6.96 13.31
CA ALA A 135 29.56 6.86 13.26
C ALA A 135 28.90 8.01 14.02
N VAL A 136 27.72 8.43 13.54
CA VAL A 136 26.99 9.51 14.18
C VAL A 136 25.58 9.07 14.60
N TYR A 137 25.22 9.38 15.83
CA TYR A 137 23.88 9.09 16.34
C TYR A 137 23.25 10.36 16.89
N GLY A 138 21.96 10.54 16.66
CA GLY A 138 21.29 11.76 17.08
C GLY A 138 19.80 11.62 17.33
N CYS A 139 19.31 12.37 18.31
CA CYS A 139 17.89 12.39 18.61
C CYS A 139 17.52 13.70 19.32
N PHE A 140 16.38 14.27 18.93
CA PHE A 140 15.85 15.48 19.56
C PHE A 140 16.78 16.68 19.42
N GLN A 141 17.48 17.03 20.50
CA GLN A 141 18.36 18.19 20.50
C GLN A 141 19.80 17.81 20.83
N ASN A 142 20.16 16.56 20.60
CA ASN A 142 21.52 16.09 20.88
C ASN A 142 22.06 15.14 19.82
N PHE A 143 23.33 15.31 19.48
CA PHE A 143 24.01 14.41 18.55
C PHE A 143 25.24 13.79 19.20
N VAL A 144 25.61 12.61 18.74
CA VAL A 144 26.75 11.89 19.30
C VAL A 144 27.62 11.26 18.22
N VAL A 145 28.92 11.55 18.27
CA VAL A 145 29.88 10.97 17.34
C VAL A 145 30.76 9.94 18.05
N VAL A 146 30.75 8.71 17.56
CA VAL A 146 31.51 7.63 18.18
C VAL A 146 32.61 7.09 17.27
N GLN A 147 33.84 7.11 17.77
CA GLN A 147 34.97 6.56 17.04
C GLN A 147 35.71 5.54 17.87
N GLY A 148 35.44 4.26 17.62
CA GLY A 148 36.09 3.18 18.34
C GLY A 148 35.74 3.15 19.82
N THR A 149 36.56 3.80 20.63
CA THR A 149 36.38 3.82 22.07
C THR A 149 35.73 5.12 22.55
N ARG A 150 36.23 6.25 22.06
CA ARG A 150 35.76 7.55 22.49
C ARG A 150 34.35 7.86 22.01
N VAL A 151 33.58 8.52 22.87
CA VAL A 151 32.23 8.95 22.53
C VAL A 151 32.07 10.45 22.77
N TYR A 152 31.97 11.21 21.70
CA TYR A 152 31.80 12.66 21.79
C TYR A 152 30.38 13.07 21.43
N GLY A 153 29.94 14.21 21.98
CA GLY A 153 28.60 14.71 21.72
C GLY A 153 28.46 16.19 22.01
N TRP A 154 27.36 16.77 21.53
CA TRP A 154 27.07 18.18 21.75
C TRP A 154 25.57 18.44 21.71
N GLY A 155 25.17 19.66 22.04
CA GLY A 155 23.77 20.03 22.05
C GLY A 155 23.23 20.32 23.43
N SER A 156 21.99 19.92 23.68
CA SER A 156 21.33 20.17 24.96
C SER A 156 22.02 19.45 26.11
N ASN A 157 21.98 20.07 27.28
CA ASN A 157 22.61 19.50 28.48
C ASN A 157 21.81 19.89 29.73
N THR A 158 20.50 20.08 29.54
CA THR A 158 19.64 20.52 30.63
C THR A 158 19.36 19.39 31.62
N LYS A 159 19.60 18.15 31.19
CA LYS A 159 19.40 16.99 32.06
C LYS A 159 20.72 16.26 32.29
N CYS A 160 21.82 16.95 32.00
CA CYS A 160 23.18 16.40 32.16
C CYS A 160 23.38 15.13 31.35
N GLN A 161 22.93 15.14 30.10
CA GLN A 161 23.08 13.98 29.23
C GLN A 161 24.41 13.99 28.49
N LEU A 162 25.21 15.05 28.71
CA LEU A 162 26.52 15.15 28.11
C LEU A 162 27.60 15.34 29.17
N GLN A 163 27.33 16.25 30.12
CA GLN A 163 28.28 16.54 31.19
C GLN A 163 27.56 17.18 32.38
N GLU A 164 28.35 17.64 33.34
CA GLU A 164 27.81 18.32 34.52
C GLU A 164 28.53 19.65 34.74
N PRO A 165 27.81 20.67 35.24
CA PRO A 165 26.38 20.64 35.59
C PRO A 165 25.47 20.88 34.39
N LYS A 166 24.34 21.54 34.63
CA LYS A 166 23.36 21.79 33.59
C LYS A 166 23.77 22.93 32.66
N SER A 167 23.43 22.80 31.39
CA SER A 167 23.70 23.83 30.39
C SER A 167 22.58 23.84 29.36
N ARG A 168 22.18 25.01 28.90
CA ARG A 168 21.09 25.11 27.94
C ARG A 168 21.47 24.49 26.60
N SER A 169 22.75 24.56 26.27
CA SER A 169 23.27 24.02 25.02
C SER A 169 24.79 24.06 24.99
N LEU A 170 25.39 23.11 24.26
CA LEU A 170 26.83 23.08 24.08
C LEU A 170 27.18 23.07 22.60
N LYS A 171 27.59 24.23 22.08
CA LYS A 171 27.94 24.35 20.67
C LYS A 171 29.17 23.52 20.33
N GLU A 172 30.19 23.62 21.18
CA GLU A 172 31.43 22.89 20.97
C GLU A 172 31.36 21.51 21.61
N PRO A 173 31.65 20.46 20.83
CA PRO A 173 31.61 19.07 21.28
C PRO A 173 32.52 18.81 22.48
N VAL A 174 32.07 17.94 23.38
CA VAL A 174 32.84 17.58 24.56
C VAL A 174 32.98 16.06 24.66
N LEU A 175 33.81 15.60 25.60
CA LEU A 175 33.98 14.17 25.83
C LEU A 175 32.86 13.63 26.71
N VAL A 176 31.91 12.95 26.11
CA VAL A 176 30.79 12.38 26.86
C VAL A 176 31.25 11.20 27.71
N TYR A 177 31.96 10.26 27.08
CA TYR A 177 32.43 9.07 27.78
C TYR A 177 33.55 8.36 27.03
N ASP A 178 34.48 7.79 27.78
CA ASP A 178 35.57 7.02 27.21
C ASP A 178 35.67 5.66 27.87
N THR A 179 35.53 4.60 27.07
CA THR A 179 35.54 3.24 27.59
C THR A 179 36.91 2.87 28.17
N GLY A 180 37.95 3.02 27.35
CA GLY A 180 39.29 2.69 27.76
C GLY A 180 39.60 1.22 27.56
N SER A 181 38.69 0.51 26.89
CA SER A 181 38.87 -0.92 26.65
C SER A 181 38.12 -1.39 25.41
N VAL A 182 36.85 -1.73 25.57
CA VAL A 182 36.04 -2.28 24.49
C VAL A 182 35.52 -1.20 23.55
N ALA A 183 35.48 -1.51 22.27
CA ALA A 183 34.98 -0.57 21.26
C ALA A 183 33.48 -0.38 21.41
N VAL A 184 33.05 0.89 21.40
CA VAL A 184 31.64 1.22 21.51
C VAL A 184 30.89 0.86 20.24
N ASP A 185 29.87 0.02 20.37
CA ASP A 185 29.08 -0.42 19.24
C ASP A 185 28.21 0.72 18.71
N TYR A 186 27.24 1.14 19.52
CA TYR A 186 26.33 2.21 19.14
C TYR A 186 25.90 3.01 20.36
N VAL A 187 25.12 4.06 20.12
CA VAL A 187 24.57 4.86 21.21
C VAL A 187 23.07 5.07 21.02
N ALA A 188 22.27 4.39 21.84
CA ALA A 188 20.82 4.54 21.80
C ALA A 188 20.41 5.84 22.47
N MET A 189 19.87 6.76 21.68
CA MET A 189 19.53 8.09 22.19
C MET A 189 18.04 8.33 22.26
N GLY A 190 17.58 8.82 23.41
CA GLY A 190 16.20 9.21 23.58
C GLY A 190 16.12 10.72 23.67
N LYS A 191 15.08 11.22 24.33
CA LYS A 191 14.93 12.66 24.51
C LYS A 191 15.49 13.09 25.86
N ASP A 192 16.62 13.79 25.81
CA ASP A 192 17.32 14.27 27.01
C ASP A 192 17.84 13.13 27.91
N PHE A 193 18.11 11.98 27.30
CA PHE A 193 18.80 10.90 28.00
C PHE A 193 19.57 10.03 27.01
N MET A 194 20.59 9.33 27.50
CA MET A 194 21.53 8.63 26.63
C MET A 194 21.99 7.30 27.22
N VAL A 195 22.17 6.30 26.36
CA VAL A 195 22.66 4.99 26.78
C VAL A 195 23.74 4.48 25.82
N ILE A 196 24.90 4.12 26.38
CA ILE A 196 26.04 3.68 25.58
C ILE A 196 26.25 2.17 25.66
N VAL A 197 26.38 1.53 24.50
CA VAL A 197 26.55 0.09 24.43
C VAL A 197 27.80 -0.28 23.64
N ASP A 198 28.59 -1.21 24.17
CA ASP A 198 29.79 -1.68 23.46
C ASP A 198 29.48 -2.87 22.56
N GLU A 199 30.53 -3.45 21.98
CA GLU A 199 30.37 -4.59 21.07
C GLU A 199 30.08 -5.88 21.82
N GLY A 200 30.16 -5.83 23.15
CA GLY A 200 29.86 -6.98 23.98
C GLY A 200 28.40 -7.05 24.35
N GLY A 201 27.64 -6.02 23.97
CA GLY A 201 26.24 -5.94 24.29
C GLY A 201 25.99 -5.44 25.69
N ARG A 202 27.02 -4.88 26.30
CA ARG A 202 26.94 -4.37 27.66
C ARG A 202 26.68 -2.87 27.68
N ILE A 203 25.82 -2.43 28.58
CA ILE A 203 25.61 -1.00 28.79
C ILE A 203 26.76 -0.44 29.61
N VAL A 204 27.65 0.30 28.95
CA VAL A 204 28.85 0.81 29.60
C VAL A 204 28.59 2.11 30.35
N HIS A 205 27.73 2.95 29.78
CA HIS A 205 27.42 4.24 30.40
C HIS A 205 26.03 4.75 30.03
N ALA A 206 25.41 5.49 30.95
CA ALA A 206 24.13 6.12 30.69
C ALA A 206 24.08 7.50 31.31
N SER A 207 23.34 8.41 30.68
CA SER A 207 23.24 9.79 31.17
C SER A 207 21.90 10.41 30.83
N GLY A 208 21.62 11.57 31.41
CA GLY A 208 20.38 12.28 31.16
C GLY A 208 19.25 11.86 32.06
N ARG A 209 18.04 12.33 31.74
CA ARG A 209 16.86 11.97 32.53
C ARG A 209 16.35 10.59 32.11
N LEU A 210 16.89 9.55 32.74
CA LEU A 210 16.50 8.18 32.43
C LEU A 210 15.06 7.92 32.84
N PRO A 211 14.31 7.18 32.00
CA PRO A 211 12.91 6.83 32.29
C PRO A 211 12.79 6.01 33.56
N THR A 212 11.69 6.18 34.28
CA THR A 212 11.49 5.52 35.57
C THR A 212 11.49 4.00 35.46
N GLY A 213 12.04 3.35 36.48
CA GLY A 213 12.09 1.90 36.53
C GLY A 213 13.40 1.33 36.01
N PHE A 214 14.18 2.16 35.35
CA PHE A 214 15.45 1.73 34.78
C PHE A 214 16.59 1.84 35.79
N GLU A 215 16.99 0.70 36.35
CA GLU A 215 18.08 0.65 37.32
C GLU A 215 19.41 0.41 36.60
N LEU A 216 20.16 1.48 36.39
CA LEU A 216 21.40 1.43 35.61
C LEU A 216 22.42 0.43 36.15
N LYS A 217 22.71 0.53 37.45
CA LYS A 217 23.70 -0.35 38.07
C LYS A 217 23.31 -1.82 38.01
N GLN A 218 22.02 -2.08 37.88
CA GLN A 218 21.52 -3.45 37.76
C GLN A 218 21.62 -3.95 36.32
N GLN A 219 21.45 -3.04 35.37
CA GLN A 219 21.46 -3.40 33.95
C GLN A 219 22.87 -3.57 33.41
N GLN A 220 23.83 -2.92 34.06
CA GLN A 220 25.23 -2.99 33.63
C GLN A 220 25.86 -4.36 33.87
N LYS A 221 25.25 -5.12 34.77
CA LYS A 221 25.76 -6.45 35.11
C LYS A 221 25.39 -7.47 34.04
N ARG A 222 24.55 -7.06 33.10
CA ARG A 222 24.09 -7.93 32.03
C ARG A 222 24.93 -7.76 30.77
N HIS A 223 24.77 -8.67 29.83
CA HIS A 223 25.45 -8.57 28.53
C HIS A 223 24.60 -9.17 27.42
N ASN A 224 25.12 -9.11 26.20
CA ASN A 224 24.38 -9.56 25.00
C ASN A 224 23.04 -8.87 24.85
N LEU A 225 23.01 -7.57 25.15
CA LEU A 225 21.77 -6.80 25.10
C LEU A 225 21.73 -5.87 23.88
N VAL A 226 20.52 -5.65 23.37
CA VAL A 226 20.31 -4.67 22.31
C VAL A 226 19.42 -3.55 22.83
N VAL A 227 20.00 -2.37 23.00
CA VAL A 227 19.29 -1.24 23.60
C VAL A 227 18.62 -0.36 22.56
N LEU A 228 17.28 -0.30 22.62
CA LEU A 228 16.51 0.61 21.77
C LEU A 228 15.95 1.72 22.65
N CYS A 229 15.65 2.86 22.05
CA CYS A 229 15.16 4.00 22.82
C CYS A 229 14.10 4.82 22.09
N MET A 230 13.00 5.09 22.78
CA MET A 230 12.03 6.07 22.33
C MET A 230 12.33 7.37 23.08
N TRP A 231 11.54 8.40 22.85
CA TRP A 231 11.77 9.69 23.49
C TRP A 231 11.72 9.61 25.02
N THR A 232 10.83 8.76 25.53
CA THR A 232 10.61 8.68 26.98
C THR A 232 10.65 7.26 27.51
N SER A 233 11.30 6.35 26.78
CA SER A 233 11.37 4.96 27.22
C SER A 233 12.59 4.21 26.68
N ILE A 234 13.08 3.26 27.47
CA ILE A 234 14.18 2.39 27.06
C ILE A 234 13.65 0.98 26.81
N HIS A 235 14.09 0.37 25.72
CA HIS A 235 13.64 -0.97 25.38
C HIS A 235 14.80 -1.94 25.19
N LEU A 236 14.87 -2.94 26.07
CA LEU A 236 15.97 -3.90 26.06
C LEU A 236 15.60 -5.20 25.35
N TRP A 237 16.17 -5.40 24.17
CA TRP A 237 15.96 -6.62 23.42
C TRP A 237 16.77 -7.76 24.04
N ASN A 238 16.05 -8.73 24.60
CA ASN A 238 16.69 -9.92 25.17
C ASN A 238 16.49 -11.11 24.25
N ALA A 239 17.49 -11.36 23.39
CA ALA A 239 17.40 -12.44 22.41
C ALA A 239 17.37 -13.81 23.06
N ARG A 240 17.98 -13.94 24.23
CA ARG A 240 18.06 -15.21 24.93
C ARG A 240 16.68 -15.65 25.42
N LEU A 241 15.88 -14.71 25.90
CA LEU A 241 14.53 -15.01 26.37
C LEU A 241 13.50 -14.68 25.30
N ASN A 242 13.98 -14.20 24.15
CA ASN A 242 13.12 -13.82 23.02
C ASN A 242 12.02 -12.83 23.41
N THR A 243 12.37 -11.86 24.24
CA THR A 243 11.42 -10.86 24.69
C THR A 243 12.04 -9.46 24.66
N VAL A 244 11.20 -8.45 24.82
CA VAL A 244 11.66 -7.07 24.89
C VAL A 244 11.22 -6.42 26.20
N GLU A 245 12.20 -5.97 26.99
CA GLU A 245 11.92 -5.34 28.27
C GLU A 245 11.84 -3.81 28.11
N SER A 246 10.69 -3.24 28.45
CA SER A 246 10.50 -1.80 28.33
C SER A 246 10.51 -1.13 29.70
N PHE A 247 10.89 0.14 29.73
CA PHE A 247 10.97 0.89 30.97
C PHE A 247 10.42 2.31 30.82
N GLY A 248 9.70 2.76 31.85
CA GLY A 248 9.06 4.06 31.82
C GLY A 248 7.55 3.93 31.76
N ARG A 249 6.84 5.06 31.84
CA ARG A 249 5.39 5.04 31.78
C ARG A 249 4.91 4.60 30.41
N GLY A 250 3.74 3.97 30.37
CA GLY A 250 3.18 3.49 29.12
C GLY A 250 1.77 4.03 28.90
N THR A 251 1.67 5.36 28.85
CA THR A 251 0.38 6.01 28.67
C THR A 251 -0.26 5.69 27.32
N HIS A 252 0.57 5.33 26.35
CA HIS A 252 0.07 5.01 25.02
C HIS A 252 0.69 3.73 24.44
N SER A 253 0.68 2.69 25.26
CA SER A 253 1.07 1.34 24.83
C SER A 253 2.51 1.20 24.33
N GLN A 254 3.38 2.12 24.76
CA GLN A 254 4.78 2.07 24.34
C GLN A 254 5.49 0.86 24.93
N LEU A 255 5.02 0.42 26.09
CA LEU A 255 5.59 -0.75 26.77
C LEU A 255 5.30 -2.03 25.97
N PHE A 256 6.36 -2.75 25.64
CA PHE A 256 6.25 -3.96 24.84
C PHE A 256 5.37 -5.01 25.52
N PRO A 257 4.46 -5.63 24.74
CA PRO A 257 3.58 -6.68 25.24
C PRO A 257 4.37 -7.85 25.82
N GLN A 258 4.20 -8.08 27.12
CA GLN A 258 4.96 -9.12 27.82
C GLN A 258 4.41 -10.52 27.59
N GLU A 259 3.55 -10.66 26.58
CA GLU A 259 3.00 -11.97 26.21
C GLU A 259 4.05 -12.77 25.44
N ARG A 260 4.04 -14.08 25.63
CA ARG A 260 5.00 -14.96 24.96
C ARG A 260 4.80 -14.97 23.45
N LEU A 261 5.87 -14.61 22.72
CA LEU A 261 5.82 -14.59 21.27
C LEU A 261 5.95 -16.00 20.70
N ASP A 262 5.20 -16.27 19.64
CA ASP A 262 5.20 -17.60 19.03
C ASP A 262 6.35 -17.77 18.04
N PHE A 263 7.05 -16.67 17.75
CA PHE A 263 8.15 -16.71 16.78
C PHE A 263 9.34 -15.88 17.25
N PRO A 264 10.56 -16.32 16.90
CA PRO A 264 11.80 -15.64 17.31
C PRO A 264 11.91 -14.22 16.78
N ILE A 265 12.40 -13.31 17.62
CA ILE A 265 12.64 -11.93 17.23
C ILE A 265 13.92 -11.84 16.41
N VAL A 266 13.85 -11.21 15.24
CA VAL A 266 15.02 -11.08 14.39
C VAL A 266 15.47 -9.62 14.24
N GLY A 267 14.69 -8.71 14.81
CA GLY A 267 15.02 -7.29 14.74
C GLY A 267 14.02 -6.40 15.46
N VAL A 268 14.54 -5.39 16.15
CA VAL A 268 13.69 -4.42 16.86
C VAL A 268 14.11 -3.00 16.55
N ALA A 269 13.15 -2.16 16.19
CA ALA A 269 13.41 -0.75 15.92
C ALA A 269 12.36 0.13 16.58
N THR A 270 12.75 1.35 16.97
CA THR A 270 11.83 2.27 17.60
C THR A 270 11.82 3.64 16.92
N GLY A 271 10.66 4.29 16.93
CA GLY A 271 10.54 5.64 16.42
C GLY A 271 10.54 6.63 17.57
N SER A 272 9.76 7.70 17.43
CA SER A 272 9.63 8.68 18.50
C SER A 272 8.90 8.08 19.70
N GLU A 273 7.71 7.54 19.45
CA GLU A 273 6.93 6.91 20.52
C GLU A 273 6.25 5.62 20.08
N HIS A 274 6.87 4.92 19.14
CA HIS A 274 6.35 3.63 18.69
C HIS A 274 7.50 2.69 18.35
N GLY A 275 7.24 1.39 18.47
CA GLY A 275 8.25 0.38 18.20
C GLY A 275 7.92 -0.47 16.99
N ILE A 276 8.95 -1.01 16.34
CA ILE A 276 8.78 -1.85 15.17
C ILE A 276 9.44 -3.20 15.39
N LEU A 277 8.63 -4.25 15.42
CA LEU A 277 9.12 -5.60 15.70
C LEU A 277 9.18 -6.47 14.44
N THR A 278 10.32 -7.09 14.21
CA THR A 278 10.48 -8.00 13.07
C THR A 278 10.76 -9.41 13.59
N THR A 279 9.92 -10.36 13.20
CA THR A 279 10.06 -11.74 13.66
C THR A 279 10.06 -12.72 12.49
N ALA A 280 10.40 -13.97 12.77
CA ALA A 280 10.34 -15.03 11.77
C ALA A 280 8.89 -15.47 11.58
N ASN A 281 8.69 -16.54 10.81
CA ASN A 281 7.35 -17.02 10.55
C ASN A 281 7.25 -18.55 10.54
N GLN A 282 6.07 -19.06 10.18
CA GLN A 282 5.82 -20.49 10.14
C GLN A 282 6.69 -21.19 9.10
N CYS A 288 7.27 -15.30 5.63
CA CYS A 288 8.59 -15.69 6.09
C CYS A 288 9.09 -14.72 7.16
N TYR A 289 8.90 -13.43 6.93
CA TYR A 289 9.26 -12.41 7.90
C TYR A 289 8.07 -11.48 8.18
N ASN A 290 7.69 -11.40 9.45
CA ASN A 290 6.58 -10.54 9.85
C ASN A 290 7.06 -9.27 10.54
N VAL A 291 6.41 -8.15 10.22
CA VAL A 291 6.74 -6.86 10.82
C VAL A 291 5.58 -6.32 11.65
N TYR A 292 5.82 -6.14 12.95
CA TYR A 292 4.79 -5.65 13.85
C TYR A 292 5.12 -4.27 14.39
N CYS A 293 4.08 -3.50 14.69
CA CYS A 293 4.25 -2.18 15.30
C CYS A 293 3.44 -2.06 16.58
N TRP A 294 4.05 -1.47 17.61
CA TRP A 294 3.36 -1.24 18.87
C TRP A 294 3.65 0.17 19.37
N GLY A 295 2.87 0.62 20.34
CA GLY A 295 3.07 1.94 20.92
C GLY A 295 2.12 2.99 20.38
N TRP A 296 2.42 4.25 20.65
CA TRP A 296 1.60 5.36 20.21
C TRP A 296 1.63 5.49 18.69
N GLY A 297 0.47 5.32 18.07
CA GLY A 297 0.38 5.39 16.62
C GLY A 297 -0.98 5.86 16.11
N GLU A 298 -1.36 7.08 16.48
CA GLU A 298 -2.62 7.65 16.03
C GLU A 298 -2.44 8.46 14.75
N HIS A 299 -1.36 8.20 14.03
CA HIS A 299 -1.12 8.84 12.75
C HIS A 299 -0.92 7.80 11.65
N GLY A 300 -1.07 6.54 12.01
CA GLY A 300 -0.98 5.46 11.05
C GLY A 300 0.34 4.72 11.06
N ASN A 301 1.29 5.22 11.84
CA ASN A 301 2.62 4.62 11.92
C ASN A 301 2.62 3.20 12.47
N CYS A 302 1.54 2.82 13.16
CA CYS A 302 1.43 1.49 13.72
C CYS A 302 0.47 0.61 12.91
N GLY A 303 -0.18 1.21 11.92
CA GLY A 303 -1.13 0.48 11.10
C GLY A 303 -2.48 1.16 11.02
N PRO A 304 -3.45 0.50 10.38
CA PRO A 304 -4.81 1.02 10.19
C PRO A 304 -5.53 1.38 11.48
N GLN A 305 -5.20 0.70 12.57
CA GLN A 305 -5.81 0.98 13.86
C GLN A 305 -5.03 2.05 14.63
N LYS A 306 -5.51 3.28 14.56
CA LYS A 306 -4.81 4.42 15.14
C LYS A 306 -5.30 4.74 16.55
N GLY A 307 -5.61 3.71 17.33
CA GLY A 307 -6.16 3.91 18.66
C GLY A 307 -5.15 3.78 19.78
N SER A 308 -3.91 3.44 19.43
CA SER A 308 -2.84 3.24 20.40
C SER A 308 -3.18 2.18 21.45
N GLN A 309 -3.90 1.15 21.01
CA GLN A 309 -4.22 0.01 21.88
C GLN A 309 -3.00 -0.88 22.02
N PRO A 310 -2.89 -1.60 23.15
CA PRO A 310 -1.72 -2.46 23.38
C PRO A 310 -1.68 -3.63 22.40
N GLY A 311 -0.53 -4.27 22.28
CA GLY A 311 -0.37 -5.39 21.38
C GLY A 311 0.45 -5.03 20.16
N LEU A 312 0.54 -5.96 19.21
CA LEU A 312 1.33 -5.77 18.00
C LEU A 312 0.47 -5.83 16.75
N GLN A 313 0.48 -4.76 15.97
CA GLN A 313 -0.25 -4.74 14.70
C GLN A 313 0.63 -5.22 13.56
N LEU A 314 0.17 -6.27 12.88
CA LEU A 314 0.87 -6.76 11.70
C LEU A 314 0.70 -5.77 10.56
N VAL A 315 1.80 -5.12 10.16
CA VAL A 315 1.75 -4.10 9.13
C VAL A 315 2.23 -4.63 7.78
N GLY A 316 2.85 -5.80 7.78
CA GLY A 316 3.33 -6.40 6.55
C GLY A 316 4.07 -7.71 6.73
N GLN A 317 4.11 -8.51 5.67
CA GLN A 317 4.87 -9.75 5.66
C GLN A 317 5.79 -9.77 4.44
N TYR A 318 7.03 -10.20 4.65
CA TYR A 318 8.04 -10.08 3.59
C TYR A 318 8.84 -11.37 3.38
N SER A 319 9.27 -11.57 2.14
CA SER A 319 10.08 -12.74 1.78
C SER A 319 11.45 -12.68 2.43
N GLY A 320 12.17 -11.60 2.15
CA GLY A 320 13.48 -11.39 2.75
C GLY A 320 13.40 -10.54 4.00
N LYS A 321 14.46 -10.57 4.81
CA LYS A 321 14.51 -9.79 6.04
C LYS A 321 14.62 -8.30 5.73
N PRO A 322 13.59 -7.53 6.09
CA PRO A 322 13.57 -6.09 5.81
C PRO A 322 14.34 -5.30 6.88
N ARG A 323 14.83 -4.13 6.50
CA ARG A 323 15.46 -3.24 7.46
C ARG A 323 14.50 -2.10 7.80
N VAL A 324 14.21 -1.95 9.09
CA VAL A 324 13.21 -0.98 9.52
C VAL A 324 13.81 0.23 10.21
N PHE A 325 13.20 1.39 9.97
CA PHE A 325 13.65 2.64 10.57
C PHE A 325 12.46 3.39 11.17
N GLY A 326 12.64 3.92 12.37
CA GLY A 326 11.58 4.64 13.06
C GLY A 326 11.84 6.14 13.11
N GLY A 327 10.77 6.92 12.94
CA GLY A 327 10.87 8.36 13.01
C GLY A 327 9.80 8.95 13.90
N CYS A 328 9.54 10.25 13.76
CA CYS A 328 8.49 10.91 14.52
C CYS A 328 7.11 10.54 13.97
N ALA A 329 6.50 9.53 14.59
CA ALA A 329 5.21 9.00 14.14
C ALA A 329 5.24 8.53 12.69
N THR A 330 6.42 8.10 12.25
CA THR A 330 6.58 7.56 10.90
C THR A 330 7.30 6.22 10.96
N THR A 331 7.00 5.35 10.00
CA THR A 331 7.61 4.02 9.96
C THR A 331 8.19 3.72 8.58
N TRP A 332 9.44 3.29 8.55
CA TRP A 332 10.13 3.01 7.29
C TRP A 332 10.54 1.54 7.19
N ILE A 333 10.16 0.90 6.08
CA ILE A 333 10.51 -0.49 5.84
C ILE A 333 11.27 -0.63 4.52
N VAL A 334 12.52 -1.06 4.60
CA VAL A 334 13.38 -1.12 3.43
C VAL A 334 13.70 -2.55 3.01
N LEU A 335 13.49 -2.85 1.72
CA LEU A 335 13.80 -4.16 1.16
C LEU A 335 14.93 -4.07 0.16
N GLY A 336 15.93 -4.94 0.30
CA GLY A 336 17.08 -4.94 -0.58
C GLY A 336 17.95 -3.72 -0.37
N SER A 337 18.41 -3.54 0.86
CA SER A 337 19.20 -2.37 1.23
C SER A 337 20.57 -2.37 0.57
N GLY A 338 21.07 -3.55 0.22
CA GLY A 338 22.40 -3.70 -0.30
C GLY A 338 23.37 -4.00 0.82
N SER A 339 22.86 -3.94 2.05
CA SER A 339 23.64 -4.22 3.24
C SER A 339 23.03 -5.40 3.99
N GLY A 340 23.89 -6.22 4.60
CA GLY A 340 23.43 -7.39 5.32
C GLY A 340 23.97 -8.67 4.70
N SER A 341 23.31 -9.79 5.00
CA SER A 341 23.72 -11.08 4.46
C SER A 341 22.57 -12.06 4.42
N GLY A 342 21.35 -11.54 4.36
CA GLY A 342 20.16 -12.36 4.33
C GLY A 342 19.60 -12.51 2.92
N SER A 343 18.42 -13.12 2.82
CA SER A 343 17.80 -13.36 1.52
C SER A 343 17.19 -12.08 0.95
N GLY A 344 17.39 -11.86 -0.34
CA GLY A 344 16.86 -10.70 -1.02
C GLY A 344 17.44 -9.39 -0.50
N SER A 345 18.68 -9.44 -0.04
CA SER A 345 19.34 -8.27 0.54
C SER A 345 20.16 -7.51 -0.50
N MET A 346 20.37 -8.14 -1.65
CA MET A 346 21.18 -7.56 -2.73
C MET A 346 22.59 -7.21 -2.26
N SER A 347 23.08 -7.96 -1.26
CA SER A 347 24.37 -7.67 -0.65
C SER A 347 25.52 -8.43 -1.34
N THR A 348 26.53 -8.77 -0.57
CA THR A 348 27.70 -9.48 -1.08
C THR A 348 27.30 -10.84 -1.66
N TYR A 349 27.93 -11.20 -2.77
CA TYR A 349 27.56 -12.41 -3.50
C TYR A 349 28.17 -13.68 -2.91
N ASP A 350 29.47 -13.66 -2.65
CA ASP A 350 30.15 -14.86 -2.16
C ASP A 350 31.51 -14.54 -1.55
N GLU A 351 31.96 -15.39 -0.63
CA GLU A 351 33.30 -15.26 -0.07
C GLU A 351 34.28 -16.20 -0.76
N ILE A 352 35.36 -15.64 -1.29
CA ILE A 352 36.34 -16.42 -2.04
C ILE A 352 37.73 -16.35 -1.42
N GLU A 353 38.33 -17.51 -1.21
CA GLU A 353 39.71 -17.56 -0.73
C GLU A 353 40.65 -17.02 -1.80
N ILE A 354 41.71 -16.35 -1.38
CA ILE A 354 42.65 -15.72 -2.31
C ILE A 354 43.35 -16.74 -3.20
N GLU A 355 43.45 -17.97 -2.74
CA GLU A 355 44.08 -19.04 -3.51
C GLU A 355 43.18 -19.47 -4.67
N ASP A 356 41.88 -19.21 -4.53
CA ASP A 356 40.92 -19.53 -5.58
C ASP A 356 40.87 -18.42 -6.62
N MET A 357 41.29 -17.22 -6.23
CA MET A 357 41.33 -16.08 -7.14
C MET A 357 42.38 -16.31 -8.23
N THR A 358 42.15 -15.71 -9.39
CA THR A 358 43.10 -15.80 -10.50
C THR A 358 44.00 -14.57 -10.53
N PHE A 359 45.26 -14.77 -10.18
CA PHE A 359 46.22 -13.67 -10.14
C PHE A 359 46.79 -13.36 -11.52
N GLU A 360 46.80 -12.08 -11.88
CA GLU A 360 47.35 -11.64 -13.15
C GLU A 360 48.54 -10.72 -12.93
N PRO A 361 49.76 -11.27 -13.07
CA PRO A 361 51.00 -10.53 -12.82
C PRO A 361 51.23 -9.44 -13.87
N GLU A 362 50.55 -9.52 -15.00
CA GLU A 362 50.71 -8.56 -16.08
C GLU A 362 50.22 -7.17 -15.66
N ASN A 363 49.19 -7.13 -14.81
CA ASN A 363 48.62 -5.87 -14.37
C ASN A 363 48.29 -5.83 -12.88
N GLN A 364 48.89 -6.74 -12.11
CA GLN A 364 48.78 -6.75 -10.65
C GLN A 364 47.32 -6.79 -10.18
N MET A 365 46.57 -7.79 -10.63
CA MET A 365 45.15 -7.84 -10.32
C MET A 365 44.64 -9.28 -10.14
N PHE A 366 43.72 -9.45 -9.19
CA PHE A 366 43.09 -10.74 -8.96
C PHE A 366 41.70 -10.77 -9.56
N THR A 367 41.40 -11.83 -10.32
CA THR A 367 40.10 -11.95 -10.96
C THR A 367 39.37 -13.23 -10.55
N TYR A 368 38.06 -13.22 -10.69
CA TYR A 368 37.23 -14.38 -10.36
C TYR A 368 35.92 -14.34 -11.15
N PRO A 369 35.56 -15.47 -11.77
CA PRO A 369 34.38 -15.60 -12.64
C PRO A 369 33.09 -15.07 -12.01
N CYS A 370 32.30 -14.34 -12.80
CA CYS A 370 31.04 -13.78 -12.35
C CYS A 370 29.88 -14.44 -13.08
N PRO A 371 28.77 -14.69 -12.37
CA PRO A 371 27.56 -15.33 -12.94
C PRO A 371 27.03 -14.67 -14.21
N CYS A 372 27.46 -13.45 -14.51
CA CYS A 372 27.02 -12.77 -15.72
C CYS A 372 27.87 -13.20 -16.92
N GLY A 373 29.11 -13.61 -16.64
CA GLY A 373 30.04 -14.00 -17.68
C GLY A 373 31.32 -13.21 -17.61
N ASP A 374 31.30 -12.12 -16.85
CA ASP A 374 32.47 -11.29 -16.64
C ASP A 374 33.28 -11.82 -15.47
N ARG A 375 34.15 -10.98 -14.91
CA ARG A 375 34.97 -11.37 -13.78
C ARG A 375 35.02 -10.29 -12.71
N PHE A 376 34.88 -10.68 -11.46
CA PHE A 376 35.12 -9.77 -10.34
C PHE A 376 36.60 -9.42 -10.36
N GLN A 377 36.92 -8.15 -10.14
CA GLN A 377 38.32 -7.72 -10.18
C GLN A 377 38.72 -6.95 -8.92
N ILE A 378 39.98 -7.09 -8.53
CA ILE A 378 40.51 -6.40 -7.36
C ILE A 378 42.02 -6.22 -7.48
N TYR A 379 42.49 -5.01 -7.23
CA TYR A 379 43.91 -4.68 -7.39
C TYR A 379 44.76 -5.12 -6.20
N LEU A 380 46.01 -5.45 -6.48
CA LEU A 380 46.94 -5.93 -5.47
C LEU A 380 47.28 -4.86 -4.43
N ASP A 381 47.59 -3.66 -4.90
CA ASP A 381 47.97 -2.56 -4.03
C ASP A 381 46.82 -2.13 -3.12
N ASP A 382 45.58 -2.23 -3.61
CA ASP A 382 44.42 -1.88 -2.82
C ASP A 382 44.24 -2.85 -1.66
N MET A 383 44.57 -4.12 -1.90
CA MET A 383 44.49 -5.14 -0.86
C MET A 383 45.60 -4.96 0.16
N PHE A 384 46.67 -4.29 -0.25
CA PHE A 384 47.77 -3.97 0.66
C PHE A 384 47.32 -2.88 1.62
N GLU A 385 46.27 -2.17 1.24
CA GLU A 385 45.72 -1.10 2.05
C GLU A 385 44.55 -1.59 2.91
N GLY A 386 44.14 -2.83 2.69
CA GLY A 386 43.09 -3.43 3.50
C GLY A 386 41.78 -3.67 2.77
N GLU A 387 41.77 -3.40 1.47
CA GLU A 387 40.56 -3.63 0.67
C GLU A 387 40.37 -5.11 0.41
N LYS A 388 39.17 -5.61 0.73
CA LYS A 388 38.88 -7.04 0.60
C LYS A 388 37.65 -7.29 -0.27
N VAL A 389 37.37 -6.37 -1.19
CA VAL A 389 36.19 -6.49 -2.04
C VAL A 389 36.52 -6.41 -3.52
N ALA A 390 36.15 -7.44 -4.27
CA ALA A 390 36.30 -7.45 -5.72
C ALA A 390 34.97 -7.08 -6.38
N VAL A 391 35.04 -6.20 -7.38
CA VAL A 391 33.82 -5.70 -8.02
C VAL A 391 33.79 -6.08 -9.50
N CYS A 392 32.60 -6.47 -9.97
CA CYS A 392 32.41 -6.86 -11.36
C CYS A 392 32.30 -5.63 -12.27
N PRO A 393 32.80 -5.63 -13.46
CA PRO A 393 32.74 -4.38 -14.19
C PRO A 393 31.44 -4.18 -14.94
N SER A 394 30.51 -5.10 -14.80
CA SER A 394 29.26 -4.95 -15.51
C SER A 394 28.05 -5.29 -14.69
N CYS A 395 28.06 -5.04 -13.39
CA CYS A 395 26.90 -5.32 -12.57
C CYS A 395 27.12 -5.12 -11.09
N SER A 396 26.03 -5.19 -10.35
CA SER A 396 26.04 -4.90 -8.95
C SER A 396 26.89 -5.85 -8.15
N LEU A 397 26.94 -7.10 -8.56
CA LEU A 397 27.53 -8.12 -7.73
C LEU A 397 28.91 -7.75 -7.26
N MET A 398 29.31 -8.35 -6.16
CA MET A 398 30.66 -8.17 -5.66
C MET A 398 30.95 -9.31 -4.71
N ILE A 399 32.22 -9.61 -4.50
CA ILE A 399 32.62 -10.71 -3.64
C ILE A 399 33.66 -10.27 -2.59
N ASP A 400 33.65 -10.95 -1.45
CA ASP A 400 34.65 -10.71 -0.42
C ASP A 400 35.84 -11.65 -0.62
N VAL A 401 37.03 -11.08 -0.74
CA VAL A 401 38.24 -11.88 -0.89
C VAL A 401 38.90 -12.10 0.46
N VAL A 402 38.98 -13.36 0.87
CA VAL A 402 39.56 -13.72 2.16
C VAL A 402 41.07 -13.92 2.06
N PHE A 403 41.82 -13.10 2.78
CA PHE A 403 43.28 -13.18 2.75
C PHE A 403 43.89 -12.45 3.94
N ASP A 404 45.18 -12.68 4.16
CA ASP A 404 45.93 -11.94 5.17
C ASP A 404 46.99 -11.09 4.49
N LYS A 405 47.60 -10.19 5.25
CA LYS A 405 48.60 -9.28 4.70
C LYS A 405 49.87 -10.03 4.27
N GLU A 406 50.17 -11.12 4.96
CA GLU A 406 51.34 -11.92 4.65
C GLU A 406 51.09 -12.87 3.47
N ASP A 407 49.84 -12.96 3.06
CA ASP A 407 49.47 -13.79 1.92
C ASP A 407 49.72 -13.07 0.60
N LEU A 408 49.96 -11.76 0.68
CA LEU A 408 50.19 -10.95 -0.50
C LEU A 408 51.66 -10.97 -0.90
N ALA A 409 52.52 -11.36 0.02
CA ALA A 409 53.96 -11.40 -0.22
C ALA A 409 54.34 -12.39 -1.31
N GLU A 410 53.52 -13.41 -1.49
CA GLU A 410 53.76 -14.43 -2.50
C GLU A 410 53.54 -13.87 -3.91
N TYR A 411 52.46 -13.13 -4.09
CA TYR A 411 52.07 -12.62 -5.40
C TYR A 411 52.91 -11.43 -5.85
N TYR A 412 53.41 -10.66 -4.89
CA TYR A 412 54.32 -9.55 -5.18
C TYR A 412 55.61 -10.09 -5.79
N GLU A 413 56.04 -11.24 -5.30
CA GLU A 413 57.25 -11.88 -5.79
C GLU A 413 57.03 -12.48 -7.17
N GLU A 414 55.85 -13.06 -7.38
CA GLU A 414 55.51 -13.66 -8.67
C GLU A 414 55.38 -12.60 -9.75
N ALA A 415 54.89 -11.42 -9.37
CA ALA A 415 54.71 -10.33 -10.31
C ALA A 415 56.01 -9.55 -10.53
N GLY A 416 56.89 -9.58 -9.53
CA GLY A 416 58.16 -8.89 -9.61
C GLY A 416 58.07 -7.44 -9.16
N ILE A 417 57.25 -7.20 -8.15
CA ILE A 417 57.05 -5.85 -7.62
C ILE A 417 57.34 -5.79 -6.12
N HIS A 418 58.17 -4.83 -5.72
CA HIS A 418 58.47 -4.61 -4.31
C HIS A 418 57.23 -4.10 -3.58
N PRO A 419 56.80 -4.83 -2.54
CA PRO A 419 55.62 -4.46 -1.76
C PRO A 419 55.84 -3.18 -0.95
N ALA B 2 9.21 -31.39 -39.02
CA ALA B 2 9.85 -31.24 -37.72
C ALA B 2 10.88 -30.12 -37.73
N MET B 3 10.81 -29.25 -36.72
CA MET B 3 11.72 -28.11 -36.64
C MET B 3 11.75 -27.55 -35.23
N SER B 4 12.94 -27.18 -34.75
CA SER B 4 13.09 -26.56 -33.45
C SER B 4 13.27 -25.05 -33.56
N CYS B 5 12.51 -24.30 -32.77
CA CYS B 5 12.63 -22.84 -32.74
C CYS B 5 13.30 -22.40 -31.45
N VAL B 6 14.54 -21.92 -31.55
CA VAL B 6 15.32 -21.55 -30.38
C VAL B 6 15.17 -20.08 -30.02
N TYR B 7 14.79 -19.83 -28.77
CA TYR B 7 14.64 -18.47 -28.26
C TYR B 7 15.60 -18.20 -27.11
N ALA B 8 16.27 -17.05 -27.16
CA ALA B 8 17.30 -16.74 -26.17
C ALA B 8 17.25 -15.29 -25.71
N PHE B 9 17.62 -15.06 -24.46
CA PHE B 9 17.71 -13.71 -23.90
C PHE B 9 18.56 -13.70 -22.62
N GLY B 10 19.06 -12.52 -22.27
CA GLY B 10 19.90 -12.37 -21.09
C GLY B 10 21.23 -11.71 -21.43
N SER B 11 22.29 -12.13 -20.75
CA SER B 11 23.62 -11.57 -20.98
C SER B 11 24.12 -11.88 -22.38
N ASN B 12 24.46 -10.83 -23.12
CA ASN B 12 24.87 -10.98 -24.52
C ASN B 12 26.16 -10.24 -24.81
N GLY B 13 26.99 -10.04 -23.79
CA GLY B 13 28.21 -9.26 -23.90
C GLY B 13 29.21 -9.78 -24.92
N GLN B 14 29.16 -11.09 -25.18
CA GLN B 14 30.09 -11.72 -26.13
C GLN B 14 29.34 -12.36 -27.29
N ARG B 15 28.11 -11.91 -27.52
CA ARG B 15 27.26 -12.44 -28.58
C ARG B 15 27.03 -13.95 -28.43
N GLN B 16 26.81 -14.40 -27.20
CA GLN B 16 26.58 -15.81 -26.93
C GLN B 16 25.09 -16.17 -27.01
N LEU B 17 24.31 -15.26 -27.57
CA LEU B 17 22.87 -15.51 -27.76
C LEU B 17 22.56 -15.87 -29.20
N GLY B 18 23.59 -15.85 -30.04
CA GLY B 18 23.45 -16.20 -31.44
C GLY B 18 22.57 -15.24 -32.20
N LEU B 19 22.48 -14.01 -31.70
CA LEU B 19 21.63 -13.00 -32.31
C LEU B 19 22.41 -12.11 -33.27
N GLY B 20 23.73 -12.23 -33.23
CA GLY B 20 24.59 -11.45 -34.11
C GLY B 20 25.05 -10.15 -33.49
N HIS B 21 24.29 -9.65 -32.53
CA HIS B 21 24.62 -8.41 -31.84
C HIS B 21 25.03 -8.69 -30.40
N ASP B 22 25.53 -7.68 -29.71
CA ASP B 22 25.98 -7.85 -28.33
C ASP B 22 25.16 -7.03 -27.32
N GLU B 23 23.84 -7.00 -27.50
CA GLU B 23 22.97 -6.24 -26.62
C GLU B 23 22.19 -7.19 -25.71
N ASP B 24 22.18 -6.88 -24.42
CA ASP B 24 21.44 -7.68 -23.45
C ASP B 24 19.94 -7.58 -23.69
N MET B 25 19.27 -8.74 -23.76
CA MET B 25 17.86 -8.80 -24.08
C MET B 25 17.02 -9.19 -22.86
N ASP B 26 15.88 -8.53 -22.69
CA ASP B 26 14.98 -8.83 -21.59
C ASP B 26 13.77 -9.64 -22.06
N THR B 27 13.66 -9.84 -23.36
CA THR B 27 12.59 -10.63 -23.95
C THR B 27 13.19 -11.67 -24.90
N PRO B 28 12.52 -12.83 -25.03
CA PRO B 28 12.98 -13.91 -25.92
C PRO B 28 13.21 -13.45 -27.36
N GLN B 29 14.37 -13.81 -27.92
CA GLN B 29 14.72 -13.44 -29.28
C GLN B 29 15.04 -14.71 -30.08
N ARG B 30 14.70 -14.70 -31.37
CA ARG B 30 14.98 -15.84 -32.23
C ARG B 30 16.47 -16.01 -32.50
N SER B 31 16.99 -17.19 -32.18
CA SER B 31 18.38 -17.52 -32.47
C SER B 31 18.45 -18.55 -33.59
N VAL B 32 18.76 -18.09 -34.79
CA VAL B 32 18.76 -18.95 -35.97
C VAL B 32 20.16 -19.41 -36.36
N PRO B 33 20.43 -20.71 -36.24
CA PRO B 33 21.71 -21.30 -36.63
C PRO B 33 21.75 -21.58 -38.13
N GLY B 34 22.72 -22.38 -38.56
CA GLY B 34 22.83 -22.75 -39.96
C GLY B 34 21.67 -23.64 -40.37
N ASP B 35 21.45 -24.70 -39.61
CA ASP B 35 20.32 -25.60 -39.85
C ASP B 35 19.19 -25.32 -38.87
N ASP B 36 18.33 -24.37 -39.23
CA ASP B 36 17.16 -24.06 -38.41
C ASP B 36 16.00 -24.97 -38.80
N GLY B 37 16.31 -26.23 -39.03
CA GLY B 37 15.30 -27.22 -39.38
C GLY B 37 15.61 -28.53 -38.68
N ALA B 38 16.76 -28.58 -38.02
CA ALA B 38 17.17 -29.77 -37.27
C ALA B 38 16.63 -29.71 -35.85
N ILE B 39 16.40 -30.89 -35.27
CA ILE B 39 15.85 -30.97 -33.92
C ILE B 39 16.93 -30.77 -32.87
N VAL B 40 16.73 -29.78 -32.01
CA VAL B 40 17.68 -29.48 -30.94
C VAL B 40 17.59 -30.50 -29.82
N ARG B 41 18.73 -31.14 -29.52
CA ARG B 41 18.79 -32.11 -28.43
C ARG B 41 19.12 -31.43 -27.11
N LYS B 42 20.14 -30.58 -27.12
CA LYS B 42 20.65 -29.98 -25.89
C LYS B 42 21.37 -28.67 -26.15
N ILE B 43 21.28 -27.75 -25.19
CA ILE B 43 22.01 -26.49 -25.27
C ILE B 43 22.86 -26.29 -24.01
N ALA B 44 24.17 -26.33 -24.18
CA ALA B 44 25.10 -26.13 -23.07
C ALA B 44 25.71 -24.74 -23.15
N CYS B 45 25.83 -24.08 -22.01
CA CYS B 45 26.33 -22.72 -21.96
C CYS B 45 27.55 -22.60 -21.05
N GLY B 46 28.53 -21.82 -21.48
CA GLY B 46 29.70 -21.55 -20.67
C GLY B 46 29.55 -20.21 -19.96
N GLY B 47 30.68 -19.56 -19.70
CA GLY B 47 30.66 -18.23 -19.11
C GLY B 47 30.27 -17.19 -20.13
N ASN B 48 30.84 -17.31 -21.33
CA ASN B 48 30.58 -16.36 -22.40
C ASN B 48 30.39 -17.03 -23.75
N HIS B 49 30.33 -18.35 -23.76
CA HIS B 49 30.12 -19.10 -25.01
C HIS B 49 28.93 -20.04 -24.87
N SER B 50 28.16 -20.16 -25.96
CA SER B 50 27.00 -21.04 -25.97
C SER B 50 27.18 -22.16 -26.98
N VAL B 51 26.70 -23.35 -26.63
CA VAL B 51 26.86 -24.52 -27.48
C VAL B 51 25.52 -25.24 -27.69
N MET B 52 25.14 -25.41 -28.96
CA MET B 52 23.86 -26.04 -29.29
C MET B 52 24.07 -27.37 -30.02
N LEU B 53 23.53 -28.43 -29.45
CA LEU B 53 23.64 -29.77 -30.04
C LEU B 53 22.33 -30.23 -30.66
N THR B 54 22.40 -30.76 -31.87
CA THR B 54 21.22 -31.26 -32.56
C THR B 54 21.24 -32.79 -32.65
N ASN B 55 20.12 -33.37 -33.06
CA ASN B 55 19.98 -34.83 -33.15
C ASN B 55 20.88 -35.46 -34.19
N ASP B 56 21.29 -34.68 -35.19
CA ASP B 56 22.14 -35.19 -36.27
C ASP B 56 23.62 -35.25 -35.88
N GLY B 57 23.91 -34.98 -34.61
CA GLY B 57 25.25 -35.07 -34.08
C GLY B 57 26.11 -33.85 -34.36
N ASN B 58 25.48 -32.81 -34.91
CA ASN B 58 26.20 -31.58 -35.24
C ASN B 58 26.29 -30.61 -34.07
N LEU B 59 27.42 -29.93 -33.95
CA LEU B 59 27.60 -28.91 -32.92
C LEU B 59 27.79 -27.54 -33.52
N VAL B 60 27.02 -26.57 -33.04
CA VAL B 60 27.19 -25.18 -33.43
C VAL B 60 27.43 -24.32 -32.19
N GLY B 61 28.22 -23.27 -32.33
CA GLY B 61 28.55 -22.42 -31.20
C GLY B 61 28.67 -20.95 -31.53
N CYS B 62 28.58 -20.12 -30.49
CA CYS B 62 28.74 -18.68 -30.62
C CYS B 62 29.17 -18.12 -29.29
N GLY B 63 29.89 -16.99 -29.31
CA GLY B 63 30.35 -16.37 -28.09
C GLY B 63 31.86 -16.23 -28.05
N ASP B 64 32.39 -16.10 -26.84
CA ASP B 64 33.83 -15.89 -26.63
C ASP B 64 34.64 -17.11 -27.07
N ASN B 65 35.86 -16.85 -27.55
CA ASN B 65 36.76 -17.91 -27.97
C ASN B 65 38.20 -17.59 -27.60
N ARG B 66 38.38 -16.60 -26.73
CA ARG B 66 39.71 -16.18 -26.30
C ARG B 66 40.37 -17.22 -25.40
N ARG B 67 39.60 -18.23 -25.01
CA ARG B 67 40.13 -19.33 -24.21
C ARG B 67 40.04 -20.65 -24.97
N GLY B 68 39.61 -20.57 -26.23
CA GLY B 68 39.55 -21.73 -27.10
C GLY B 68 38.31 -22.59 -26.89
N GLU B 69 37.22 -21.96 -26.46
CA GLU B 69 35.98 -22.67 -26.16
C GLU B 69 35.33 -23.26 -27.42
N LEU B 70 35.51 -22.60 -28.55
CA LEU B 70 34.76 -22.96 -29.75
C LEU B 70 35.64 -23.39 -30.92
N ASP B 71 36.50 -22.50 -31.40
CA ASP B 71 37.29 -22.78 -32.59
C ASP B 71 38.79 -22.90 -32.29
N SER B 72 39.48 -23.69 -33.09
CA SER B 72 40.91 -23.93 -32.91
C SER B 72 41.75 -22.74 -33.37
N ALA B 73 41.13 -21.86 -34.15
CA ALA B 73 41.81 -20.65 -34.62
C ALA B 73 42.00 -19.66 -33.47
N GLN B 74 43.25 -19.45 -33.07
CA GLN B 74 43.55 -18.57 -31.95
C GLN B 74 43.25 -17.11 -32.25
N ALA B 75 43.34 -16.73 -33.52
CA ALA B 75 43.09 -15.35 -33.92
C ALA B 75 41.60 -15.03 -33.98
N LEU B 76 40.77 -16.02 -33.73
CA LEU B 76 39.33 -15.83 -33.63
C LEU B 76 38.96 -15.55 -32.17
N ARG B 77 38.98 -14.28 -31.80
CA ARG B 77 38.72 -13.87 -30.42
C ARG B 77 37.27 -14.13 -30.01
N GLN B 78 36.35 -13.96 -30.95
CA GLN B 78 34.93 -14.12 -30.65
C GLN B 78 34.16 -14.58 -31.88
N VAL B 79 33.43 -15.68 -31.73
CA VAL B 79 32.60 -16.19 -32.81
C VAL B 79 31.33 -15.36 -32.95
N HIS B 80 31.23 -14.64 -34.07
CA HIS B 80 30.12 -13.71 -34.31
C HIS B 80 28.75 -14.36 -34.24
N ASP B 81 28.42 -15.15 -35.25
CA ASP B 81 27.14 -15.85 -35.30
C ASP B 81 27.33 -17.34 -35.08
N TRP B 82 26.25 -18.11 -35.21
CA TRP B 82 26.32 -19.56 -35.03
C TRP B 82 27.29 -20.20 -36.03
N ARG B 83 28.34 -20.81 -35.49
CA ARG B 83 29.36 -21.46 -36.32
C ARG B 83 29.50 -22.94 -35.94
N PRO B 84 29.60 -23.82 -36.96
CA PRO B 84 29.79 -25.25 -36.74
C PRO B 84 31.04 -25.55 -35.91
N VAL B 85 30.85 -26.16 -34.76
CA VAL B 85 31.98 -26.54 -33.90
C VAL B 85 32.59 -27.84 -34.42
N GLU B 86 33.83 -27.75 -34.88
CA GLU B 86 34.52 -28.91 -35.46
C GLU B 86 34.74 -30.01 -34.44
N VAL B 87 34.25 -31.21 -34.76
CA VAL B 87 34.34 -32.35 -33.86
C VAL B 87 34.92 -33.56 -34.56
N PRO B 88 35.63 -34.43 -33.81
CA PRO B 88 36.25 -35.62 -34.40
C PRO B 88 35.22 -36.67 -34.79
N ALA B 89 34.03 -36.60 -34.18
CA ALA B 89 32.98 -37.58 -34.41
C ALA B 89 31.63 -36.98 -34.04
N PRO B 90 30.53 -37.57 -34.55
CA PRO B 90 29.19 -37.08 -34.22
C PRO B 90 28.95 -36.99 -32.70
N VAL B 91 28.45 -35.85 -32.25
CA VAL B 91 28.26 -35.61 -30.83
C VAL B 91 26.90 -36.14 -30.32
N VAL B 92 26.94 -36.91 -29.25
CA VAL B 92 25.72 -37.44 -28.64
C VAL B 92 25.31 -36.62 -27.43
N ASP B 93 26.28 -36.30 -26.58
CA ASP B 93 26.02 -35.46 -25.42
C ASP B 93 27.11 -34.39 -25.28
N VAL B 94 26.75 -33.25 -24.69
CA VAL B 94 27.69 -32.13 -24.56
C VAL B 94 27.52 -31.41 -23.23
N ALA B 95 28.60 -30.82 -22.74
CA ALA B 95 28.58 -30.04 -21.51
C ALA B 95 29.61 -28.92 -21.57
N CYS B 96 29.36 -27.85 -20.83
CA CYS B 96 30.26 -26.70 -20.83
C CYS B 96 30.72 -26.30 -19.44
N GLY B 97 31.96 -25.82 -19.34
CA GLY B 97 32.48 -25.27 -18.11
C GLY B 97 32.51 -23.76 -18.23
N TRP B 98 33.29 -23.10 -17.37
CA TRP B 98 33.41 -21.65 -17.43
C TRP B 98 33.98 -21.19 -18.77
N ASP B 99 35.08 -21.82 -19.18
CA ASP B 99 35.70 -21.53 -20.47
C ASP B 99 36.08 -22.81 -21.20
N THR B 100 35.31 -23.87 -20.97
CA THR B 100 35.61 -25.17 -21.55
C THR B 100 34.37 -25.84 -22.14
N THR B 101 34.59 -26.73 -23.10
CA THR B 101 33.51 -27.47 -23.73
C THR B 101 33.87 -28.95 -23.83
N VAL B 102 33.01 -29.80 -23.27
CA VAL B 102 33.24 -31.25 -23.29
C VAL B 102 32.14 -31.98 -24.04
N ILE B 103 32.54 -32.88 -24.94
CA ILE B 103 31.58 -33.65 -25.72
C ILE B 103 31.73 -35.15 -25.53
N VAL B 104 30.66 -35.88 -25.83
CA VAL B 104 30.70 -37.33 -25.89
C VAL B 104 30.26 -37.76 -27.27
N ASP B 105 31.12 -38.47 -28.00
CA ASP B 105 30.82 -38.85 -29.37
C ASP B 105 30.10 -40.20 -29.46
N ALA B 106 29.66 -40.54 -30.67
CA ALA B 106 28.93 -41.78 -30.89
C ALA B 106 29.82 -43.00 -30.74
N ASP B 107 31.13 -42.78 -30.77
CA ASP B 107 32.09 -43.87 -30.59
C ASP B 107 32.23 -44.24 -29.12
N GLY B 108 31.85 -43.31 -28.24
CA GLY B 108 31.90 -43.55 -26.81
C GLY B 108 33.08 -42.89 -26.14
N ARG B 109 33.74 -41.99 -26.86
CA ARG B 109 34.91 -41.29 -26.34
C ARG B 109 34.52 -39.93 -25.79
N VAL B 110 35.36 -39.37 -24.91
CA VAL B 110 35.10 -38.07 -24.33
C VAL B 110 36.18 -37.07 -24.73
N TRP B 111 35.76 -35.93 -25.28
CA TRP B 111 36.70 -34.91 -25.74
C TRP B 111 36.48 -33.60 -25.00
N GLN B 112 37.56 -32.85 -24.78
CA GLN B 112 37.49 -31.57 -24.10
C GLN B 112 38.31 -30.50 -24.81
N ARG B 113 37.75 -29.30 -24.92
CA ARG B 113 38.47 -28.16 -25.48
C ARG B 113 38.25 -26.92 -24.63
N GLY B 114 39.07 -25.89 -24.84
CA GLY B 114 38.94 -24.65 -24.10
C GLY B 114 39.85 -24.62 -22.89
N GLY B 115 39.74 -23.55 -22.11
CA GLY B 115 40.54 -23.37 -20.91
C GLY B 115 42.02 -23.28 -21.21
N GLY B 116 42.35 -22.73 -22.37
CA GLY B 116 43.72 -22.61 -22.81
C GLY B 116 44.00 -23.45 -24.03
N CYS B 117 43.55 -24.70 -24.00
CA CYS B 117 43.73 -25.61 -25.13
C CYS B 117 42.78 -25.28 -26.27
N TYR B 118 43.34 -25.02 -27.45
CA TYR B 118 42.54 -24.74 -28.63
C TYR B 118 42.28 -26.01 -29.43
N GLU B 119 42.78 -27.13 -28.92
CA GLU B 119 42.63 -28.40 -29.61
C GLU B 119 41.77 -29.37 -28.80
N PHE B 120 40.88 -30.08 -29.48
CA PHE B 120 40.02 -31.07 -28.83
C PHE B 120 40.86 -32.25 -28.33
N THR B 121 41.06 -32.30 -27.02
CA THR B 121 41.86 -33.36 -26.41
C THR B 121 40.97 -34.42 -25.77
N GLN B 122 41.21 -35.68 -26.12
CA GLN B 122 40.41 -36.79 -25.60
C GLN B 122 40.63 -37.01 -24.11
N GLN B 123 39.52 -36.97 -23.36
CA GLN B 123 39.56 -37.28 -21.93
C GLN B 123 39.44 -38.77 -21.73
N HIS B 124 40.50 -39.39 -21.21
CA HIS B 124 40.51 -40.84 -21.00
C HIS B 124 39.90 -41.25 -19.67
N VAL B 125 38.57 -41.32 -19.64
CA VAL B 125 37.85 -41.80 -18.47
C VAL B 125 37.65 -43.31 -18.55
N PRO B 126 38.06 -44.04 -17.50
CA PRO B 126 37.95 -45.49 -17.47
C PRO B 126 36.51 -45.98 -17.57
N LEU B 127 36.05 -46.22 -18.80
CA LEU B 127 34.69 -46.67 -19.04
C LEU B 127 34.65 -48.15 -19.40
N ASN B 128 33.45 -48.68 -19.57
CA ASN B 128 33.27 -50.08 -19.96
C ASN B 128 32.74 -50.20 -21.38
N SER B 129 33.07 -51.30 -22.04
CA SER B 129 32.63 -51.53 -23.41
C SER B 129 31.21 -52.12 -23.44
N ASN B 130 30.24 -51.35 -22.96
CA ASN B 130 28.86 -51.79 -22.91
C ASN B 130 27.98 -50.98 -23.86
N ASP B 131 26.68 -51.05 -23.61
CA ASP B 131 25.71 -50.24 -24.37
C ASP B 131 25.14 -49.16 -23.48
N GLU B 132 25.57 -49.15 -22.22
CA GLU B 132 25.14 -48.13 -21.25
C GLU B 132 25.53 -46.74 -21.74
N ARG B 133 24.56 -45.83 -21.72
CA ARG B 133 24.79 -44.47 -22.22
C ARG B 133 25.85 -43.74 -21.40
N ILE B 134 26.65 -42.93 -22.10
CA ILE B 134 27.70 -42.16 -21.44
C ILE B 134 27.32 -40.69 -21.40
N ALA B 135 26.85 -40.25 -20.24
CA ALA B 135 26.41 -38.87 -20.07
C ALA B 135 27.54 -37.99 -19.52
N VAL B 136 27.48 -36.70 -19.84
CA VAL B 136 28.46 -35.74 -19.34
C VAL B 136 27.77 -34.52 -18.72
N TYR B 137 28.25 -34.12 -17.55
CA TYR B 137 27.70 -32.97 -16.86
C TYR B 137 28.84 -32.05 -16.40
N GLY B 138 28.64 -30.75 -16.55
CA GLY B 138 29.69 -29.80 -16.20
C GLY B 138 29.20 -28.46 -15.72
N CYS B 139 30.02 -27.81 -14.90
CA CYS B 139 29.73 -26.47 -14.39
C CYS B 139 30.98 -25.86 -13.79
N PHE B 140 31.21 -24.58 -14.09
CA PHE B 140 32.35 -23.84 -13.56
C PHE B 140 33.69 -24.48 -13.92
N GLN B 141 34.34 -25.12 -12.95
CA GLN B 141 35.64 -25.73 -13.18
C GLN B 141 35.63 -27.23 -12.91
N ASN B 142 34.47 -27.86 -13.11
CA ASN B 142 34.34 -29.30 -12.88
C ASN B 142 33.46 -30.01 -13.90
N PHE B 143 33.92 -31.16 -14.36
CA PHE B 143 33.13 -31.99 -15.28
C PHE B 143 32.91 -33.37 -14.69
N VAL B 144 31.84 -34.03 -15.13
CA VAL B 144 31.50 -35.36 -14.63
C VAL B 144 30.96 -36.25 -15.74
N VAL B 145 31.50 -37.46 -15.84
CA VAL B 145 31.03 -38.45 -16.80
C VAL B 145 30.35 -39.61 -16.09
N VAL B 146 29.09 -39.87 -16.44
CA VAL B 146 28.30 -40.90 -15.77
C VAL B 146 27.99 -42.07 -16.70
N GLN B 147 28.37 -43.27 -16.27
CA GLN B 147 28.04 -44.48 -17.00
C GLN B 147 27.54 -45.56 -16.03
N GLY B 148 26.26 -45.90 -16.15
CA GLY B 148 25.66 -46.91 -15.29
C GLY B 148 25.56 -46.45 -13.85
N THR B 149 26.36 -47.06 -12.99
CA THR B 149 26.33 -46.75 -11.55
C THR B 149 27.54 -45.92 -11.14
N ARG B 150 28.57 -45.91 -11.98
CA ARG B 150 29.81 -45.21 -11.66
C ARG B 150 29.81 -43.76 -12.16
N VAL B 151 30.35 -42.88 -11.32
CA VAL B 151 30.44 -41.46 -11.66
C VAL B 151 31.90 -40.99 -11.61
N TYR B 152 32.43 -40.61 -12.77
CA TYR B 152 33.80 -40.10 -12.85
C TYR B 152 33.82 -38.60 -13.03
N GLY B 153 34.88 -37.95 -12.58
CA GLY B 153 34.99 -36.51 -12.68
C GLY B 153 36.41 -35.99 -12.65
N TRP B 154 36.61 -34.80 -13.19
CA TRP B 154 37.92 -34.16 -13.19
C TRP B 154 37.79 -32.64 -13.11
N GLY B 155 38.91 -31.96 -12.90
CA GLY B 155 38.91 -30.52 -12.80
C GLY B 155 39.30 -30.02 -11.43
N SER B 156 38.63 -28.98 -10.96
CA SER B 156 38.92 -28.37 -9.66
C SER B 156 38.61 -29.34 -8.51
N ASN B 157 39.23 -29.08 -7.37
CA ASN B 157 39.05 -29.92 -6.19
C ASN B 157 39.38 -29.14 -4.92
N THR B 158 39.21 -27.82 -4.99
CA THR B 158 39.54 -26.94 -3.87
C THR B 158 38.59 -27.14 -2.69
N LYS B 159 37.42 -27.68 -2.95
CA LYS B 159 36.42 -27.90 -1.91
C LYS B 159 36.10 -29.38 -1.72
N CYS B 160 37.00 -30.23 -2.21
CA CYS B 160 36.85 -31.69 -2.12
C CYS B 160 35.56 -32.18 -2.77
N GLN B 161 35.29 -31.71 -3.98
CA GLN B 161 34.08 -32.10 -4.70
C GLN B 161 34.31 -33.35 -5.54
N LEU B 162 35.54 -33.85 -5.52
CA LEU B 162 35.89 -35.06 -6.26
C LEU B 162 36.47 -36.12 -5.32
N GLN B 163 37.45 -35.72 -4.52
CA GLN B 163 38.09 -36.64 -3.58
C GLN B 163 38.76 -35.87 -2.44
N GLU B 164 39.49 -36.60 -1.60
CA GLU B 164 40.19 -36.00 -0.48
C GLU B 164 41.68 -36.34 -0.52
N PRO B 165 42.54 -35.39 -0.14
CA PRO B 165 42.18 -34.06 0.37
C PRO B 165 42.07 -33.02 -0.74
N LYS B 166 42.32 -31.76 -0.40
CA LYS B 166 42.19 -30.67 -1.34
C LYS B 166 43.30 -30.66 -2.39
N SER B 167 42.91 -30.43 -3.64
CA SER B 167 43.85 -30.31 -4.74
C SER B 167 43.44 -29.13 -5.62
N ARG B 168 44.41 -28.44 -6.19
CA ARG B 168 44.10 -27.28 -7.02
C ARG B 168 43.42 -27.69 -8.31
N SER B 169 43.73 -28.90 -8.78
CA SER B 169 43.16 -29.41 -10.03
C SER B 169 43.47 -30.89 -10.21
N LEU B 170 42.55 -31.61 -10.85
CA LEU B 170 42.76 -33.01 -11.19
C LEU B 170 42.57 -33.21 -12.69
N LYS B 171 43.68 -33.29 -13.41
CA LYS B 171 43.65 -33.38 -14.86
C LYS B 171 43.12 -34.74 -15.35
N GLU B 172 43.42 -35.79 -14.59
CA GLU B 172 43.00 -37.13 -14.96
C GLU B 172 41.73 -37.52 -14.20
N PRO B 173 40.73 -38.05 -14.93
CA PRO B 173 39.43 -38.45 -14.36
C PRO B 173 39.57 -39.49 -13.25
N VAL B 174 38.91 -39.25 -12.13
CA VAL B 174 38.93 -40.19 -11.01
C VAL B 174 37.51 -40.64 -10.66
N LEU B 175 37.40 -41.79 -10.00
CA LEU B 175 36.11 -42.30 -9.59
C LEU B 175 35.54 -41.49 -8.43
N VAL B 176 34.55 -40.66 -8.72
CA VAL B 176 33.93 -39.82 -7.71
C VAL B 176 33.02 -40.63 -6.80
N TYR B 177 32.20 -41.51 -7.40
CA TYR B 177 31.26 -42.31 -6.63
C TYR B 177 30.75 -43.54 -7.39
N ASP B 178 30.52 -44.62 -6.66
CA ASP B 178 29.91 -45.83 -7.20
C ASP B 178 28.78 -46.24 -6.27
N THR B 179 27.62 -46.55 -6.82
CA THR B 179 26.41 -46.79 -6.01
C THR B 179 26.50 -47.96 -5.00
N GLY B 180 26.79 -49.19 -5.43
CA GLY B 180 27.01 -49.58 -6.81
C GLY B 180 25.93 -50.55 -7.27
N SER B 181 24.68 -50.18 -7.04
CA SER B 181 23.54 -51.02 -7.41
C SER B 181 22.60 -50.29 -8.36
N VAL B 182 21.93 -49.26 -7.85
CA VAL B 182 20.99 -48.48 -8.64
C VAL B 182 21.76 -47.58 -9.61
N ALA B 183 21.25 -47.49 -10.84
CA ALA B 183 21.88 -46.68 -11.88
C ALA B 183 21.71 -45.18 -11.59
N VAL B 184 22.79 -44.42 -11.78
CA VAL B 184 22.76 -42.98 -11.59
C VAL B 184 21.99 -42.30 -12.71
N ASP B 185 21.01 -41.49 -12.35
CA ASP B 185 20.19 -40.78 -13.33
C ASP B 185 20.99 -39.62 -13.93
N TYR B 186 21.39 -38.68 -13.08
CA TYR B 186 22.14 -37.51 -13.51
C TYR B 186 22.96 -36.92 -12.36
N VAL B 187 23.75 -35.91 -12.67
CA VAL B 187 24.54 -35.22 -11.66
C VAL B 187 24.34 -33.71 -11.76
N ALA B 188 23.75 -33.12 -10.72
CA ALA B 188 23.52 -31.69 -10.66
C ALA B 188 24.73 -30.98 -10.05
N MET B 189 25.36 -30.11 -10.83
CA MET B 189 26.60 -29.47 -10.42
C MET B 189 26.47 -27.97 -10.23
N GLY B 190 27.11 -27.46 -9.18
CA GLY B 190 27.19 -26.02 -8.95
C GLY B 190 28.63 -25.57 -8.91
N LYS B 191 28.89 -24.41 -8.32
CA LYS B 191 30.25 -23.91 -8.22
C LYS B 191 31.00 -24.61 -7.08
N ASP B 192 31.93 -25.47 -7.44
CA ASP B 192 32.76 -26.21 -6.48
C ASP B 192 31.95 -27.13 -5.56
N PHE B 193 30.79 -27.58 -6.02
CA PHE B 193 30.04 -28.62 -5.32
C PHE B 193 29.22 -29.48 -6.29
N MET B 194 28.67 -30.58 -5.78
CA MET B 194 28.12 -31.61 -6.66
C MET B 194 27.05 -32.46 -5.95
N VAL B 195 25.98 -32.80 -6.68
CA VAL B 195 24.92 -33.65 -6.16
C VAL B 195 24.60 -34.80 -7.13
N ILE B 196 24.66 -36.03 -6.63
CA ILE B 196 24.41 -37.21 -7.45
C ILE B 196 23.03 -37.81 -7.16
N VAL B 197 22.27 -38.08 -8.22
CA VAL B 197 20.91 -38.60 -8.09
C VAL B 197 20.74 -39.89 -8.90
N ASP B 198 20.06 -40.87 -8.33
CA ASP B 198 19.75 -42.10 -9.05
C ASP B 198 18.41 -42.00 -9.79
N GLU B 199 18.02 -43.10 -10.44
CA GLU B 199 16.78 -43.11 -11.21
C GLU B 199 15.54 -43.19 -10.33
N GLY B 200 15.74 -43.44 -9.05
CA GLY B 200 14.65 -43.50 -8.10
C GLY B 200 14.27 -42.12 -7.58
N GLY B 201 15.06 -41.12 -7.96
CA GLY B 201 14.81 -39.75 -7.54
C GLY B 201 15.41 -39.45 -6.17
N ARG B 202 16.34 -40.29 -5.74
CA ARG B 202 16.97 -40.14 -4.44
C ARG B 202 18.38 -39.58 -4.56
N ILE B 203 18.75 -38.69 -3.63
CA ILE B 203 20.10 -38.16 -3.58
C ILE B 203 21.05 -39.20 -3.01
N VAL B 204 21.91 -39.75 -3.87
CA VAL B 204 22.78 -40.84 -3.47
C VAL B 204 24.05 -40.33 -2.77
N HIS B 205 24.59 -39.22 -3.27
CA HIS B 205 25.83 -38.67 -2.73
C HIS B 205 26.00 -37.20 -3.10
N ALA B 206 26.52 -36.42 -2.16
CA ALA B 206 26.84 -35.02 -2.40
C ALA B 206 28.25 -34.70 -1.92
N SER B 207 28.93 -33.80 -2.62
CA SER B 207 30.30 -33.44 -2.29
C SER B 207 30.58 -31.98 -2.58
N GLY B 208 31.63 -31.45 -1.96
CA GLY B 208 32.05 -30.08 -2.19
C GLY B 208 31.37 -29.08 -1.28
N ARG B 209 31.59 -27.79 -1.57
CA ARG B 209 31.02 -26.71 -0.78
C ARG B 209 29.49 -26.65 -0.94
N LEU B 210 28.79 -27.43 -0.13
CA LEU B 210 27.33 -27.42 -0.16
C LEU B 210 26.80 -26.16 0.51
N PRO B 211 25.80 -25.52 -0.13
CA PRO B 211 25.22 -24.27 0.38
C PRO B 211 24.56 -24.46 1.74
N THR B 212 24.37 -23.37 2.47
CA THR B 212 23.81 -23.41 3.82
C THR B 212 22.37 -23.91 3.83
N GLY B 213 21.99 -24.60 4.90
CA GLY B 213 20.64 -25.11 5.05
C GLY B 213 20.46 -26.49 4.49
N PHE B 214 21.32 -26.88 3.56
CA PHE B 214 21.22 -28.18 2.91
C PHE B 214 21.95 -29.26 3.71
N GLU B 215 21.18 -30.07 4.41
CA GLU B 215 21.73 -31.19 5.19
C GLU B 215 21.58 -32.49 4.41
N LEU B 216 22.68 -33.00 3.89
CA LEU B 216 22.69 -34.19 3.05
C LEU B 216 22.07 -35.41 3.72
N LYS B 217 22.36 -35.59 5.00
CA LYS B 217 21.91 -36.75 5.76
C LYS B 217 20.39 -36.89 5.76
N GLN B 218 19.70 -35.75 5.85
CA GLN B 218 18.24 -35.74 5.91
C GLN B 218 17.62 -35.84 4.52
N GLN B 219 18.29 -35.26 3.53
CA GLN B 219 17.77 -35.23 2.17
C GLN B 219 17.88 -36.59 1.47
N GLN B 220 18.76 -37.44 1.99
CA GLN B 220 18.95 -38.78 1.44
C GLN B 220 17.80 -39.71 1.78
N LYS B 221 16.98 -39.31 2.75
CA LYS B 221 15.85 -40.11 3.17
C LYS B 221 14.58 -39.76 2.40
N ARG B 222 14.75 -39.12 1.25
CA ARG B 222 13.62 -38.68 0.44
C ARG B 222 13.62 -39.33 -0.94
N HIS B 223 12.43 -39.60 -1.48
CA HIS B 223 12.29 -40.24 -2.78
C HIS B 223 11.65 -39.31 -3.79
N ASN B 224 11.76 -39.68 -5.08
CA ASN B 224 11.09 -38.98 -6.17
C ASN B 224 11.37 -37.48 -6.23
N LEU B 225 12.65 -37.11 -6.20
CA LEU B 225 13.04 -35.71 -6.27
C LEU B 225 13.74 -35.38 -7.58
N VAL B 226 13.79 -34.10 -7.91
CA VAL B 226 14.55 -33.62 -9.05
C VAL B 226 15.47 -32.50 -8.58
N VAL B 227 16.78 -32.70 -8.75
CA VAL B 227 17.77 -31.77 -8.22
C VAL B 227 18.35 -30.83 -9.27
N LEU B 228 18.20 -29.54 -9.04
CA LEU B 228 18.80 -28.52 -9.89
C LEU B 228 19.84 -27.75 -9.09
N CYS B 229 20.83 -27.18 -9.79
CA CYS B 229 21.90 -26.47 -9.10
C CYS B 229 22.30 -25.16 -9.78
N MET B 230 22.18 -24.06 -9.04
CA MET B 230 22.77 -22.80 -9.45
C MET B 230 24.21 -22.82 -8.94
N TRP B 231 24.91 -21.70 -9.09
CA TRP B 231 26.29 -21.63 -8.64
C TRP B 231 26.44 -21.80 -7.13
N THR B 232 25.55 -21.15 -6.38
CA THR B 232 25.65 -21.15 -4.93
C THR B 232 24.35 -21.57 -4.23
N SER B 233 23.58 -22.44 -4.88
CA SER B 233 22.32 -22.90 -4.29
C SER B 233 21.83 -24.22 -4.89
N ILE B 234 21.19 -25.04 -4.05
CA ILE B 234 20.60 -26.30 -4.47
C ILE B 234 19.07 -26.18 -4.49
N HIS B 235 18.45 -26.71 -5.54
CA HIS B 235 17.00 -26.63 -5.67
C HIS B 235 16.38 -28.02 -5.86
N LEU B 236 15.29 -28.27 -5.14
CA LEU B 236 14.64 -29.57 -5.18
C LEU B 236 13.21 -29.48 -5.70
N TRP B 237 12.99 -30.02 -6.89
CA TRP B 237 11.65 -30.07 -7.47
C TRP B 237 10.84 -31.17 -6.80
N ASN B 238 9.87 -30.77 -5.98
CA ASN B 238 8.99 -31.72 -5.31
C ASN B 238 7.64 -31.79 -6.02
N ALA B 239 7.51 -32.74 -6.94
CA ALA B 239 6.30 -32.89 -7.74
C ALA B 239 5.09 -33.28 -6.89
N ARG B 240 5.35 -33.97 -5.79
CA ARG B 240 4.28 -34.40 -4.88
C ARG B 240 3.56 -33.19 -4.27
N LEU B 241 4.33 -32.17 -3.92
CA LEU B 241 3.77 -30.95 -3.34
C LEU B 241 3.65 -29.86 -4.39
N ASN B 242 4.09 -30.17 -5.61
CA ASN B 242 4.08 -29.23 -6.73
C ASN B 242 4.80 -27.93 -6.40
N THR B 243 6.07 -28.03 -5.99
CA THR B 243 6.86 -26.87 -5.61
C THR B 243 8.35 -27.13 -5.74
N VAL B 244 9.15 -26.08 -5.51
CA VAL B 244 10.59 -26.18 -5.58
C VAL B 244 11.22 -25.71 -4.27
N GLU B 245 12.04 -26.57 -3.67
CA GLU B 245 12.70 -26.25 -2.40
C GLU B 245 14.13 -25.77 -2.64
N SER B 246 14.39 -24.50 -2.31
CA SER B 246 15.71 -23.92 -2.53
C SER B 246 16.57 -23.94 -1.27
N PHE B 247 17.88 -23.94 -1.47
CA PHE B 247 18.83 -23.94 -0.37
C PHE B 247 20.04 -23.07 -0.67
N GLY B 248 20.04 -21.85 -0.13
CA GLY B 248 21.13 -20.93 -0.35
C GLY B 248 20.92 -19.61 0.37
N ARG B 249 21.89 -18.71 0.29
CA ARG B 249 21.78 -17.41 0.93
C ARG B 249 20.68 -16.58 0.28
N GLY B 250 20.51 -16.74 -1.03
CA GLY B 250 19.43 -16.11 -1.76
C GLY B 250 19.46 -14.59 -1.72
N THR B 251 20.65 -14.02 -1.87
CA THR B 251 20.82 -12.57 -1.81
C THR B 251 20.09 -11.86 -2.95
N HIS B 252 19.84 -12.58 -4.04
CA HIS B 252 19.14 -12.02 -5.19
C HIS B 252 17.93 -12.87 -5.60
N SER B 253 17.14 -13.25 -4.60
CA SER B 253 15.88 -13.96 -4.82
C SER B 253 16.03 -15.31 -5.53
N GLN B 254 17.18 -15.96 -5.34
CA GLN B 254 17.40 -17.28 -5.92
C GLN B 254 16.48 -18.31 -5.27
N LEU B 255 16.05 -18.02 -4.05
CA LEU B 255 15.14 -18.90 -3.33
C LEU B 255 13.75 -18.88 -3.94
N PHE B 256 13.28 -20.04 -4.39
CA PHE B 256 11.99 -20.18 -5.02
C PHE B 256 10.87 -19.74 -4.09
N PRO B 257 9.87 -19.02 -4.62
CA PRO B 257 8.72 -18.56 -3.83
C PRO B 257 7.97 -19.72 -3.18
N GLN B 258 7.83 -19.67 -1.86
CA GLN B 258 7.27 -20.78 -1.10
C GLN B 258 5.75 -20.89 -1.19
N GLU B 259 5.12 -19.94 -1.89
CA GLU B 259 3.67 -19.95 -2.03
C GLU B 259 3.19 -21.11 -2.90
N ARG B 260 1.89 -21.36 -2.83
CA ARG B 260 1.28 -22.47 -3.58
C ARG B 260 1.21 -22.18 -5.07
N LEU B 261 1.55 -23.17 -5.89
CA LEU B 261 1.43 -23.05 -7.33
C LEU B 261 0.15 -23.72 -7.82
N ASP B 262 -0.72 -22.93 -8.45
CA ASP B 262 -1.98 -23.46 -8.98
C ASP B 262 -1.78 -24.11 -10.34
N PHE B 263 -0.64 -23.81 -10.97
CA PHE B 263 -0.25 -24.47 -12.22
C PHE B 263 0.67 -25.64 -11.93
N PRO B 264 0.43 -26.78 -12.59
CA PRO B 264 1.31 -27.94 -12.41
C PRO B 264 2.66 -27.73 -13.08
N ILE B 265 3.73 -28.05 -12.34
CA ILE B 265 5.08 -27.93 -12.88
C ILE B 265 5.38 -29.11 -13.81
N VAL B 266 5.92 -28.81 -14.98
CA VAL B 266 6.24 -29.84 -15.96
C VAL B 266 7.72 -29.85 -16.35
N GLY B 267 8.46 -28.84 -15.86
CA GLY B 267 9.88 -28.74 -16.17
C GLY B 267 10.58 -27.63 -15.40
N VAL B 268 11.75 -27.96 -14.85
CA VAL B 268 12.55 -27.00 -14.10
C VAL B 268 14.01 -26.98 -14.56
N ALA B 269 14.52 -25.78 -14.85
CA ALA B 269 15.92 -25.62 -15.23
C ALA B 269 16.51 -24.41 -14.52
N THR B 270 17.84 -24.40 -14.35
CA THR B 270 18.52 -23.30 -13.68
C THR B 270 19.75 -22.83 -14.44
N GLY B 271 19.99 -21.53 -14.41
CA GLY B 271 21.21 -20.97 -14.98
C GLY B 271 22.27 -20.85 -13.92
N SER B 272 23.15 -19.86 -14.06
CA SER B 272 24.20 -19.63 -13.08
C SER B 272 23.60 -19.17 -11.74
N GLU B 273 22.74 -18.17 -11.80
CA GLU B 273 22.09 -17.65 -10.60
C GLU B 273 20.63 -17.28 -10.84
N HIS B 274 19.95 -18.06 -11.67
CA HIS B 274 18.53 -17.84 -11.93
C HIS B 274 17.84 -19.13 -12.34
N GLY B 275 16.58 -19.28 -11.92
CA GLY B 275 15.83 -20.49 -12.20
C GLY B 275 14.78 -20.30 -13.28
N ILE B 276 14.54 -21.36 -14.05
CA ILE B 276 13.56 -21.32 -15.13
C ILE B 276 12.48 -22.36 -14.88
N LEU B 277 11.24 -21.91 -14.78
CA LEU B 277 10.13 -22.81 -14.47
C LEU B 277 9.17 -22.96 -15.65
N THR B 278 8.87 -24.21 -16.00
CA THR B 278 7.91 -24.50 -17.04
C THR B 278 6.65 -25.11 -16.43
N THR B 279 5.52 -24.43 -16.60
CA THR B 279 4.25 -24.91 -16.04
C THR B 279 3.24 -25.17 -17.13
N ALA B 280 2.22 -25.96 -16.80
CA ALA B 280 1.17 -26.29 -17.75
C ALA B 280 -0.09 -25.45 -17.50
N ASN B 281 -0.39 -24.56 -18.44
CA ASN B 281 -1.58 -23.73 -18.36
C ASN B 281 -2.81 -24.50 -18.84
N GLN B 282 -3.56 -25.06 -17.91
CA GLN B 282 -4.67 -25.94 -18.24
C GLN B 282 -6.02 -25.23 -18.18
N GLU B 283 -5.99 -23.90 -18.10
CA GLU B 283 -7.21 -23.10 -18.08
C GLU B 283 -7.72 -22.86 -19.49
N GLY B 284 -8.89 -23.40 -19.80
CA GLY B 284 -9.47 -23.26 -21.13
C GLY B 284 -9.38 -24.56 -21.91
N LYS B 285 -9.85 -24.53 -23.16
CA LYS B 285 -9.83 -25.70 -24.02
C LYS B 285 -8.42 -26.06 -24.46
N SER B 286 -7.68 -25.07 -24.96
CA SER B 286 -6.34 -25.29 -25.47
C SER B 286 -5.29 -25.22 -24.35
N HIS B 287 -4.77 -26.39 -23.97
CA HIS B 287 -3.72 -26.45 -22.95
C HIS B 287 -2.40 -25.94 -23.50
N CYS B 288 -1.96 -24.79 -22.99
CA CYS B 288 -0.66 -24.23 -23.35
C CYS B 288 0.31 -24.33 -22.19
N TYR B 289 1.51 -23.78 -22.38
CA TYR B 289 2.54 -23.85 -21.35
C TYR B 289 3.08 -22.48 -20.97
N ASN B 290 3.15 -22.22 -19.66
CA ASN B 290 3.71 -20.97 -19.16
C ASN B 290 5.15 -21.15 -18.71
N VAL B 291 6.03 -20.23 -19.11
CA VAL B 291 7.42 -20.27 -18.69
C VAL B 291 7.74 -19.11 -17.76
N TYR B 292 8.14 -19.44 -16.53
CA TYR B 292 8.49 -18.43 -15.54
C TYR B 292 9.99 -18.42 -15.29
N CYS B 293 10.48 -17.31 -14.74
CA CYS B 293 11.88 -17.20 -14.33
C CYS B 293 11.97 -16.55 -12.97
N TRP B 294 12.96 -16.95 -12.18
CA TRP B 294 13.18 -16.36 -10.87
C TRP B 294 14.67 -16.25 -10.57
N GLY B 295 15.01 -15.52 -9.51
CA GLY B 295 16.39 -15.35 -9.12
C GLY B 295 16.99 -14.06 -9.66
N TRP B 296 18.32 -14.01 -9.70
CA TRP B 296 19.04 -12.83 -10.18
C TRP B 296 18.89 -12.69 -11.69
N GLY B 297 18.27 -11.60 -12.12
CA GLY B 297 18.05 -11.35 -13.53
C GLY B 297 18.07 -9.87 -13.90
N GLU B 298 19.18 -9.21 -13.60
CA GLU B 298 19.32 -7.79 -13.91
C GLU B 298 19.81 -7.61 -15.35
N HIS B 299 20.12 -8.71 -16.01
CA HIS B 299 20.53 -8.69 -17.41
C HIS B 299 19.35 -9.00 -18.31
N GLY B 300 18.15 -9.02 -17.73
CA GLY B 300 16.95 -9.31 -18.47
C GLY B 300 16.74 -10.79 -18.72
N ASN B 301 17.55 -11.61 -18.05
CA ASN B 301 17.47 -13.06 -18.20
C ASN B 301 16.26 -13.67 -17.49
N CYS B 302 15.57 -12.85 -16.69
CA CYS B 302 14.37 -13.31 -16.00
C CYS B 302 13.12 -12.62 -16.55
N GLY B 303 13.33 -11.73 -17.53
CA GLY B 303 12.22 -11.01 -18.13
C GLY B 303 12.45 -9.52 -18.14
N PRO B 304 11.40 -8.75 -18.51
CA PRO B 304 11.46 -7.28 -18.57
C PRO B 304 11.81 -6.64 -17.23
N GLN B 305 11.25 -7.19 -16.14
CA GLN B 305 11.53 -6.67 -14.81
C GLN B 305 12.89 -7.20 -14.32
N LYS B 306 13.84 -6.29 -14.17
CA LYS B 306 15.23 -6.67 -13.91
C LYS B 306 15.68 -6.32 -12.50
N GLY B 307 14.75 -5.95 -11.63
CA GLY B 307 15.08 -5.56 -10.28
C GLY B 307 15.42 -6.72 -9.38
N SER B 308 15.36 -7.93 -9.92
CA SER B 308 15.61 -9.16 -9.18
C SER B 308 14.70 -9.31 -7.97
N GLN B 309 13.49 -8.77 -8.08
CA GLN B 309 12.49 -8.89 -7.02
C GLN B 309 12.03 -10.34 -6.90
N PRO B 310 11.71 -10.78 -5.68
CA PRO B 310 11.28 -12.16 -5.43
C PRO B 310 9.97 -12.50 -6.14
N GLY B 311 9.78 -13.77 -6.45
CA GLY B 311 8.57 -14.24 -7.10
C GLY B 311 8.80 -14.67 -8.53
N LEU B 312 7.81 -15.36 -9.10
CA LEU B 312 7.89 -15.85 -10.48
C LEU B 312 7.55 -14.74 -11.46
N GLN B 313 8.30 -14.68 -12.56
CA GLN B 313 8.05 -13.69 -13.60
C GLN B 313 7.75 -14.36 -14.93
N LEU B 314 6.52 -14.16 -15.42
CA LEU B 314 6.10 -14.74 -16.69
C LEU B 314 6.85 -14.10 -17.85
N VAL B 315 7.48 -14.93 -18.68
CA VAL B 315 8.28 -14.43 -19.79
C VAL B 315 7.70 -14.83 -21.15
N GLY B 316 6.82 -15.83 -21.14
CA GLY B 316 6.24 -16.31 -22.38
C GLY B 316 5.26 -17.46 -22.21
N GLN B 317 4.40 -17.62 -23.20
CA GLN B 317 3.40 -18.68 -23.21
C GLN B 317 3.48 -19.42 -24.55
N TYR B 318 3.48 -20.74 -24.50
CA TYR B 318 3.71 -21.53 -25.71
C TYR B 318 2.70 -22.66 -25.91
N SER B 319 2.38 -22.94 -27.17
CA SER B 319 1.39 -23.95 -27.53
C SER B 319 1.83 -25.36 -27.11
N GLY B 320 3.01 -25.76 -27.57
CA GLY B 320 3.54 -27.05 -27.20
C GLY B 320 4.50 -26.95 -26.04
N LYS B 321 4.90 -28.09 -25.48
CA LYS B 321 5.82 -28.10 -24.35
C LYS B 321 7.21 -27.65 -24.75
N PRO B 322 7.70 -26.55 -24.14
CA PRO B 322 9.03 -26.01 -24.44
C PRO B 322 10.11 -26.73 -23.65
N ARG B 323 11.34 -26.69 -24.17
CA ARG B 323 12.49 -27.23 -23.46
C ARG B 323 13.42 -26.08 -23.09
N VAL B 324 13.54 -25.81 -21.79
CA VAL B 324 14.29 -24.66 -21.30
C VAL B 324 15.73 -25.01 -20.91
N PHE B 325 16.63 -24.08 -21.17
CA PHE B 325 18.03 -24.23 -20.80
C PHE B 325 18.54 -22.92 -20.18
N GLY B 326 19.47 -23.04 -19.24
CA GLY B 326 19.99 -21.87 -18.55
C GLY B 326 21.51 -21.83 -18.51
N GLY B 327 22.05 -20.63 -18.69
CA GLY B 327 23.49 -20.43 -18.63
C GLY B 327 23.85 -19.29 -17.69
N CYS B 328 25.01 -18.70 -17.92
CA CYS B 328 25.45 -17.57 -17.10
C CYS B 328 24.64 -16.32 -17.43
N ALA B 329 23.58 -16.10 -16.66
CA ALA B 329 22.66 -14.99 -16.86
C ALA B 329 22.05 -15.00 -18.25
N THR B 330 21.86 -16.21 -18.78
CA THR B 330 21.23 -16.39 -20.08
C THR B 330 20.12 -17.43 -20.00
N THR B 331 19.01 -17.18 -20.68
CA THR B 331 17.88 -18.10 -20.66
C THR B 331 17.52 -18.56 -22.07
N TRP B 332 17.41 -19.88 -22.25
CA TRP B 332 17.10 -20.45 -23.55
C TRP B 332 15.77 -21.17 -23.53
N ILE B 333 14.96 -20.95 -24.56
CA ILE B 333 13.68 -21.63 -24.70
C ILE B 333 13.58 -22.31 -26.07
N VAL B 334 13.61 -23.63 -26.06
CA VAL B 334 13.56 -24.41 -27.30
C VAL B 334 12.18 -25.03 -27.49
N LEU B 335 11.63 -24.87 -28.70
CA LEU B 335 10.29 -25.36 -29.00
C LEU B 335 10.29 -26.51 -30.01
N GLY B 336 9.22 -26.57 -30.81
CA GLY B 336 9.06 -27.60 -31.81
C GLY B 336 7.85 -27.35 -32.67
N SER B 337 8.06 -27.27 -33.98
CA SER B 337 6.97 -27.03 -34.92
C SER B 337 7.29 -27.58 -36.31
N SER C 345 -8.49 16.17 36.05
CA SER C 345 -7.17 16.56 35.55
C SER C 345 -6.85 15.86 34.24
N MET C 346 -5.84 16.37 33.54
CA MET C 346 -5.41 15.77 32.28
C MET C 346 -4.40 14.66 32.52
N SER C 347 -4.25 13.78 31.54
CA SER C 347 -3.21 12.76 31.59
C SER C 347 -2.08 13.17 30.64
N THR C 348 -0.98 13.67 31.21
CA THR C 348 0.09 14.26 30.42
C THR C 348 1.07 13.24 29.85
N TYR C 349 1.58 13.55 28.66
CA TYR C 349 2.57 12.71 28.00
C TYR C 349 3.93 12.82 28.69
N ASP C 350 4.25 14.01 29.18
CA ASP C 350 5.52 14.25 29.86
C ASP C 350 5.47 15.52 30.68
N GLU C 351 6.43 15.68 31.58
CA GLU C 351 6.54 16.88 32.41
C GLU C 351 7.77 17.68 31.99
N ILE C 352 7.54 18.87 31.47
CA ILE C 352 8.63 19.69 30.92
C ILE C 352 8.88 20.95 31.73
N GLU C 353 10.14 21.18 32.09
CA GLU C 353 10.53 22.40 32.78
C GLU C 353 10.37 23.60 31.87
N ILE C 354 10.03 24.74 32.46
CA ILE C 354 9.77 25.96 31.69
C ILE C 354 11.03 26.47 31.00
N GLU C 355 12.19 26.12 31.54
CA GLU C 355 13.47 26.51 30.93
C GLU C 355 13.81 25.63 29.72
N ASP C 356 13.02 24.58 29.52
CA ASP C 356 13.21 23.69 28.38
C ASP C 356 12.21 24.01 27.27
N MET C 357 11.20 24.81 27.60
CA MET C 357 10.19 25.23 26.63
C MET C 357 10.75 26.27 25.68
N THR C 358 10.26 26.27 24.45
CA THR C 358 10.66 27.27 23.47
C THR C 358 9.74 28.47 23.52
N PHE C 359 10.24 29.58 24.04
CA PHE C 359 9.43 30.80 24.18
C PHE C 359 9.44 31.64 22.91
N GLU C 360 8.26 32.02 22.45
CA GLU C 360 8.13 32.87 21.28
C GLU C 360 7.56 34.23 21.67
N PRO C 361 8.43 35.25 21.71
CA PRO C 361 8.07 36.59 22.19
C PRO C 361 7.08 37.33 21.27
N GLU C 362 6.96 36.88 20.03
CA GLU C 362 6.06 37.53 19.08
C GLU C 362 4.60 37.46 19.53
N ASN C 363 4.26 36.38 20.22
CA ASN C 363 2.89 36.17 20.67
C ASN C 363 2.81 35.64 22.10
N GLN C 364 3.94 35.68 22.80
CA GLN C 364 4.05 35.20 24.18
C GLN C 364 3.54 33.77 24.35
N MET C 365 4.03 32.87 23.50
CA MET C 365 3.60 31.47 23.54
C MET C 365 4.79 30.53 23.72
N PHE C 366 4.64 29.58 24.64
CA PHE C 366 5.65 28.56 24.88
C PHE C 366 5.36 27.34 24.02
N THR C 367 6.38 26.86 23.30
CA THR C 367 6.21 25.69 22.44
C THR C 367 7.19 24.58 22.78
N TYR C 368 6.77 23.33 22.53
CA TYR C 368 7.62 22.18 22.78
C TYR C 368 7.32 21.07 21.77
N PRO C 369 8.38 20.46 21.22
CA PRO C 369 8.27 19.41 20.20
C PRO C 369 7.34 18.26 20.60
N CYS C 370 6.50 17.84 19.66
CA CYS C 370 5.58 16.73 19.90
C CYS C 370 5.97 15.54 19.03
N PRO C 371 5.89 14.32 19.58
CA PRO C 371 6.26 13.07 18.90
C PRO C 371 5.62 12.88 17.52
N CYS C 372 4.57 13.64 17.22
CA CYS C 372 3.90 13.53 15.92
C CYS C 372 4.55 14.44 14.88
N GLY C 373 5.36 15.38 15.34
CA GLY C 373 6.02 16.32 14.45
C GLY C 373 5.58 17.76 14.69
N ASP C 374 4.45 17.91 15.38
CA ASP C 374 3.94 19.24 15.71
C ASP C 374 4.56 19.73 17.01
N ARG C 375 3.94 20.72 17.62
CA ARG C 375 4.45 21.29 18.87
C ARG C 375 3.36 21.53 19.90
N PHE C 376 3.63 21.13 21.14
CA PHE C 376 2.76 21.48 22.25
C PHE C 376 2.82 23.00 22.42
N GLN C 377 1.68 23.62 22.68
CA GLN C 377 1.67 25.07 22.83
C GLN C 377 0.85 25.53 24.04
N ILE C 378 1.31 26.62 24.66
CA ILE C 378 0.65 27.19 25.83
C ILE C 378 1.04 28.66 25.97
N TYR C 379 0.05 29.52 26.22
CA TYR C 379 0.29 30.95 26.28
C TYR C 379 0.78 31.43 27.65
N LEU C 380 1.55 32.51 27.64
CA LEU C 380 2.10 33.08 28.86
C LEU C 380 1.01 33.62 29.78
N ASP C 381 0.00 34.25 29.18
CA ASP C 381 -1.11 34.82 29.96
C ASP C 381 -1.87 33.75 30.73
N ASP C 382 -2.08 32.60 30.08
CA ASP C 382 -2.78 31.49 30.72
C ASP C 382 -1.98 30.92 31.88
N MET C 383 -0.66 30.90 31.73
CA MET C 383 0.22 30.40 32.77
C MET C 383 0.22 31.34 33.99
N PHE C 384 0.02 32.62 33.72
CA PHE C 384 -0.03 33.61 34.79
C PHE C 384 -1.33 33.47 35.58
N GLU C 385 -2.33 32.86 34.96
CA GLU C 385 -3.62 32.65 35.59
C GLU C 385 -3.64 31.36 36.39
N GLY C 386 -2.69 30.46 36.11
CA GLY C 386 -2.58 29.22 36.86
C GLY C 386 -2.64 27.97 36.00
N GLU C 387 -2.79 28.15 34.69
CA GLU C 387 -2.86 27.03 33.76
C GLU C 387 -1.46 26.51 33.45
N LYS C 388 -1.30 25.19 33.40
CA LYS C 388 0.02 24.59 33.24
C LYS C 388 0.06 23.48 32.18
N VAL C 389 -1.02 23.33 31.42
CA VAL C 389 -1.10 22.27 30.43
C VAL C 389 -0.92 22.78 29.00
N ALA C 390 0.11 22.28 28.33
CA ALA C 390 0.34 22.61 26.92
C ALA C 390 -0.46 21.65 26.05
N VAL C 391 -0.86 22.13 24.87
CA VAL C 391 -1.76 21.36 23.99
C VAL C 391 -1.27 21.30 22.56
N CYS C 392 -1.28 20.11 21.97
CA CYS C 392 -0.93 19.93 20.56
C CYS C 392 -2.19 20.02 19.69
N PRO C 393 -2.12 20.87 18.65
CA PRO C 393 -3.25 21.08 17.72
C PRO C 393 -3.46 19.90 16.76
N SER C 394 -2.44 19.05 16.61
CA SER C 394 -2.49 17.98 15.63
C SER C 394 -2.96 16.64 16.22
N CYS C 395 -2.48 16.30 17.40
CA CYS C 395 -2.87 15.04 18.03
C CYS C 395 -3.49 15.25 19.41
N SER C 396 -3.67 14.16 20.14
CA SER C 396 -4.40 14.18 21.41
C SER C 396 -3.47 14.26 22.62
N LEU C 397 -2.18 14.44 22.38
CA LEU C 397 -1.21 14.48 23.46
C LEU C 397 -1.23 15.78 24.25
N MET C 398 -0.83 15.70 25.52
CA MET C 398 -0.74 16.88 26.39
C MET C 398 0.47 16.74 27.30
N ILE C 399 1.06 17.87 27.67
CA ILE C 399 2.17 17.88 28.62
C ILE C 399 1.99 18.94 29.70
N ASP C 400 2.64 18.73 30.83
CA ASP C 400 2.61 19.71 31.92
C ASP C 400 3.81 20.64 31.83
N VAL C 401 3.58 21.92 32.05
CA VAL C 401 4.65 22.89 32.13
C VAL C 401 4.97 23.17 33.59
N VAL C 402 6.16 22.77 34.03
CA VAL C 402 6.55 22.94 35.42
C VAL C 402 7.19 24.32 35.63
N PHE C 403 6.49 25.18 36.35
CA PHE C 403 6.96 26.55 36.56
C PHE C 403 6.37 27.16 37.84
N ASP C 404 6.84 28.36 38.16
CA ASP C 404 6.30 29.14 39.27
C ASP C 404 5.95 30.53 38.78
N LYS C 405 5.18 31.27 39.58
CA LYS C 405 4.81 32.64 39.23
C LYS C 405 6.02 33.55 39.18
N GLU C 406 7.02 33.24 40.00
CA GLU C 406 8.25 34.03 40.04
C GLU C 406 9.19 33.69 38.89
N ASP C 407 8.74 32.80 38.00
CA ASP C 407 9.50 32.44 36.82
C ASP C 407 8.94 33.11 35.58
N LEU C 408 7.73 33.65 35.70
CA LEU C 408 7.01 34.22 34.56
C LEU C 408 7.41 35.68 34.28
N ALA C 409 7.91 36.36 35.30
CA ALA C 409 8.29 37.76 35.15
C ALA C 409 9.43 37.94 34.16
N GLU C 410 10.26 36.91 34.04
CA GLU C 410 11.39 36.92 33.10
C GLU C 410 10.92 36.95 31.65
N TYR C 411 9.88 36.19 31.35
CA TYR C 411 9.41 36.04 29.99
C TYR C 411 8.51 37.20 29.54
N TYR C 412 7.85 37.84 30.49
CA TYR C 412 7.08 39.05 30.20
C TYR C 412 8.03 40.17 29.79
N GLU C 413 9.19 40.22 30.44
CA GLU C 413 10.20 41.23 30.15
C GLU C 413 10.80 40.98 28.76
N GLU C 414 11.01 39.71 28.43
CA GLU C 414 11.58 39.34 27.14
C GLU C 414 10.59 39.64 26.01
N ALA C 415 9.31 39.60 26.33
CA ALA C 415 8.26 39.86 25.33
C ALA C 415 8.18 41.33 24.96
N GLY C 416 8.50 42.21 25.91
CA GLY C 416 8.44 43.64 25.68
C GLY C 416 9.70 44.18 25.00
N ILE C 417 10.82 43.50 25.24
CA ILE C 417 12.09 43.88 24.64
C ILE C 417 12.10 43.51 23.16
N HIS C 418 11.41 42.44 22.81
CA HIS C 418 11.33 41.94 21.44
C HIS C 418 10.85 43.02 20.47
N PRO C 419 11.59 43.22 19.37
CA PRO C 419 11.31 44.24 18.36
C PRO C 419 9.95 44.05 17.68
N PRO C 420 9.37 45.14 17.17
CA PRO C 420 8.07 45.10 16.46
C PRO C 420 8.11 44.17 15.25
N MET D 3 -15.64 20.82 41.67
CA MET D 3 -16.22 21.46 40.49
C MET D 3 -16.23 20.50 39.30
N SER D 4 -16.71 20.99 38.16
CA SER D 4 -16.74 20.20 36.94
C SER D 4 -16.22 21.00 35.76
N CYS D 5 -15.22 20.44 35.07
CA CYS D 5 -14.64 21.07 33.90
C CYS D 5 -15.27 20.53 32.63
N VAL D 6 -15.88 21.42 31.85
CA VAL D 6 -16.57 21.03 30.62
C VAL D 6 -15.77 21.38 29.37
N TYR D 7 -15.53 20.36 28.54
CA TYR D 7 -14.82 20.56 27.28
C TYR D 7 -15.73 20.26 26.09
N ALA D 8 -15.51 20.96 24.98
CA ALA D 8 -16.37 20.81 23.81
C ALA D 8 -15.62 21.07 22.51
N PHE D 9 -16.11 20.44 21.43
CA PHE D 9 -15.56 20.65 20.09
C PHE D 9 -16.51 20.09 19.04
N GLY D 10 -16.42 20.63 17.83
CA GLY D 10 -17.29 20.21 16.74
C GLY D 10 -17.97 21.38 16.07
N SER D 11 -19.21 21.16 15.61
CA SER D 11 -19.97 22.20 14.93
C SER D 11 -20.28 23.36 15.87
N ASN D 12 -19.82 24.55 15.51
CA ASN D 12 -19.96 25.71 16.37
C ASN D 12 -20.54 26.91 15.62
N GLY D 13 -21.24 26.63 14.52
CA GLY D 13 -21.78 27.68 13.66
C GLY D 13 -22.72 28.65 14.36
N GLN D 14 -23.42 28.16 15.38
CA GLN D 14 -24.35 29.00 16.13
C GLN D 14 -23.87 29.23 17.56
N ARG D 15 -22.56 29.09 17.76
CA ARG D 15 -21.93 29.28 19.07
C ARG D 15 -22.53 28.38 20.16
N GLN D 16 -22.91 27.16 19.78
CA GLN D 16 -23.54 26.23 20.71
C GLN D 16 -22.51 25.49 21.57
N LEU D 17 -21.23 25.80 21.36
CA LEU D 17 -20.17 25.18 22.14
C LEU D 17 -19.88 25.96 23.42
N GLY D 18 -20.40 27.19 23.47
CA GLY D 18 -20.19 28.05 24.63
C GLY D 18 -18.78 28.58 24.72
N LEU D 19 -18.13 28.71 23.57
CA LEU D 19 -16.76 29.19 23.51
C LEU D 19 -16.72 30.67 23.16
N GLY D 20 -17.87 31.23 22.80
CA GLY D 20 -17.98 32.64 22.46
C GLY D 20 -17.83 32.91 20.97
N HIS D 21 -17.06 32.06 20.30
CA HIS D 21 -16.83 32.21 18.86
C HIS D 21 -17.67 31.24 18.05
N ASP D 22 -17.73 31.46 16.74
CA ASP D 22 -18.52 30.61 15.85
C ASP D 22 -17.66 29.70 14.97
N GLU D 23 -16.45 29.43 15.43
CA GLU D 23 -15.50 28.63 14.66
C GLU D 23 -15.59 27.15 15.06
N ASP D 24 -15.70 26.27 14.07
CA ASP D 24 -15.74 24.84 14.33
C ASP D 24 -14.40 24.34 14.86
N MET D 25 -14.45 23.52 15.90
CA MET D 25 -13.24 23.01 16.55
C MET D 25 -13.05 21.53 16.27
N ASP D 26 -11.79 21.07 16.34
CA ASP D 26 -11.48 19.66 16.14
C ASP D 26 -10.76 19.06 17.35
N THR D 27 -10.55 19.88 18.37
CA THR D 27 -9.92 19.43 19.60
C THR D 27 -10.68 20.00 20.81
N PRO D 28 -10.72 19.23 21.92
CA PRO D 28 -11.42 19.64 23.15
C PRO D 28 -11.07 21.06 23.61
N GLN D 29 -12.08 21.91 23.71
CA GLN D 29 -11.88 23.30 24.13
C GLN D 29 -12.54 23.57 25.48
N ARG D 30 -11.83 24.29 26.34
CA ARG D 30 -12.33 24.64 27.66
C ARG D 30 -13.56 25.54 27.57
N SER D 31 -14.74 24.98 27.79
CA SER D 31 -15.95 25.76 27.78
C SER D 31 -16.40 26.16 29.18
N VAL D 32 -16.49 27.46 29.42
CA VAL D 32 -16.70 27.99 30.76
C VAL D 32 -17.95 28.84 30.91
N PRO D 33 -18.85 28.45 31.80
CA PRO D 33 -20.04 29.25 32.06
C PRO D 33 -19.70 30.21 33.16
N GLY D 34 -20.72 30.85 33.73
CA GLY D 34 -20.49 31.82 34.77
C GLY D 34 -20.43 31.24 36.16
N ASP D 35 -20.31 29.93 36.24
CA ASP D 35 -20.25 29.30 37.56
C ASP D 35 -19.02 28.39 37.65
N ASP D 36 -19.03 27.33 36.86
CA ASP D 36 -17.91 26.37 36.78
C ASP D 36 -17.65 25.60 38.08
N GLY D 37 -17.74 26.29 39.22
CA GLY D 37 -17.52 25.68 40.51
C GLY D 37 -18.57 24.66 40.91
N ALA D 38 -19.71 24.72 40.23
CA ALA D 38 -20.80 23.79 40.50
C ALA D 38 -20.65 22.50 39.70
N ILE D 39 -21.27 21.42 40.18
CA ILE D 39 -21.10 20.11 39.57
C ILE D 39 -22.15 19.79 38.50
N VAL D 40 -21.69 19.61 37.27
CA VAL D 40 -22.56 19.32 36.14
C VAL D 40 -23.23 17.95 36.29
N ARG D 41 -24.51 17.87 35.95
CA ARG D 41 -25.24 16.62 35.99
C ARG D 41 -25.48 16.04 34.60
N LYS D 42 -25.93 16.88 33.69
CA LYS D 42 -26.27 16.43 32.34
C LYS D 42 -26.16 17.55 31.30
N ILE D 43 -25.71 17.19 30.10
CA ILE D 43 -25.66 18.14 29.00
C ILE D 43 -26.52 17.64 27.83
N ALA D 44 -27.55 18.40 27.49
CA ALA D 44 -28.44 18.04 26.40
C ALA D 44 -28.26 18.99 25.22
N CYS D 45 -28.23 18.43 24.01
CA CYS D 45 -27.97 19.23 22.82
C CYS D 45 -29.12 19.13 21.82
N GLY D 46 -29.40 20.24 21.16
CA GLY D 46 -30.40 20.27 20.10
C GLY D 46 -29.72 20.30 18.74
N GLY D 47 -30.35 20.97 17.78
CA GLY D 47 -29.77 21.12 16.46
C GLY D 47 -28.66 22.14 16.47
N ASN D 48 -28.93 23.29 17.07
CA ASN D 48 -27.96 24.38 17.12
C ASN D 48 -27.90 25.06 18.48
N HIS D 49 -28.38 24.37 19.51
CA HIS D 49 -28.36 24.91 20.87
C HIS D 49 -27.99 23.85 21.90
N SER D 50 -27.24 24.25 22.92
CA SER D 50 -26.80 23.33 23.95
C SER D 50 -27.32 23.74 25.33
N VAL D 51 -27.66 22.75 26.15
CA VAL D 51 -28.20 23.00 27.48
C VAL D 51 -27.42 22.21 28.53
N MET D 52 -27.03 22.88 29.61
CA MET D 52 -26.26 22.24 30.67
C MET D 52 -26.99 22.27 32.01
N LEU D 53 -27.33 21.09 32.52
CA LEU D 53 -28.01 20.98 33.81
C LEU D 53 -27.01 20.73 34.93
N THR D 54 -27.18 21.45 36.03
CA THR D 54 -26.28 21.34 37.18
C THR D 54 -26.97 20.66 38.36
N ASN D 55 -26.22 20.40 39.42
CA ASN D 55 -26.76 19.75 40.61
C ASN D 55 -27.63 20.67 41.47
N ASP D 56 -27.44 21.98 41.33
CA ASP D 56 -28.19 22.95 42.12
C ASP D 56 -29.55 23.25 41.51
N GLY D 57 -29.88 22.57 40.41
CA GLY D 57 -31.16 22.75 39.74
C GLY D 57 -31.14 23.87 38.73
N ASN D 58 -30.04 24.60 38.67
CA ASN D 58 -29.90 25.71 37.73
C ASN D 58 -29.66 25.22 36.31
N LEU D 59 -30.30 25.88 35.35
CA LEU D 59 -30.13 25.53 33.95
C LEU D 59 -29.46 26.66 33.19
N VAL D 60 -28.53 26.31 32.30
CA VAL D 60 -27.77 27.29 31.53
C VAL D 60 -27.61 26.81 30.09
N GLY D 61 -27.75 27.72 29.14
CA GLY D 61 -27.68 27.37 27.74
C GLY D 61 -26.99 28.37 26.84
N CYS D 62 -26.75 27.97 25.60
CA CYS D 62 -26.13 28.82 24.60
C CYS D 62 -26.43 28.27 23.21
N GLY D 63 -26.42 29.13 22.21
CA GLY D 63 -26.67 28.71 20.85
C GLY D 63 -27.81 29.45 20.16
N ASP D 64 -28.44 28.78 19.20
CA ASP D 64 -29.50 29.39 18.40
C ASP D 64 -30.78 29.57 19.19
N ASN D 65 -31.41 30.74 19.05
CA ASN D 65 -32.65 31.03 19.75
C ASN D 65 -33.72 31.56 18.79
N ARG D 66 -33.54 31.29 17.50
CA ARG D 66 -34.47 31.76 16.48
C ARG D 66 -35.81 31.02 16.53
N ARG D 67 -35.89 30.00 17.37
CA ARG D 67 -37.13 29.24 17.54
C ARG D 67 -37.52 29.17 19.01
N GLY D 68 -36.97 30.08 19.80
CA GLY D 68 -37.29 30.16 21.22
C GLY D 68 -36.71 29.03 22.04
N GLU D 69 -35.57 28.50 21.61
CA GLU D 69 -34.94 27.36 22.26
C GLU D 69 -34.44 27.67 23.67
N LEU D 70 -34.03 28.91 23.90
CA LEU D 70 -33.36 29.26 25.15
C LEU D 70 -33.99 30.45 25.87
N ASP D 71 -33.94 31.63 25.26
CA ASP D 71 -34.44 32.84 25.90
C ASP D 71 -35.83 33.23 25.41
N SER D 72 -36.62 33.81 26.30
CA SER D 72 -37.99 34.19 25.98
C SER D 72 -38.08 35.38 25.04
N ALA D 73 -37.01 36.17 25.00
CA ALA D 73 -36.96 37.36 24.14
C ALA D 73 -37.03 36.97 22.66
N GLN D 74 -38.14 37.30 22.01
CA GLN D 74 -38.32 36.98 20.60
C GLN D 74 -37.32 37.70 19.71
N ALA D 75 -36.85 38.84 20.16
CA ALA D 75 -35.88 39.62 19.40
C ALA D 75 -34.51 38.95 19.39
N LEU D 76 -34.19 38.25 20.49
CA LEU D 76 -32.91 37.56 20.61
C LEU D 76 -32.87 36.33 19.69
N ARG D 77 -31.91 36.32 18.76
CA ARG D 77 -31.82 35.23 17.79
C ARG D 77 -30.74 34.22 18.16
N GLN D 78 -29.80 34.62 19.02
CA GLN D 78 -28.70 33.74 19.41
C GLN D 78 -28.10 34.12 20.75
N VAL D 79 -28.07 33.15 21.67
CA VAL D 79 -27.44 33.35 22.97
C VAL D 79 -25.92 33.24 22.81
N HIS D 80 -25.23 34.34 23.12
CA HIS D 80 -23.79 34.44 22.86
C HIS D 80 -22.97 33.44 23.69
N ASP D 81 -23.00 33.60 25.01
CA ASP D 81 -22.27 32.72 25.90
C ASP D 81 -23.23 31.95 26.79
N TRP D 82 -22.68 31.18 27.73
CA TRP D 82 -23.50 30.41 28.67
C TRP D 82 -24.36 31.32 29.54
N ARG D 83 -25.61 31.51 29.14
CA ARG D 83 -26.56 32.32 29.90
C ARG D 83 -27.60 31.44 30.57
N PRO D 84 -27.98 31.78 31.82
CA PRO D 84 -28.96 31.03 32.60
C PRO D 84 -30.32 30.95 31.91
N VAL D 85 -30.82 29.72 31.76
CA VAL D 85 -32.14 29.51 31.17
C VAL D 85 -33.22 29.67 32.23
N GLU D 86 -34.16 30.58 31.98
CA GLU D 86 -35.23 30.87 32.95
C GLU D 86 -36.15 29.67 33.15
N VAL D 87 -36.30 29.26 34.41
CA VAL D 87 -37.13 28.12 34.75
C VAL D 87 -38.11 28.47 35.86
N PRO D 88 -39.31 27.88 35.83
CA PRO D 88 -40.32 28.14 36.85
C PRO D 88 -39.97 27.47 38.18
N ALA D 89 -39.10 26.47 38.12
CA ALA D 89 -38.70 25.71 39.31
C ALA D 89 -37.37 25.02 39.03
N PRO D 90 -36.62 24.66 40.09
CA PRO D 90 -35.37 23.92 39.94
C PRO D 90 -35.51 22.67 39.07
N VAL D 91 -34.58 22.49 38.13
CA VAL D 91 -34.66 21.41 37.16
C VAL D 91 -34.01 20.12 37.68
N VAL D 92 -34.71 19.01 37.52
CA VAL D 92 -34.19 17.71 37.91
C VAL D 92 -33.63 16.97 36.70
N ASP D 93 -34.34 17.03 35.58
CA ASP D 93 -33.90 16.40 34.34
C ASP D 93 -34.25 17.25 33.13
N VAL D 94 -33.47 17.13 32.06
CA VAL D 94 -33.65 17.97 30.88
C VAL D 94 -33.26 17.24 29.59
N ALA D 95 -34.00 17.52 28.52
CA ALA D 95 -33.70 16.98 27.20
C ALA D 95 -33.92 18.04 26.13
N CYS D 96 -33.45 17.76 24.91
CA CYS D 96 -33.57 18.72 23.82
C CYS D 96 -34.06 18.09 22.52
N GLY D 97 -34.77 18.88 21.73
CA GLY D 97 -35.19 18.47 20.40
C GLY D 97 -34.43 19.28 19.36
N TRP D 98 -34.85 19.19 18.10
CA TRP D 98 -34.18 19.92 17.02
C TRP D 98 -34.21 21.43 17.27
N ASP D 99 -35.30 21.92 17.84
CA ASP D 99 -35.41 23.33 18.20
C ASP D 99 -36.25 23.51 19.46
N THR D 100 -36.16 22.55 20.37
CA THR D 100 -36.97 22.55 21.58
C THR D 100 -36.17 22.16 22.82
N THR D 101 -36.69 22.54 23.99
CA THR D 101 -36.05 22.22 25.26
C THR D 101 -37.09 21.83 26.30
N VAL D 102 -37.02 20.58 26.76
CA VAL D 102 -37.98 20.07 27.74
C VAL D 102 -37.32 19.81 29.08
N ILE D 103 -37.91 20.34 30.15
CA ILE D 103 -37.37 20.17 31.50
C ILE D 103 -38.35 19.46 32.43
N VAL D 104 -37.83 18.89 33.51
CA VAL D 104 -38.64 18.26 34.53
C VAL D 104 -38.21 18.80 35.90
N ASP D 105 -39.09 19.57 36.54
CA ASP D 105 -38.74 20.23 37.79
C ASP D 105 -38.90 19.34 39.03
N ALA D 106 -38.59 19.91 40.19
CA ALA D 106 -38.65 19.17 41.45
C ALA D 106 -40.09 18.86 41.85
N ASP D 107 -41.03 19.71 41.40
CA ASP D 107 -42.44 19.53 41.71
C ASP D 107 -43.05 18.38 40.92
N GLY D 108 -42.31 17.89 39.92
CA GLY D 108 -42.75 16.78 39.11
C GLY D 108 -43.44 17.22 37.83
N ARG D 109 -43.37 18.51 37.54
CA ARG D 109 -44.01 19.07 36.36
C ARG D 109 -43.08 18.99 35.15
N VAL D 110 -43.67 18.83 33.97
CA VAL D 110 -42.89 18.76 32.74
C VAL D 110 -43.17 19.98 31.85
N TRP D 111 -42.16 20.81 31.66
CA TRP D 111 -42.30 22.03 30.88
C TRP D 111 -41.56 21.93 29.56
N GLN D 112 -42.04 22.64 28.55
CA GLN D 112 -41.43 22.61 27.22
C GLN D 112 -41.42 23.99 26.57
N ARG D 113 -40.25 24.37 26.05
CA ARG D 113 -40.12 25.62 25.31
C ARG D 113 -39.45 25.35 23.96
N GLY D 114 -39.48 26.33 23.07
CA GLY D 114 -38.85 26.21 21.77
C GLY D 114 -39.79 25.72 20.69
N GLY D 115 -39.27 25.57 19.48
CA GLY D 115 -40.05 25.09 18.36
C GLY D 115 -41.11 26.10 17.93
N GLY D 116 -40.89 27.36 18.26
CA GLY D 116 -41.84 28.41 17.95
C GLY D 116 -42.36 29.08 19.20
N CYS D 117 -42.45 28.31 20.29
CA CYS D 117 -42.91 28.84 21.57
C CYS D 117 -41.76 29.44 22.36
N TYR D 118 -41.86 30.73 22.65
CA TYR D 118 -40.83 31.44 23.40
C TYR D 118 -41.14 31.44 24.90
N GLU D 119 -42.07 30.60 25.31
CA GLU D 119 -42.47 30.52 26.72
C GLU D 119 -42.56 29.06 27.15
N PHE D 120 -42.18 28.78 28.38
CA PHE D 120 -42.27 27.43 28.92
C PHE D 120 -43.73 26.99 29.12
N THR D 121 -44.18 26.08 28.25
CA THR D 121 -45.54 25.57 28.35
C THR D 121 -45.55 24.20 29.01
N GLN D 122 -46.31 24.08 30.10
CA GLN D 122 -46.37 22.83 30.85
C GLN D 122 -47.01 21.70 30.05
N GLN D 123 -46.28 20.60 29.92
CA GLN D 123 -46.80 19.41 29.28
C GLN D 123 -47.52 18.53 30.30
N HIS D 124 -48.84 18.45 30.19
CA HIS D 124 -49.63 17.70 31.15
C HIS D 124 -49.61 16.20 30.87
N VAL D 125 -48.62 15.52 31.44
CA VAL D 125 -48.50 14.07 31.32
C VAL D 125 -48.95 13.40 32.61
N PRO D 126 -49.89 12.45 32.51
CA PRO D 126 -50.43 11.74 33.67
C PRO D 126 -49.34 10.96 34.43
N LEU D 127 -48.97 11.46 35.60
CA LEU D 127 -47.93 10.83 36.41
C LEU D 127 -48.37 10.63 37.85
N ASN D 128 -47.53 9.94 38.62
CA ASN D 128 -47.83 9.69 40.03
C ASN D 128 -47.21 10.73 40.96
N SER D 129 -47.38 10.54 42.26
CA SER D 129 -46.83 11.46 43.24
C SER D 129 -46.13 10.70 44.37
N ASN D 130 -44.98 10.11 44.05
CA ASN D 130 -44.21 9.35 45.02
C ASN D 130 -42.71 9.46 44.81
N ASP D 131 -41.97 8.45 45.28
CA ASP D 131 -40.51 8.46 45.20
C ASP D 131 -40.01 8.13 43.79
N GLU D 132 -40.90 7.59 42.96
CA GLU D 132 -40.56 7.24 41.59
C GLU D 132 -40.12 8.47 40.80
N ARG D 133 -38.84 8.53 40.48
CA ARG D 133 -38.28 9.67 39.76
C ARG D 133 -38.85 9.81 38.35
N ILE D 134 -38.92 11.06 37.89
CA ILE D 134 -39.46 11.35 36.57
C ILE D 134 -38.36 11.76 35.61
N ALA D 135 -38.07 10.90 34.64
CA ALA D 135 -37.00 11.15 33.68
C ALA D 135 -37.55 11.56 32.32
N VAL D 136 -36.81 12.42 31.62
CA VAL D 136 -37.21 12.87 30.29
C VAL D 136 -36.17 12.50 29.24
N TYR D 137 -36.63 12.11 28.06
CA TYR D 137 -35.75 11.79 26.95
C TYR D 137 -36.31 12.42 25.68
N GLY D 138 -35.42 12.84 24.78
CA GLY D 138 -35.86 13.49 23.56
C GLY D 138 -34.84 13.49 22.44
N CYS D 139 -35.36 13.52 21.21
CA CYS D 139 -34.52 13.58 20.01
C CYS D 139 -35.35 14.03 18.82
N PHE D 140 -34.77 14.88 17.99
CA PHE D 140 -35.42 15.38 16.78
C PHE D 140 -36.72 16.13 17.09
N GLN D 141 -37.85 15.51 16.77
CA GLN D 141 -39.16 16.15 16.96
C GLN D 141 -40.01 15.41 17.98
N ASN D 142 -39.40 14.56 18.79
CA ASN D 142 -40.13 13.78 19.78
C ASN D 142 -39.55 13.91 21.19
N PHE D 143 -40.38 13.62 22.18
CA PHE D 143 -39.96 13.63 23.58
C PHE D 143 -40.65 12.51 24.35
N VAL D 144 -39.95 11.98 25.35
CA VAL D 144 -40.47 10.86 26.14
C VAL D 144 -40.25 11.05 27.63
N VAL D 145 -41.32 10.90 28.41
CA VAL D 145 -41.25 10.99 29.85
C VAL D 145 -41.48 9.62 30.49
N VAL D 146 -40.53 9.17 31.29
CA VAL D 146 -40.60 7.85 31.90
C VAL D 146 -40.72 7.92 33.42
N GLN D 147 -41.77 7.30 33.95
CA GLN D 147 -41.94 7.20 35.40
C GLN D 147 -42.24 5.77 35.81
N GLY D 148 -41.28 5.15 36.50
CA GLY D 148 -41.45 3.79 36.99
C GLY D 148 -41.61 2.76 35.90
N THR D 149 -42.86 2.46 35.56
CA THR D 149 -43.16 1.42 34.57
C THR D 149 -43.70 2.03 33.28
N ARG D 150 -44.40 3.16 33.41
CA ARG D 150 -45.05 3.80 32.27
C ARG D 150 -44.07 4.61 31.43
N VAL D 151 -44.30 4.61 30.12
CA VAL D 151 -43.51 5.42 29.20
C VAL D 151 -44.43 6.26 28.31
N TYR D 152 -44.46 7.56 28.56
CA TYR D 152 -45.29 8.47 27.78
C TYR D 152 -44.46 9.20 26.74
N GLY D 153 -45.13 9.83 25.78
CA GLY D 153 -44.43 10.55 24.73
C GLY D 153 -45.35 11.34 23.82
N TRP D 154 -44.82 12.42 23.26
CA TRP D 154 -45.57 13.25 22.32
C TRP D 154 -44.68 13.71 21.18
N GLY D 155 -45.19 14.64 20.36
CA GLY D 155 -44.44 15.16 19.24
C GLY D 155 -44.85 14.54 17.92
N SER D 156 -43.86 14.28 17.07
CA SER D 156 -44.12 13.72 15.74
C SER D 156 -44.60 12.27 15.81
N ASN D 157 -45.18 11.80 14.70
CA ASN D 157 -45.68 10.43 14.62
C ASN D 157 -45.85 9.99 13.17
N THR D 158 -44.98 10.51 12.30
CA THR D 158 -45.05 10.19 10.87
C THR D 158 -44.59 8.75 10.60
N LYS D 159 -43.86 8.19 11.55
CA LYS D 159 -43.35 6.83 11.41
C LYS D 159 -43.90 5.91 12.50
N CYS D 160 -44.99 6.34 13.13
CA CYS D 160 -45.68 5.56 14.15
C CYS D 160 -44.78 5.22 15.34
N GLN D 161 -43.97 6.18 15.77
CA GLN D 161 -43.06 5.96 16.89
C GLN D 161 -43.78 6.07 18.24
N LEU D 162 -44.94 6.72 18.24
CA LEU D 162 -45.74 6.86 19.45
C LEU D 162 -46.89 5.84 19.46
N GLN D 163 -47.69 5.88 18.41
CA GLN D 163 -48.84 4.97 18.28
C GLN D 163 -49.24 4.79 16.82
N GLU D 164 -50.38 4.15 16.61
CA GLU D 164 -50.88 3.90 15.26
C GLU D 164 -52.27 4.51 15.07
N PRO D 165 -52.55 5.05 13.87
CA PRO D 165 -51.64 5.06 12.71
C PRO D 165 -50.80 6.32 12.64
N LYS D 166 -50.41 6.71 11.43
CA LYS D 166 -49.55 7.88 11.23
C LYS D 166 -50.27 9.19 11.58
N SER D 167 -49.51 10.13 12.12
CA SER D 167 -50.03 11.45 12.46
C SER D 167 -48.92 12.49 12.35
N ARG D 168 -49.25 13.68 11.88
CA ARG D 168 -48.24 14.71 11.69
C ARG D 168 -47.71 15.22 13.03
N SER D 169 -48.54 15.15 14.06
CA SER D 169 -48.17 15.63 15.38
C SER D 169 -49.16 15.19 16.45
N LEU D 170 -48.68 15.02 17.67
CA LEU D 170 -49.52 14.70 18.82
C LEU D 170 -49.19 15.63 19.97
N LYS D 171 -49.94 16.72 20.10
CA LYS D 171 -49.68 17.73 21.12
C LYS D 171 -49.82 17.20 22.53
N GLU D 172 -50.77 16.29 22.73
CA GLU D 172 -51.04 15.74 24.06
C GLU D 172 -50.35 14.39 24.28
N PRO D 173 -49.64 14.26 25.41
CA PRO D 173 -48.89 13.05 25.76
C PRO D 173 -49.74 11.79 25.79
N VAL D 174 -49.36 10.78 25.02
CA VAL D 174 -50.07 9.51 25.00
C VAL D 174 -49.19 8.40 25.55
N LEU D 175 -49.84 7.33 26.02
CA LEU D 175 -49.10 6.19 26.56
C LEU D 175 -48.42 5.41 25.43
N VAL D 176 -47.11 5.55 25.34
CA VAL D 176 -46.34 4.86 24.31
C VAL D 176 -46.28 3.37 24.58
N TYR D 177 -45.95 3.01 25.82
CA TYR D 177 -45.78 1.60 26.18
C TYR D 177 -45.77 1.41 27.70
N ASP D 178 -46.27 0.26 28.15
CA ASP D 178 -46.19 -0.14 29.55
C ASP D 178 -45.64 -1.55 29.62
N THR D 179 -44.75 -1.81 30.58
CA THR D 179 -44.02 -3.08 30.63
C THR D 179 -44.86 -4.37 30.73
N GLY D 180 -45.72 -4.53 31.75
CA GLY D 180 -45.94 -3.57 32.82
C GLY D 180 -45.44 -4.11 34.15
N SER D 181 -44.29 -4.76 34.12
CA SER D 181 -43.71 -5.35 35.33
C SER D 181 -42.40 -4.65 35.71
N VAL D 182 -41.32 -5.01 35.01
CA VAL D 182 -40.00 -4.45 35.28
C VAL D 182 -39.97 -2.95 34.97
N ALA D 183 -39.37 -2.18 35.87
CA ALA D 183 -39.26 -0.74 35.69
C ALA D 183 -38.39 -0.38 34.49
N VAL D 184 -38.78 0.67 33.79
CA VAL D 184 -38.03 1.14 32.61
C VAL D 184 -36.82 1.96 33.02
N ASP D 185 -35.64 1.54 32.58
CA ASP D 185 -34.41 2.22 32.91
C ASP D 185 -34.30 3.54 32.14
N TYR D 186 -34.38 3.45 30.82
CA TYR D 186 -34.26 4.62 29.96
C TYR D 186 -34.89 4.36 28.59
N VAL D 187 -34.92 5.41 27.77
CA VAL D 187 -35.43 5.29 26.41
C VAL D 187 -34.45 5.90 25.41
N ALA D 188 -33.81 5.05 24.62
CA ALA D 188 -32.88 5.52 23.60
C ALA D 188 -33.63 5.92 22.34
N MET D 189 -33.49 7.18 21.96
CA MET D 189 -34.28 7.74 20.86
C MET D 189 -33.45 8.14 19.65
N GLY D 190 -33.89 7.72 18.48
CA GLY D 190 -33.29 8.16 17.22
C GLY D 190 -34.12 9.26 16.61
N LYS D 191 -33.97 9.47 15.31
CA LYS D 191 -34.73 10.50 14.61
C LYS D 191 -36.22 10.18 14.59
N ASP D 192 -36.56 9.10 13.88
CA ASP D 192 -37.95 8.70 13.73
C ASP D 192 -38.23 7.30 14.27
N PHE D 193 -37.52 6.93 15.33
CA PHE D 193 -37.79 5.66 16.00
C PHE D 193 -37.52 5.74 17.50
N MET D 194 -37.68 4.62 18.20
CA MET D 194 -37.60 4.62 19.66
C MET D 194 -37.29 3.22 20.19
N VAL D 195 -36.42 3.16 21.20
CA VAL D 195 -36.07 1.90 21.84
C VAL D 195 -36.16 2.00 23.36
N ILE D 196 -36.97 1.14 23.97
CA ILE D 196 -37.18 1.16 25.40
C ILE D 196 -36.39 0.04 26.10
N VAL D 197 -35.63 0.40 27.13
CA VAL D 197 -34.81 -0.56 27.84
C VAL D 197 -35.15 -0.58 29.33
N ASP D 198 -35.26 -1.78 29.91
CA ASP D 198 -35.55 -1.93 31.32
C ASP D 198 -34.28 -1.94 32.18
N GLU D 199 -34.44 -2.15 33.48
CA GLU D 199 -33.32 -2.16 34.40
C GLU D 199 -32.53 -3.47 34.34
N GLY D 200 -33.01 -4.40 33.52
CA GLY D 200 -32.32 -5.67 33.34
C GLY D 200 -31.45 -5.66 32.11
N GLY D 201 -31.44 -4.54 31.40
CA GLY D 201 -30.66 -4.41 30.18
C GLY D 201 -31.31 -5.10 29.01
N ARG D 202 -32.63 -5.23 29.07
CA ARG D 202 -33.38 -5.88 28.00
C ARG D 202 -34.19 -4.86 27.20
N ILE D 203 -34.23 -5.06 25.89
CA ILE D 203 -35.08 -4.23 25.04
C ILE D 203 -36.53 -4.68 25.18
N VAL D 204 -37.34 -3.86 25.84
CA VAL D 204 -38.72 -4.23 26.12
C VAL D 204 -39.63 -3.92 24.94
N HIS D 205 -39.39 -2.79 24.28
CA HIS D 205 -40.22 -2.38 23.15
C HIS D 205 -39.48 -1.45 22.20
N ALA D 206 -39.81 -1.53 20.91
CA ALA D 206 -39.24 -0.65 19.91
C ALA D 206 -40.32 -0.20 18.93
N SER D 207 -40.29 1.08 18.56
CA SER D 207 -41.28 1.63 17.64
C SER D 207 -40.62 2.55 16.62
N GLY D 208 -41.40 2.99 15.64
CA GLY D 208 -40.89 3.91 14.62
C GLY D 208 -40.11 3.23 13.52
N ARG D 209 -39.53 4.02 12.64
CA ARG D 209 -38.74 3.50 11.54
C ARG D 209 -37.37 3.02 12.03
N LEU D 210 -37.29 1.74 12.35
CA LEU D 210 -36.04 1.15 12.80
C LEU D 210 -35.09 0.97 11.62
N PRO D 211 -33.80 1.25 11.84
CA PRO D 211 -32.78 1.11 10.77
C PRO D 211 -32.62 -0.34 10.33
N THR D 212 -32.07 -0.53 9.13
CA THR D 212 -31.91 -1.87 8.57
C THR D 212 -30.94 -2.72 9.38
N GLY D 213 -31.16 -4.04 9.38
CA GLY D 213 -30.30 -4.96 10.07
C GLY D 213 -30.76 -5.25 11.50
N PHE D 214 -31.53 -4.34 12.06
CA PHE D 214 -32.00 -4.49 13.44
C PHE D 214 -33.27 -5.33 13.50
N GLU D 215 -33.15 -6.55 14.01
CA GLU D 215 -34.29 -7.44 14.17
C GLU D 215 -34.75 -7.46 15.61
N LEU D 216 -35.82 -6.72 15.89
CA LEU D 216 -36.33 -6.54 17.26
C LEU D 216 -36.60 -7.85 17.99
N LYS D 217 -37.22 -8.80 17.30
CA LYS D 217 -37.57 -10.09 17.91
C LYS D 217 -36.33 -10.84 18.40
N GLN D 218 -35.25 -10.75 17.64
CA GLN D 218 -34.00 -11.43 17.99
C GLN D 218 -33.25 -10.70 19.10
N GLN D 219 -33.49 -9.40 19.23
CA GLN D 219 -32.77 -8.59 20.20
C GLN D 219 -33.42 -8.61 21.59
N GLN D 220 -34.71 -8.91 21.63
CA GLN D 220 -35.44 -8.97 22.89
C GLN D 220 -35.08 -10.22 23.68
N LYS D 221 -34.43 -11.17 23.02
CA LYS D 221 -34.00 -12.41 23.66
C LYS D 221 -32.63 -12.24 24.30
N ARG D 222 -32.13 -11.01 24.32
CA ARG D 222 -30.82 -10.73 24.86
C ARG D 222 -30.91 -9.91 26.15
N HIS D 223 -29.95 -10.11 27.04
CA HIS D 223 -29.97 -9.45 28.34
C HIS D 223 -28.68 -8.68 28.60
N ASN D 224 -28.72 -7.79 29.59
CA ASN D 224 -27.57 -6.96 29.97
C ASN D 224 -27.00 -6.16 28.80
N LEU D 225 -27.86 -5.38 28.14
CA LEU D 225 -27.43 -4.56 27.01
C LEU D 225 -27.57 -3.07 27.31
N VAL D 226 -26.73 -2.27 26.67
CA VAL D 226 -26.84 -0.82 26.74
C VAL D 226 -27.12 -0.29 25.34
N VAL D 227 -28.25 0.38 25.18
CA VAL D 227 -28.69 0.85 23.87
C VAL D 227 -28.46 2.34 23.66
N LEU D 228 -27.63 2.67 22.68
CA LEU D 228 -27.41 4.06 22.30
C LEU D 228 -28.00 4.29 20.92
N CYS D 229 -28.44 5.50 20.64
CA CYS D 229 -29.09 5.80 19.37
C CYS D 229 -28.56 7.05 18.69
N MET D 230 -28.14 6.90 17.44
CA MET D 230 -27.87 8.04 16.58
C MET D 230 -29.15 8.34 15.82
N TRP D 231 -29.12 9.30 14.90
CA TRP D 231 -30.30 9.66 14.14
C TRP D 231 -30.86 8.51 13.30
N THR D 232 -29.97 7.78 12.63
CA THR D 232 -30.39 6.70 11.74
C THR D 232 -29.67 5.39 12.01
N SER D 233 -29.36 5.10 13.27
CA SER D 233 -28.69 3.87 13.64
C SER D 233 -28.83 3.52 15.12
N ILE D 234 -28.75 2.23 15.42
CA ILE D 234 -28.79 1.74 16.80
C ILE D 234 -27.46 1.08 17.15
N HIS D 235 -26.99 1.32 18.38
CA HIS D 235 -25.70 0.79 18.79
C HIS D 235 -25.78 0.05 20.13
N LEU D 236 -25.50 -1.24 20.10
CA LEU D 236 -25.58 -2.08 21.30
C LEU D 236 -24.22 -2.27 21.95
N TRP D 237 -24.12 -1.87 23.22
CA TRP D 237 -22.90 -2.04 24.00
C TRP D 237 -22.95 -3.36 24.76
N ASN D 238 -22.28 -4.37 24.21
CA ASN D 238 -22.19 -5.67 24.88
C ASN D 238 -21.01 -5.68 25.85
N ALA D 239 -21.30 -5.50 27.13
CA ALA D 239 -20.27 -5.42 28.15
C ALA D 239 -19.51 -6.72 28.33
N ARG D 240 -20.19 -7.85 28.13
CA ARG D 240 -19.58 -9.16 28.29
C ARG D 240 -18.55 -9.42 27.19
N LEU D 241 -18.89 -9.06 25.96
CA LEU D 241 -18.00 -9.26 24.83
C LEU D 241 -17.05 -8.09 24.65
N ASN D 242 -17.30 -7.02 25.40
CA ASN D 242 -16.52 -5.78 25.31
C ASN D 242 -16.44 -5.24 23.89
N THR D 243 -17.60 -4.87 23.34
CA THR D 243 -17.68 -4.34 21.99
C THR D 243 -18.99 -3.61 21.77
N VAL D 244 -19.07 -2.86 20.67
CA VAL D 244 -20.29 -2.15 20.33
C VAL D 244 -20.90 -2.67 19.03
N GLU D 245 -22.06 -3.30 19.13
CA GLU D 245 -22.77 -3.81 17.97
C GLU D 245 -23.62 -2.71 17.36
N SER D 246 -23.39 -2.42 16.08
CA SER D 246 -24.09 -1.32 15.41
C SER D 246 -24.99 -1.80 14.28
N PHE D 247 -26.10 -1.10 14.08
CA PHE D 247 -27.05 -1.41 13.02
C PHE D 247 -27.48 -0.14 12.30
N GLY D 248 -27.16 -0.06 11.02
CA GLY D 248 -27.51 1.10 10.22
C GLY D 248 -26.85 1.07 8.86
N ARG D 249 -27.15 2.08 8.03
CA ARG D 249 -26.58 2.16 6.70
C ARG D 249 -25.07 2.38 6.78
N GLY D 250 -24.65 3.18 7.75
CA GLY D 250 -23.24 3.43 7.99
C GLY D 250 -22.53 4.06 6.81
N THR D 251 -23.18 5.04 6.18
CA THR D 251 -22.63 5.70 5.02
C THR D 251 -21.37 6.49 5.36
N HIS D 252 -21.29 6.97 6.59
CA HIS D 252 -20.14 7.74 7.03
C HIS D 252 -19.48 7.13 8.27
N SER D 253 -19.28 5.82 8.22
CA SER D 253 -18.56 5.08 9.27
C SER D 253 -19.21 5.15 10.65
N GLN D 254 -20.53 5.30 10.67
CA GLN D 254 -21.25 5.31 11.94
C GLN D 254 -21.20 3.94 12.60
N LEU D 255 -21.14 2.89 11.78
CA LEU D 255 -21.06 1.53 12.28
C LEU D 255 -19.74 1.30 13.00
N PHE D 256 -19.83 0.87 14.26
CA PHE D 256 -18.66 0.62 15.09
C PHE D 256 -17.77 -0.46 14.46
N PRO D 257 -16.45 -0.26 14.48
CA PRO D 257 -15.51 -1.27 13.96
C PRO D 257 -15.62 -2.56 14.76
N GLN D 258 -16.21 -3.58 14.14
CA GLN D 258 -16.50 -4.84 14.83
C GLN D 258 -15.27 -5.69 15.13
N GLU D 259 -14.28 -5.08 15.77
CA GLU D 259 -13.10 -5.78 16.23
C GLU D 259 -13.08 -5.74 17.75
N ARG D 260 -12.64 -6.83 18.38
CA ARG D 260 -12.60 -6.90 19.83
C ARG D 260 -11.57 -5.93 20.39
N LEU D 261 -12.03 -5.04 21.27
CA LEU D 261 -11.15 -4.07 21.89
C LEU D 261 -10.35 -4.69 23.04
N ASP D 262 -9.07 -4.34 23.12
CA ASP D 262 -8.24 -4.77 24.24
C ASP D 262 -8.58 -3.92 25.46
N PHE D 263 -8.65 -2.61 25.27
CA PHE D 263 -9.05 -1.70 26.32
C PHE D 263 -10.51 -1.94 26.73
N PRO D 264 -10.75 -2.04 28.05
CA PRO D 264 -12.10 -2.26 28.59
C PRO D 264 -12.99 -1.03 28.42
N ILE D 265 -14.11 -1.21 27.72
CA ILE D 265 -15.07 -0.13 27.54
C ILE D 265 -15.74 0.22 28.86
N VAL D 266 -15.66 1.49 29.26
CA VAL D 266 -16.24 1.92 30.53
C VAL D 266 -17.39 2.91 30.32
N GLY D 267 -17.57 3.37 29.09
CA GLY D 267 -18.64 4.31 28.78
C GLY D 267 -18.85 4.52 27.29
N VAL D 268 -20.11 4.64 26.89
CA VAL D 268 -20.46 4.88 25.49
C VAL D 268 -21.51 5.97 25.36
N ALA D 269 -21.27 6.94 24.48
CA ALA D 269 -22.23 7.99 24.20
C ALA D 269 -22.32 8.23 22.70
N THR D 270 -23.46 8.73 22.24
CA THR D 270 -23.68 8.97 20.82
C THR D 270 -24.28 10.33 20.54
N GLY D 271 -23.75 11.00 19.52
CA GLY D 271 -24.32 12.26 19.04
C GLY D 271 -25.38 11.98 18.00
N SER D 272 -25.60 12.94 17.10
CA SER D 272 -26.58 12.78 16.04
C SER D 272 -26.13 11.72 15.03
N GLU D 273 -24.84 11.77 14.66
CA GLU D 273 -24.29 10.83 13.68
C GLU D 273 -22.86 10.40 14.00
N HIS D 274 -22.45 10.56 15.25
CA HIS D 274 -21.11 10.12 15.66
C HIS D 274 -21.15 9.49 17.04
N GLY D 275 -20.20 8.59 17.30
CA GLY D 275 -20.14 7.89 18.57
C GLY D 275 -18.97 8.33 19.42
N ILE D 276 -19.15 8.30 20.73
CA ILE D 276 -18.10 8.68 21.67
C ILE D 276 -17.81 7.54 22.63
N LEU D 277 -16.59 7.01 22.54
CA LEU D 277 -16.23 5.82 23.33
C LEU D 277 -15.22 6.14 24.43
N THR D 278 -15.52 5.69 25.64
CA THR D 278 -14.61 5.87 26.77
C THR D 278 -14.10 4.52 27.24
N THR D 279 -12.79 4.34 27.20
CA THR D 279 -12.16 3.09 27.61
C THR D 279 -11.18 3.29 28.76
N ALA D 280 -10.74 2.18 29.36
CA ALA D 280 -9.79 2.24 30.45
C ALA D 280 -8.38 1.90 29.97
N ASN D 281 -7.42 2.75 30.33
CA ASN D 281 -6.02 2.51 29.98
C ASN D 281 -5.23 2.15 31.23
N GLN D 282 -4.94 0.86 31.40
CA GLN D 282 -4.30 0.39 32.61
C GLN D 282 -2.83 0.01 32.40
N GLU D 283 -2.26 0.44 31.29
CA GLU D 283 -0.82 0.31 31.08
C GLU D 283 -0.09 1.41 31.84
N GLY D 284 1.13 1.13 32.27
CA GLY D 284 1.89 2.07 33.07
C GLY D 284 1.43 2.08 34.51
N LYS D 285 2.10 2.86 35.35
CA LYS D 285 1.78 2.93 36.77
C LYS D 285 0.39 3.53 37.01
N SER D 286 0.10 4.62 36.32
CA SER D 286 -1.16 5.34 36.51
C SER D 286 -2.26 4.85 35.59
N HIS D 287 -3.39 4.47 36.19
CA HIS D 287 -4.56 4.07 35.42
C HIS D 287 -5.32 5.31 34.94
N CYS D 288 -5.41 5.48 33.63
CA CYS D 288 -6.13 6.60 33.06
C CYS D 288 -7.26 6.14 32.14
N TYR D 289 -7.90 7.08 31.47
CA TYR D 289 -9.03 6.78 30.61
C TYR D 289 -8.87 7.41 29.23
N ASN D 290 -9.08 6.61 28.19
CA ASN D 290 -9.02 7.12 26.82
C ASN D 290 -10.41 7.39 26.26
N VAL D 291 -10.55 8.49 25.54
CA VAL D 291 -11.81 8.83 24.90
C VAL D 291 -11.67 8.77 23.37
N TYR D 292 -12.45 7.90 22.75
CA TYR D 292 -12.41 7.74 21.30
C TYR D 292 -13.68 8.24 20.64
N CYS D 293 -13.56 8.61 19.37
CA CYS D 293 -14.72 9.03 18.58
C CYS D 293 -14.73 8.32 17.24
N TRP D 294 -15.91 7.95 16.78
CA TRP D 294 -16.04 7.30 15.48
C TRP D 294 -17.28 7.81 14.75
N GLY D 295 -17.30 7.66 13.43
CA GLY D 295 -18.44 8.07 12.64
C GLY D 295 -18.23 9.38 11.90
N TRP D 296 -19.33 9.95 11.43
CA TRP D 296 -19.29 11.20 10.67
C TRP D 296 -18.86 12.37 11.54
N GLY D 297 -17.63 12.83 11.33
CA GLY D 297 -17.09 13.94 12.09
C GLY D 297 -16.26 14.89 11.26
N GLU D 298 -16.85 15.42 10.19
CA GLU D 298 -16.16 16.37 9.32
C GLU D 298 -16.16 17.76 9.92
N HIS D 299 -16.91 17.93 11.00
CA HIS D 299 -16.93 19.19 11.73
C HIS D 299 -15.93 19.17 12.88
N GLY D 300 -15.10 18.12 12.90
CA GLY D 300 -14.06 18.00 13.91
C GLY D 300 -14.53 17.36 15.19
N ASN D 301 -15.81 16.97 15.23
CA ASN D 301 -16.39 16.37 16.43
C ASN D 301 -15.83 14.97 16.73
N CYS D 302 -15.09 14.41 15.77
CA CYS D 302 -14.44 13.12 15.98
C CYS D 302 -12.95 13.29 16.22
N GLY D 303 -12.47 14.52 16.08
CA GLY D 303 -11.05 14.81 16.27
C GLY D 303 -10.47 15.56 15.08
N PRO D 304 -9.15 15.75 15.07
CA PRO D 304 -8.42 16.43 14.00
C PRO D 304 -8.67 15.81 12.62
N GLN D 305 -8.88 14.50 12.57
CA GLN D 305 -9.20 13.82 11.32
C GLN D 305 -10.68 13.99 11.00
N LYS D 306 -10.98 14.78 9.97
CA LYS D 306 -12.35 15.11 9.62
C LYS D 306 -12.78 14.43 8.33
N GLY D 307 -12.08 13.38 7.95
CA GLY D 307 -12.37 12.66 6.72
C GLY D 307 -13.45 11.61 6.88
N SER D 308 -13.96 11.48 8.10
CA SER D 308 -14.99 10.48 8.43
C SER D 308 -14.56 9.06 8.06
N GLN D 309 -13.28 8.76 8.28
CA GLN D 309 -12.75 7.44 8.00
C GLN D 309 -13.14 6.47 9.10
N PRO D 310 -13.36 5.19 8.75
CA PRO D 310 -13.77 4.17 9.72
C PRO D 310 -12.71 3.92 10.80
N GLY D 311 -13.15 3.59 12.00
CA GLY D 311 -12.24 3.31 13.09
C GLY D 311 -12.38 4.29 14.24
N LEU D 312 -11.69 4.01 15.35
CA LEU D 312 -11.71 4.87 16.52
C LEU D 312 -10.64 5.94 16.42
N GLN D 313 -10.98 7.16 16.83
CA GLN D 313 -10.01 8.26 16.83
C GLN D 313 -9.80 8.80 18.25
N LEU D 314 -8.55 8.75 18.71
CA LEU D 314 -8.21 9.20 20.06
C LEU D 314 -8.20 10.72 20.16
N VAL D 315 -8.96 11.25 21.12
CA VAL D 315 -9.07 12.69 21.28
C VAL D 315 -8.52 13.21 22.61
N GLY D 316 -8.22 12.29 23.53
CA GLY D 316 -7.65 12.70 24.81
C GLY D 316 -7.58 11.64 25.89
N GLN D 317 -6.60 11.79 26.78
CA GLN D 317 -6.47 10.94 27.95
C GLN D 317 -6.77 11.74 29.21
N TYR D 318 -7.39 11.09 30.19
CA TYR D 318 -7.81 11.79 31.42
C TYR D 318 -7.56 10.95 32.67
N SER D 319 -7.27 11.64 33.77
CA SER D 319 -6.93 10.99 35.04
C SER D 319 -8.11 10.22 35.62
N GLY D 320 -9.29 10.85 35.62
CA GLY D 320 -10.49 10.22 36.12
C GLY D 320 -11.48 9.93 35.01
N LYS D 321 -12.46 9.07 35.30
CA LYS D 321 -13.48 8.72 34.31
C LYS D 321 -14.39 9.90 34.02
N PRO D 322 -14.37 10.39 32.77
CA PRO D 322 -15.16 11.56 32.38
C PRO D 322 -16.57 11.20 31.92
N ARG D 323 -17.48 12.17 31.98
CA ARG D 323 -18.81 12.00 31.42
C ARG D 323 -18.84 12.57 30.02
N VAL D 324 -19.17 11.73 29.04
CA VAL D 324 -19.26 12.19 27.66
C VAL D 324 -20.71 12.35 27.22
N PHE D 325 -20.95 13.37 26.39
CA PHE D 325 -22.29 13.63 25.89
C PHE D 325 -22.25 13.92 24.39
N GLY D 326 -23.27 13.46 23.68
CA GLY D 326 -23.34 13.67 22.24
C GLY D 326 -24.17 14.87 21.87
N GLY D 327 -24.16 15.21 20.58
CA GLY D 327 -24.92 16.33 20.07
C GLY D 327 -24.91 16.35 18.55
N CYS D 328 -25.57 17.33 17.97
CA CYS D 328 -25.58 17.47 16.52
C CYS D 328 -24.20 17.91 16.02
N ALA D 329 -23.36 16.92 15.68
CA ALA D 329 -21.99 17.15 15.25
C ALA D 329 -21.16 17.88 16.30
N THR D 330 -21.51 17.66 17.57
CA THR D 330 -20.78 18.24 18.69
C THR D 330 -20.44 17.17 19.72
N THR D 331 -19.29 17.30 20.36
CA THR D 331 -18.85 16.35 21.37
C THR D 331 -18.54 17.06 22.69
N TRP D 332 -19.06 16.51 23.79
CA TRP D 332 -18.87 17.11 25.10
C TRP D 332 -18.17 16.16 26.06
N ILE D 333 -17.10 16.63 26.71
CA ILE D 333 -16.38 15.84 27.69
C ILE D 333 -16.35 16.56 29.04
N VAL D 334 -16.95 15.92 30.04
CA VAL D 334 -17.03 16.51 31.38
C VAL D 334 -16.22 15.72 32.39
N LEU D 335 -15.26 16.38 33.03
CA LEU D 335 -14.40 15.72 34.02
C LEU D 335 -14.27 16.56 35.28
N GLY D 336 -14.25 15.89 36.43
CA GLY D 336 -14.13 16.56 37.71
C GLY D 336 -12.74 17.09 37.97
N ALA E 2 -15.01 15.72 4.47
CA ALA E 2 -15.41 15.12 3.21
C ALA E 2 -14.21 14.83 2.33
N MET E 3 -13.89 13.55 2.18
CA MET E 3 -12.74 13.13 1.37
C MET E 3 -12.85 11.67 0.95
N SER E 4 -12.59 11.41 -0.32
CA SER E 4 -12.58 10.05 -0.84
C SER E 4 -11.17 9.46 -0.81
N CYS E 5 -11.05 8.24 -0.29
CA CYS E 5 -9.76 7.55 -0.25
C CYS E 5 -9.58 6.68 -1.49
N VAL E 6 -8.73 7.12 -2.40
CA VAL E 6 -8.50 6.40 -3.65
C VAL E 6 -7.22 5.58 -3.61
N TYR E 7 -7.37 4.26 -3.69
CA TYR E 7 -6.23 3.35 -3.76
C TYR E 7 -5.98 2.95 -5.21
N ALA E 8 -4.71 2.78 -5.58
CA ALA E 8 -4.37 2.44 -6.95
C ALA E 8 -3.08 1.62 -7.04
N PHE E 9 -3.08 0.62 -7.92
CA PHE E 9 -1.91 -0.20 -8.16
C PHE E 9 -1.98 -0.88 -9.53
N GLY E 10 -0.83 -1.27 -10.05
CA GLY E 10 -0.77 -1.92 -11.35
C GLY E 10 0.28 -1.28 -12.26
N SER E 11 0.00 -1.27 -13.56
CA SER E 11 0.91 -0.69 -14.54
C SER E 11 1.05 0.81 -14.35
N ASN E 12 2.28 1.28 -14.20
CA ASN E 12 2.53 2.69 -13.91
C ASN E 12 3.63 3.26 -14.80
N GLY E 13 3.75 2.74 -16.01
CA GLY E 13 4.81 3.14 -16.93
C GLY E 13 4.75 4.59 -17.36
N GLN E 14 3.57 5.20 -17.24
CA GLN E 14 3.39 6.59 -17.63
C GLN E 14 2.82 7.43 -16.49
N ARG E 15 3.08 6.99 -15.26
CA ARG E 15 2.62 7.69 -14.06
C ARG E 15 1.10 7.85 -14.02
N GLN E 16 0.38 6.91 -14.62
CA GLN E 16 -1.08 6.98 -14.68
C GLN E 16 -1.74 6.67 -13.33
N LEU E 17 -0.94 6.16 -12.39
CA LEU E 17 -1.45 5.86 -11.06
C LEU E 17 -1.59 7.13 -10.22
N GLY E 18 -0.91 8.18 -10.64
CA GLY E 18 -0.95 9.45 -9.91
C GLY E 18 -0.22 9.34 -8.58
N LEU E 19 0.95 8.71 -8.59
CA LEU E 19 1.74 8.52 -7.39
C LEU E 19 3.04 9.30 -7.45
N GLY E 20 3.31 9.90 -8.61
CA GLY E 20 4.52 10.67 -8.80
C GLY E 20 5.60 9.89 -9.53
N HIS E 21 5.89 8.69 -9.04
CA HIS E 21 6.89 7.83 -9.66
C HIS E 21 6.31 7.06 -10.84
N ASP E 22 7.15 6.27 -11.50
CA ASP E 22 6.70 5.47 -12.64
C ASP E 22 6.96 3.98 -12.44
N GLU E 23 7.06 3.56 -11.19
CA GLU E 23 7.28 2.14 -10.88
C GLU E 23 5.96 1.41 -10.71
N ASP E 24 5.87 0.21 -11.28
CA ASP E 24 4.67 -0.60 -11.18
C ASP E 24 4.46 -1.10 -9.75
N MET E 25 3.22 -0.99 -9.26
CA MET E 25 2.91 -1.36 -7.89
C MET E 25 2.07 -2.63 -7.83
N ASP E 26 2.32 -3.46 -6.82
CA ASP E 26 1.55 -4.69 -6.63
C ASP E 26 0.66 -4.63 -5.39
N THR E 27 0.72 -3.51 -4.67
CA THR E 27 -0.10 -3.30 -3.50
C THR E 27 -0.74 -1.91 -3.54
N PRO E 28 -2.02 -1.81 -3.11
CA PRO E 28 -2.80 -0.57 -3.15
C PRO E 28 -2.09 0.64 -2.55
N GLN E 29 -1.79 1.62 -3.39
CA GLN E 29 -1.16 2.86 -2.95
C GLN E 29 -2.22 3.97 -2.94
N ARG E 30 -2.20 4.79 -1.89
CA ARG E 30 -3.12 5.92 -1.79
C ARG E 30 -2.77 6.98 -2.83
N SER E 31 -3.63 7.13 -3.84
CA SER E 31 -3.44 8.17 -4.85
C SER E 31 -4.17 9.43 -4.43
N VAL E 32 -3.42 10.51 -4.24
CA VAL E 32 -3.99 11.76 -3.73
C VAL E 32 -3.93 12.89 -4.76
N PRO E 33 -5.10 13.37 -5.20
CA PRO E 33 -5.22 14.47 -6.16
C PRO E 33 -4.79 15.80 -5.55
N GLY E 34 -3.52 16.14 -5.70
CA GLY E 34 -2.99 17.39 -5.18
C GLY E 34 -3.07 17.47 -3.67
N ASP E 35 -3.61 18.57 -3.16
CA ASP E 35 -3.77 18.77 -1.73
C ASP E 35 -5.21 18.56 -1.30
N ILE E 39 -13.90 14.50 -3.09
CA ILE E 39 -14.89 13.45 -3.30
C ILE E 39 -14.87 12.96 -4.74
N VAL E 40 -14.58 11.68 -4.93
CA VAL E 40 -14.52 11.08 -6.26
C VAL E 40 -15.78 10.25 -6.54
N ARG E 41 -16.37 10.47 -7.71
CA ARG E 41 -17.59 9.76 -8.10
C ARG E 41 -17.29 8.60 -9.05
N LYS E 42 -16.44 8.85 -10.04
CA LYS E 42 -16.16 7.86 -11.07
C LYS E 42 -14.73 7.97 -11.58
N ILE E 43 -14.12 6.83 -11.88
CA ILE E 43 -12.77 6.79 -12.43
C ILE E 43 -12.76 6.12 -13.81
N ALA E 44 -12.22 6.81 -14.80
CA ALA E 44 -12.10 6.25 -16.15
C ALA E 44 -10.64 6.13 -16.54
N CYS E 45 -10.28 4.99 -17.13
CA CYS E 45 -8.88 4.72 -17.48
C CYS E 45 -8.70 4.45 -18.96
N GLY E 46 -7.59 4.93 -19.51
CA GLY E 46 -7.24 4.69 -20.89
C GLY E 46 -6.08 3.73 -21.01
N GLY E 47 -5.35 3.83 -22.11
CA GLY E 47 -4.19 2.98 -22.33
C GLY E 47 -3.07 3.27 -21.34
N ASN E 48 -2.64 4.53 -21.30
CA ASN E 48 -1.56 4.93 -20.41
C ASN E 48 -1.88 6.21 -19.63
N HIS E 49 -3.17 6.54 -19.57
CA HIS E 49 -3.60 7.73 -18.84
C HIS E 49 -4.83 7.43 -17.99
N SER E 50 -5.03 8.24 -16.94
CA SER E 50 -6.15 8.04 -16.03
C SER E 50 -6.97 9.32 -15.89
N VAL E 51 -8.29 9.16 -15.77
CA VAL E 51 -9.19 10.29 -15.60
C VAL E 51 -10.06 10.09 -14.36
N MET E 52 -10.12 11.11 -13.51
CA MET E 52 -10.84 11.02 -12.25
C MET E 52 -11.92 12.11 -12.13
N LEU E 53 -13.17 11.68 -12.06
CA LEU E 53 -14.30 12.60 -11.97
C LEU E 53 -14.73 12.82 -10.52
N THR E 54 -14.96 14.09 -10.17
CA THR E 54 -15.38 14.44 -8.81
C THR E 54 -16.86 14.79 -8.77
N ASN E 55 -17.39 14.92 -7.56
CA ASN E 55 -18.82 15.22 -7.37
C ASN E 55 -19.24 16.59 -7.85
N ASP E 56 -18.34 17.57 -7.76
CA ASP E 56 -18.65 18.93 -8.16
C ASP E 56 -18.58 19.12 -9.68
N GLY E 57 -18.22 18.06 -10.39
CA GLY E 57 -18.23 18.07 -11.83
C GLY E 57 -16.88 18.40 -12.46
N ASN E 58 -15.81 18.23 -11.70
CA ASN E 58 -14.47 18.53 -12.19
C ASN E 58 -13.67 17.28 -12.55
N LEU E 59 -12.86 17.38 -13.60
CA LEU E 59 -12.01 16.28 -14.02
C LEU E 59 -10.55 16.53 -13.70
N VAL E 60 -9.93 15.58 -13.02
CA VAL E 60 -8.50 15.64 -12.74
C VAL E 60 -7.82 14.39 -13.29
N GLY E 61 -6.83 14.58 -14.15
CA GLY E 61 -6.18 13.47 -14.82
C GLY E 61 -4.67 13.47 -14.72
N CYS E 62 -4.08 12.31 -15.02
CA CYS E 62 -2.63 12.15 -15.02
C CYS E 62 -2.24 11.00 -15.95
N GLY E 63 -1.03 11.05 -16.47
CA GLY E 63 -0.55 10.00 -17.35
C GLY E 63 0.01 10.51 -18.66
N ASP E 64 -0.01 9.65 -19.68
CA ASP E 64 0.53 9.98 -20.99
C ASP E 64 -0.28 11.08 -21.66
N ASN E 65 0.40 11.94 -22.41
CA ASN E 65 -0.27 13.04 -23.09
C ASN E 65 0.29 13.24 -24.51
N ARG E 66 0.92 12.20 -25.03
CA ARG E 66 1.51 12.26 -26.37
C ARG E 66 0.46 12.17 -27.47
N ARG E 67 -0.80 11.96 -27.07
CA ARG E 67 -1.90 11.91 -28.02
C ARG E 67 -2.93 12.99 -27.68
N GLY E 68 -2.68 13.72 -26.60
CA GLY E 68 -3.56 14.79 -26.17
C GLY E 68 -4.74 14.29 -25.36
N GLU E 69 -4.52 13.28 -24.54
CA GLU E 69 -5.57 12.68 -23.74
C GLU E 69 -5.99 13.58 -22.58
N LEU E 70 -5.11 14.49 -22.17
CA LEU E 70 -5.35 15.31 -20.99
C LEU E 70 -5.18 16.81 -21.27
N ASP E 71 -3.93 17.27 -21.23
CA ASP E 71 -3.64 18.69 -21.41
C ASP E 71 -3.61 19.08 -22.88
N SER E 72 -3.98 20.32 -23.17
CA SER E 72 -4.07 20.80 -24.54
C SER E 72 -2.71 21.14 -25.13
N ALA E 73 -1.73 21.43 -24.27
CA ALA E 73 -0.39 21.76 -24.73
C ALA E 73 0.29 20.57 -25.39
N GLN E 74 0.70 20.74 -26.63
CA GLN E 74 1.33 19.67 -27.39
C GLN E 74 2.76 19.39 -26.93
N ALA E 75 3.37 20.38 -26.29
CA ALA E 75 4.74 20.24 -25.80
C ALA E 75 4.81 19.35 -24.57
N LEU E 76 3.66 19.13 -23.94
CA LEU E 76 3.59 18.30 -22.74
C LEU E 76 3.36 16.83 -23.10
N ARG E 77 4.44 16.06 -23.12
CA ARG E 77 4.37 14.65 -23.49
C ARG E 77 3.80 13.78 -22.38
N GLN E 78 3.86 14.27 -21.15
CA GLN E 78 3.43 13.48 -20.00
C GLN E 78 3.03 14.35 -18.82
N VAL E 79 1.94 13.99 -18.17
CA VAL E 79 1.44 14.75 -17.03
C VAL E 79 1.92 14.16 -15.71
N HIS E 80 2.89 14.83 -15.09
CA HIS E 80 3.40 14.41 -13.79
C HIS E 80 2.41 14.78 -12.69
N ASP E 81 1.99 13.78 -11.92
CA ASP E 81 1.04 13.95 -10.82
C ASP E 81 -0.34 14.45 -11.28
N TRP E 82 -1.27 14.48 -10.34
CA TRP E 82 -2.65 14.87 -10.64
C TRP E 82 -2.79 16.34 -11.04
N ARG E 83 -3.29 16.56 -12.25
CA ARG E 83 -3.54 17.90 -12.74
C ARG E 83 -4.96 18.00 -13.31
N PRO E 84 -5.63 19.14 -13.06
CA PRO E 84 -7.01 19.36 -13.53
C PRO E 84 -7.14 19.28 -15.06
N VAL E 85 -8.26 18.75 -15.52
CA VAL E 85 -8.54 18.67 -16.95
C VAL E 85 -9.52 19.75 -17.36
N GLU E 86 -9.11 20.60 -18.29
CA GLU E 86 -9.93 21.72 -18.74
C GLU E 86 -11.21 21.27 -19.43
N VAL E 87 -12.34 21.66 -18.87
CA VAL E 87 -13.64 21.30 -19.42
C VAL E 87 -14.49 22.55 -19.69
N PRO E 88 -15.28 22.52 -20.78
CA PRO E 88 -16.13 23.66 -21.14
C PRO E 88 -17.34 23.80 -20.21
N ALA E 89 -17.67 22.72 -19.50
CA ALA E 89 -18.83 22.72 -18.61
C ALA E 89 -18.71 21.58 -17.60
N PRO E 90 -19.40 21.70 -16.45
CA PRO E 90 -19.40 20.66 -15.42
C PRO E 90 -19.75 19.28 -15.98
N VAL E 91 -18.86 18.32 -15.76
CA VAL E 91 -19.01 16.98 -16.31
C VAL E 91 -19.94 16.11 -15.47
N VAL E 92 -20.79 15.33 -16.13
CA VAL E 92 -21.70 14.42 -15.46
C VAL E 92 -21.22 12.97 -15.58
N ASP E 93 -20.68 12.63 -16.75
CA ASP E 93 -20.18 11.28 -16.99
C ASP E 93 -18.96 11.32 -17.90
N VAL E 94 -18.02 10.40 -17.67
CA VAL E 94 -16.77 10.38 -18.42
C VAL E 94 -16.31 8.95 -18.75
N ALA E 95 -15.88 8.75 -20.00
CA ALA E 95 -15.35 7.46 -20.43
C ALA E 95 -13.99 7.66 -21.12
N CYS E 96 -13.29 6.57 -21.35
CA CYS E 96 -11.96 6.64 -21.98
C CYS E 96 -11.71 5.53 -23.00
N GLY E 97 -10.90 5.85 -24.00
CA GLY E 97 -10.45 4.88 -24.99
C GLY E 97 -8.97 4.65 -24.83
N TRP E 98 -8.35 4.02 -25.83
CA TRP E 98 -6.91 3.74 -25.78
C TRP E 98 -6.08 5.01 -25.64
N ASP E 99 -6.46 6.05 -26.39
CA ASP E 99 -5.76 7.33 -26.33
C ASP E 99 -6.73 8.49 -26.45
N THR E 100 -7.92 8.34 -25.87
CA THR E 100 -8.97 9.35 -25.98
C THR E 100 -9.70 9.57 -24.66
N THR E 101 -10.52 10.62 -24.62
CA THR E 101 -11.31 10.94 -23.44
C THR E 101 -12.62 11.62 -23.83
N VAL E 102 -13.74 10.98 -23.52
CA VAL E 102 -15.05 11.51 -23.88
C VAL E 102 -15.85 11.90 -22.63
N ILE E 103 -16.36 13.12 -22.62
CA ILE E 103 -17.09 13.63 -21.47
C ILE E 103 -18.53 13.99 -21.81
N VAL E 104 -19.37 14.08 -20.78
CA VAL E 104 -20.77 14.49 -20.93
C VAL E 104 -21.09 15.59 -19.92
N ASP E 105 -21.35 16.79 -20.41
CA ASP E 105 -21.61 17.94 -19.54
C ASP E 105 -23.07 18.03 -19.11
N ALA E 106 -23.33 18.94 -18.17
CA ALA E 106 -24.68 19.15 -17.65
C ALA E 106 -25.59 19.79 -18.69
N ASP E 107 -24.99 20.41 -19.70
CA ASP E 107 -25.74 21.03 -20.77
C ASP E 107 -26.31 19.98 -21.72
N GLY E 108 -25.76 18.76 -21.63
CA GLY E 108 -26.25 17.65 -22.42
C GLY E 108 -25.53 17.49 -23.75
N ARG E 109 -24.28 17.95 -23.81
CA ARG E 109 -23.49 17.85 -25.03
C ARG E 109 -22.21 17.06 -24.81
N VAL E 110 -21.83 16.26 -25.80
CA VAL E 110 -20.70 15.35 -25.68
C VAL E 110 -19.43 15.91 -26.32
N TRP E 111 -18.34 15.90 -25.57
CA TRP E 111 -17.05 16.36 -26.06
C TRP E 111 -16.04 15.22 -26.08
N GLN E 112 -15.03 15.34 -26.95
CA GLN E 112 -13.99 14.31 -27.05
C GLN E 112 -12.62 14.91 -27.36
N ARG E 113 -11.61 14.44 -26.64
CA ARG E 113 -10.23 14.85 -26.90
C ARG E 113 -9.34 13.61 -27.03
N GLY E 114 -8.10 13.82 -27.44
CA GLY E 114 -7.15 12.72 -27.55
C GLY E 114 -7.20 12.03 -28.90
N GLY E 115 -6.29 11.07 -29.10
CA GLY E 115 -6.22 10.32 -30.34
C GLY E 115 -5.64 11.13 -31.48
N GLY E 116 -5.09 12.29 -31.15
CA GLY E 116 -4.54 13.19 -32.15
C GLY E 116 -4.95 14.63 -31.90
N CYS E 117 -6.23 14.82 -31.59
CA CYS E 117 -6.75 16.15 -31.30
C CYS E 117 -6.41 16.56 -29.86
N TYR E 118 -5.72 17.69 -29.72
CA TYR E 118 -5.34 18.19 -28.41
C TYR E 118 -6.36 19.18 -27.86
N GLU E 119 -7.58 19.12 -28.38
CA GLU E 119 -8.64 20.00 -27.92
C GLU E 119 -9.99 19.26 -27.93
N PHE E 120 -10.84 19.61 -26.97
CA PHE E 120 -12.15 18.96 -26.85
C PHE E 120 -13.05 19.23 -28.05
N THR E 121 -13.16 18.24 -28.93
CA THR E 121 -14.02 18.34 -30.10
C THR E 121 -15.40 17.80 -29.78
N GLN E 122 -16.43 18.60 -30.03
CA GLN E 122 -17.81 18.22 -29.74
C GLN E 122 -18.31 17.14 -30.69
N GLN E 123 -18.86 16.07 -30.13
CA GLN E 123 -19.44 14.99 -30.91
C GLN E 123 -20.95 15.16 -31.01
N HIS E 124 -21.43 15.65 -32.15
CA HIS E 124 -22.85 15.89 -32.35
C HIS E 124 -23.65 14.60 -32.37
N VAL E 125 -24.50 14.42 -31.35
CA VAL E 125 -25.34 13.24 -31.25
C VAL E 125 -26.80 13.63 -31.01
N PRO E 126 -27.71 13.14 -31.86
CA PRO E 126 -29.14 13.45 -31.76
C PRO E 126 -29.74 12.98 -30.43
N LEU E 127 -29.90 13.90 -29.49
CA LEU E 127 -30.45 13.57 -28.18
C LEU E 127 -31.61 14.50 -27.83
N ASN E 128 -32.30 14.19 -26.73
CA ASN E 128 -33.44 14.98 -26.30
C ASN E 128 -33.08 16.03 -25.27
N SER E 129 -34.09 16.72 -24.74
CA SER E 129 -33.87 17.77 -23.75
C SER E 129 -34.84 17.61 -22.57
N ASN E 130 -34.64 16.57 -21.77
CA ASN E 130 -35.49 16.32 -20.62
C ASN E 130 -34.73 15.70 -19.45
N ASP E 131 -35.46 15.03 -18.56
CA ASP E 131 -34.88 14.47 -17.35
C ASP E 131 -34.03 13.23 -17.62
N GLU E 132 -34.17 12.66 -18.81
CA GLU E 132 -33.40 11.48 -19.19
C GLU E 132 -31.90 11.78 -19.17
N ARG E 133 -31.21 11.20 -18.19
CA ARG E 133 -29.78 11.43 -18.02
C ARG E 133 -28.98 10.87 -19.18
N ILE E 134 -27.91 11.58 -19.55
CA ILE E 134 -27.06 11.18 -20.66
C ILE E 134 -25.81 10.48 -20.15
N ALA E 135 -25.74 9.17 -20.34
CA ALA E 135 -24.59 8.38 -19.89
C ALA E 135 -23.69 8.02 -21.06
N VAL E 136 -22.41 7.83 -20.79
CA VAL E 136 -21.44 7.49 -21.83
C VAL E 136 -20.61 6.27 -21.42
N TYR E 137 -20.23 5.47 -22.42
CA TYR E 137 -19.38 4.31 -22.19
C TYR E 137 -18.37 4.18 -23.34
N GLY E 138 -17.17 3.70 -23.03
CA GLY E 138 -16.13 3.58 -24.03
C GLY E 138 -15.05 2.57 -23.71
N CYS E 139 -14.46 2.01 -24.75
CA CYS E 139 -13.36 1.05 -24.60
C CYS E 139 -12.54 0.95 -25.88
N PHE E 140 -11.23 0.87 -25.73
CA PHE E 140 -10.30 0.70 -26.85
C PHE E 140 -10.40 1.83 -27.87
N GLN E 141 -11.15 1.59 -28.94
CA GLN E 141 -11.30 2.58 -30.01
C GLN E 141 -12.76 2.86 -30.34
N ASN E 142 -13.63 2.69 -29.35
CA ASN E 142 -15.06 2.93 -29.55
C ASN E 142 -15.71 3.61 -28.35
N PHE E 143 -16.70 4.46 -28.63
CA PHE E 143 -17.45 5.13 -27.58
C PHE E 143 -18.95 4.98 -27.81
N VAL E 144 -19.71 4.94 -26.71
CA VAL E 144 -21.16 4.77 -26.79
C VAL E 144 -21.88 5.72 -25.82
N VAL E 145 -22.83 6.49 -26.36
CA VAL E 145 -23.61 7.41 -25.55
C VAL E 145 -25.05 6.91 -25.39
N VAL E 146 -25.49 6.79 -24.14
CA VAL E 146 -26.85 6.33 -23.85
C VAL E 146 -27.62 7.32 -23.00
N GLN E 147 -28.64 7.94 -23.58
CA GLN E 147 -29.50 8.86 -22.85
C GLN E 147 -30.69 8.09 -22.27
N GLY E 148 -30.91 6.90 -22.78
CA GLY E 148 -32.03 6.08 -22.39
C GLY E 148 -32.75 5.54 -23.60
N THR E 149 -33.09 4.26 -23.57
CA THR E 149 -33.75 3.58 -24.70
C THR E 149 -32.90 3.57 -25.98
N ARG E 150 -32.55 4.77 -26.45
CA ARG E 150 -31.71 4.90 -27.64
C ARG E 150 -30.23 4.74 -27.30
N VAL E 151 -29.48 4.12 -28.22
CA VAL E 151 -28.06 3.92 -28.02
C VAL E 151 -27.26 4.36 -29.24
N TYR E 152 -26.46 5.42 -29.07
CA TYR E 152 -25.62 5.92 -30.15
C TYR E 152 -24.16 5.60 -29.88
N GLY E 153 -23.38 5.45 -30.95
CA GLY E 153 -21.97 5.14 -30.82
C GLY E 153 -21.17 5.47 -32.06
N TRP E 154 -19.85 5.60 -31.89
CA TRP E 154 -18.95 5.88 -33.00
C TRP E 154 -17.59 5.25 -32.75
N GLY E 155 -16.69 5.41 -33.72
CA GLY E 155 -15.35 4.84 -33.61
C GLY E 155 -15.11 3.74 -34.63
N SER E 156 -14.29 2.77 -34.25
CA SER E 156 -13.94 1.66 -35.13
C SER E 156 -15.15 0.79 -35.47
N ASN E 157 -15.02 0.00 -36.55
CA ASN E 157 -16.11 -0.84 -37.04
C ASN E 157 -15.56 -2.02 -37.86
N THR E 158 -14.30 -2.35 -37.64
CA THR E 158 -13.63 -3.42 -38.38
C THR E 158 -14.28 -4.79 -38.16
N LYS E 159 -14.95 -4.95 -37.03
CA LYS E 159 -15.62 -6.21 -36.70
C LYS E 159 -17.14 -6.06 -36.68
N CYS E 160 -17.62 -5.01 -37.32
CA CYS E 160 -19.06 -4.72 -37.40
C CYS E 160 -19.73 -4.62 -36.04
N GLN E 161 -19.31 -3.65 -35.23
CA GLN E 161 -19.90 -3.44 -33.91
C GLN E 161 -20.82 -2.22 -33.88
N LEU E 162 -20.91 -1.52 -35.01
CA LEU E 162 -21.74 -0.34 -35.12
C LEU E 162 -22.81 -0.52 -36.20
N GLN E 163 -22.40 -1.09 -37.33
CA GLN E 163 -23.31 -1.28 -38.45
C GLN E 163 -22.80 -2.36 -39.42
N GLU E 164 -23.31 -2.33 -40.64
CA GLU E 164 -22.90 -3.30 -41.66
C GLU E 164 -22.69 -2.69 -43.04
N PRO E 165 -21.53 -2.99 -43.66
CA PRO E 165 -20.36 -3.62 -43.04
C PRO E 165 -19.15 -2.68 -43.07
N LYS E 166 -18.17 -2.89 -42.17
CA LYS E 166 -16.90 -2.17 -42.22
C LYS E 166 -17.19 -0.66 -42.02
N SER E 167 -16.25 0.30 -42.18
CA SER E 167 -14.81 0.15 -42.39
C SER E 167 -14.05 1.15 -41.55
N ARG E 168 -12.91 0.71 -41.02
CA ARG E 168 -12.02 1.56 -40.21
C ARG E 168 -12.80 2.24 -39.10
N SER E 169 -13.06 3.54 -39.27
CA SER E 169 -13.76 4.30 -38.24
C SER E 169 -14.92 5.11 -38.81
N LEU E 170 -15.76 5.62 -37.91
CA LEU E 170 -16.90 6.45 -38.29
C LEU E 170 -16.91 7.71 -37.42
N LYS E 171 -16.42 8.81 -37.97
CA LYS E 171 -16.35 10.08 -37.24
C LYS E 171 -17.73 10.60 -36.85
N GLU E 172 -18.71 10.34 -37.70
CA GLU E 172 -20.09 10.71 -37.42
C GLU E 172 -20.82 9.59 -36.69
N PRO E 173 -21.41 9.92 -35.53
CA PRO E 173 -22.16 8.96 -34.69
C PRO E 173 -23.34 8.35 -35.45
N VAL E 174 -23.61 7.08 -35.18
CA VAL E 174 -24.73 6.40 -35.81
C VAL E 174 -25.63 5.74 -34.76
N LEU E 175 -26.84 5.38 -35.17
CA LEU E 175 -27.77 4.70 -34.27
C LEU E 175 -27.43 3.22 -34.17
N VAL E 176 -26.75 2.85 -33.09
CA VAL E 176 -26.35 1.46 -32.89
C VAL E 176 -27.57 0.57 -32.64
N TYR E 177 -28.40 0.96 -31.68
CA TYR E 177 -29.59 0.18 -31.34
C TYR E 177 -30.63 0.98 -30.57
N ASP E 178 -31.90 0.69 -30.85
CA ASP E 178 -33.02 1.26 -30.12
C ASP E 178 -33.93 0.10 -29.72
N THR E 179 -34.45 0.14 -28.49
CA THR E 179 -35.17 -1.01 -27.94
C THR E 179 -36.45 -1.43 -28.70
N GLY E 180 -37.47 -0.57 -28.83
CA GLY E 180 -37.52 0.77 -28.27
C GLY E 180 -38.67 0.88 -27.27
N SER E 181 -38.44 0.38 -26.07
CA SER E 181 -39.47 0.39 -25.03
C SER E 181 -38.86 0.49 -23.64
N VAL E 182 -38.18 -0.58 -23.23
CA VAL E 182 -37.53 -0.59 -21.92
C VAL E 182 -36.19 0.15 -21.96
N ALA E 183 -35.94 0.97 -20.95
CA ALA E 183 -34.75 1.81 -20.90
C ALA E 183 -33.46 0.99 -20.78
N VAL E 184 -32.40 1.49 -21.40
CA VAL E 184 -31.10 0.85 -21.34
C VAL E 184 -30.34 1.26 -20.08
N ASP E 185 -29.94 0.27 -19.29
CA ASP E 185 -29.25 0.52 -18.04
C ASP E 185 -27.77 0.90 -18.28
N TYR E 186 -27.08 0.06 -19.03
CA TYR E 186 -25.67 0.28 -19.35
C TYR E 186 -25.25 -0.46 -20.61
N VAL E 187 -24.04 -0.20 -21.07
CA VAL E 187 -23.49 -0.87 -22.25
C VAL E 187 -22.07 -1.35 -21.99
N ALA E 188 -21.91 -2.66 -21.83
CA ALA E 188 -20.58 -3.24 -21.61
C ALA E 188 -19.85 -3.38 -22.94
N MET E 189 -18.63 -2.85 -22.99
CA MET E 189 -17.86 -2.82 -24.24
C MET E 189 -16.52 -3.54 -24.11
N GLY E 190 -16.18 -4.31 -25.14
CA GLY E 190 -14.90 -4.98 -25.20
C GLY E 190 -13.98 -4.30 -26.21
N LYS E 191 -12.97 -5.03 -26.67
CA LYS E 191 -12.04 -4.49 -27.65
C LYS E 191 -12.73 -4.23 -28.99
N ASP E 192 -13.35 -5.27 -29.54
CA ASP E 192 -14.01 -5.15 -30.83
C ASP E 192 -15.45 -5.66 -30.79
N PHE E 193 -16.03 -5.74 -29.59
CA PHE E 193 -17.42 -6.13 -29.44
C PHE E 193 -18.16 -5.20 -28.49
N MET E 194 -19.46 -5.44 -28.32
CA MET E 194 -20.30 -4.56 -27.53
C MET E 194 -21.57 -5.27 -27.07
N VAL E 195 -21.94 -5.10 -25.81
CA VAL E 195 -23.14 -5.72 -25.26
C VAL E 195 -24.04 -4.68 -24.60
N ILE E 196 -25.31 -4.68 -24.98
CA ILE E 196 -26.28 -3.73 -24.43
C ILE E 196 -27.23 -4.39 -23.44
N VAL E 197 -27.33 -3.81 -22.25
CA VAL E 197 -28.16 -4.37 -21.18
C VAL E 197 -29.19 -3.34 -20.71
N ASP E 198 -30.45 -3.76 -20.60
CA ASP E 198 -31.51 -2.89 -20.10
C ASP E 198 -31.60 -2.94 -18.58
N GLU E 199 -32.65 -2.31 -18.03
CA GLU E 199 -32.82 -2.24 -16.59
C GLU E 199 -33.45 -3.50 -16.02
N GLY E 200 -33.77 -4.45 -16.89
CA GLY E 200 -34.34 -5.72 -16.46
C GLY E 200 -33.27 -6.79 -16.29
N GLY E 201 -32.01 -6.40 -16.51
CA GLY E 201 -30.90 -7.32 -16.42
C GLY E 201 -30.88 -8.29 -17.59
N ARG E 202 -31.45 -7.86 -18.71
CA ARG E 202 -31.54 -8.70 -19.90
C ARG E 202 -30.67 -8.15 -21.02
N ILE E 203 -29.91 -9.02 -21.66
CA ILE E 203 -29.11 -8.62 -22.82
C ILE E 203 -30.02 -8.36 -24.01
N VAL E 204 -30.05 -7.11 -24.46
CA VAL E 204 -30.97 -6.71 -25.52
C VAL E 204 -30.35 -6.83 -26.90
N HIS E 205 -29.10 -6.35 -27.04
CA HIS E 205 -28.42 -6.38 -28.32
C HIS E 205 -26.90 -6.47 -28.14
N ALA E 206 -26.26 -7.23 -29.03
CA ALA E 206 -24.81 -7.37 -29.01
C ALA E 206 -24.23 -7.40 -30.41
N SER E 207 -23.23 -6.55 -30.65
CA SER E 207 -22.59 -6.46 -31.96
C SER E 207 -21.08 -6.58 -31.84
N GLY E 208 -20.41 -6.82 -32.97
CA GLY E 208 -18.97 -6.95 -33.00
C GLY E 208 -18.51 -8.38 -32.89
N ARG E 209 -17.20 -8.57 -32.78
CA ARG E 209 -16.62 -9.90 -32.66
C ARG E 209 -16.73 -10.43 -31.25
N LEU E 210 -17.78 -11.20 -31.00
CA LEU E 210 -18.01 -11.79 -29.68
C LEU E 210 -17.04 -12.96 -29.45
N PRO E 211 -16.51 -13.07 -28.22
CA PRO E 211 -15.56 -14.12 -27.87
C PRO E 211 -16.19 -15.52 -27.98
N THR E 212 -15.34 -16.55 -28.00
CA THR E 212 -15.81 -17.92 -28.16
C THR E 212 -16.66 -18.41 -27.00
N GLY E 213 -17.62 -19.28 -27.31
CA GLY E 213 -18.48 -19.86 -26.29
C GLY E 213 -19.67 -19.00 -25.94
N PHE E 214 -19.73 -17.81 -26.53
CA PHE E 214 -20.81 -16.88 -26.23
C PHE E 214 -21.84 -16.79 -27.36
N GLU E 215 -22.93 -17.53 -27.21
CA GLU E 215 -24.03 -17.46 -28.16
C GLU E 215 -25.06 -16.44 -27.70
N LEU E 216 -25.33 -15.46 -28.56
CA LEU E 216 -26.20 -14.34 -28.21
C LEU E 216 -27.65 -14.77 -27.98
N LYS E 217 -28.16 -15.62 -28.86
CA LYS E 217 -29.56 -16.05 -28.79
C LYS E 217 -29.86 -16.83 -27.51
N GLN E 218 -28.85 -17.54 -27.00
CA GLN E 218 -29.01 -18.32 -25.78
C GLN E 218 -29.04 -17.43 -24.53
N GLN E 219 -28.34 -16.31 -24.61
CA GLN E 219 -28.20 -15.41 -23.46
C GLN E 219 -29.30 -14.36 -23.39
N GLN E 220 -29.86 -14.01 -24.54
CA GLN E 220 -30.94 -13.01 -24.61
C GLN E 220 -32.19 -13.51 -23.90
N LYS E 221 -32.34 -14.82 -23.81
CA LYS E 221 -33.50 -15.43 -23.16
C LYS E 221 -33.40 -15.34 -21.65
N ARG E 222 -32.20 -15.03 -21.15
CA ARG E 222 -31.98 -14.90 -19.72
C ARG E 222 -32.29 -13.49 -19.24
N HIS E 223 -32.45 -13.34 -17.92
CA HIS E 223 -32.71 -12.04 -17.32
C HIS E 223 -32.02 -11.92 -15.97
N ASN E 224 -32.08 -10.72 -15.38
CA ASN E 224 -31.43 -10.43 -14.11
C ASN E 224 -29.94 -10.75 -14.12
N LEU E 225 -29.28 -10.43 -15.23
CA LEU E 225 -27.84 -10.67 -15.36
C LEU E 225 -27.05 -9.37 -15.38
N VAL E 226 -25.87 -9.40 -14.80
CA VAL E 226 -24.97 -8.25 -14.84
C VAL E 226 -23.81 -8.57 -15.78
N VAL E 227 -23.63 -7.74 -16.80
CA VAL E 227 -22.61 -8.00 -17.82
C VAL E 227 -21.37 -7.15 -17.65
N LEU E 228 -20.23 -7.80 -17.49
CA LEU E 228 -18.93 -7.13 -17.43
C LEU E 228 -18.12 -7.57 -18.64
N CYS E 229 -17.18 -6.74 -19.08
CA CYS E 229 -16.41 -7.05 -20.27
C CYS E 229 -14.93 -6.69 -20.18
N MET E 230 -14.08 -7.64 -20.52
CA MET E 230 -12.66 -7.37 -20.73
C MET E 230 -12.46 -7.17 -22.23
N TRP E 231 -11.21 -7.01 -22.65
CA TRP E 231 -10.93 -6.80 -24.07
C TRP E 231 -11.34 -8.00 -24.93
N THR E 232 -11.04 -9.20 -24.45
CA THR E 232 -11.27 -10.41 -25.24
C THR E 232 -12.18 -11.42 -24.54
N SER E 233 -12.99 -10.95 -23.60
CA SER E 233 -13.87 -11.87 -22.86
C SER E 233 -15.10 -11.19 -22.26
N ILE E 234 -16.20 -11.94 -22.22
CA ILE E 234 -17.44 -11.48 -21.60
C ILE E 234 -17.65 -12.21 -20.27
N HIS E 235 -18.09 -11.49 -19.26
CA HIS E 235 -18.31 -12.08 -17.94
C HIS E 235 -19.69 -11.73 -17.39
N LEU E 236 -20.47 -12.77 -17.07
CA LEU E 236 -21.81 -12.58 -16.55
C LEU E 236 -21.86 -12.82 -15.05
N TRP E 237 -22.39 -11.85 -14.31
CA TRP E 237 -22.53 -11.97 -12.86
C TRP E 237 -23.87 -12.60 -12.51
N ASN E 238 -23.83 -13.87 -12.10
CA ASN E 238 -25.03 -14.57 -11.68
C ASN E 238 -25.17 -14.49 -10.16
N ALA E 239 -25.87 -13.46 -9.70
CA ALA E 239 -26.07 -13.24 -8.27
C ALA E 239 -26.94 -14.34 -7.65
N ARG E 240 -27.81 -14.93 -8.47
CA ARG E 240 -28.70 -15.98 -8.01
C ARG E 240 -27.93 -17.24 -7.63
N LEU E 241 -26.88 -17.54 -8.40
CA LEU E 241 -26.04 -18.70 -8.12
C LEU E 241 -24.74 -18.28 -7.43
N ASN E 242 -24.60 -16.97 -7.20
CA ASN E 242 -23.42 -16.41 -6.55
C ASN E 242 -22.11 -16.80 -7.25
N THR E 243 -22.02 -16.49 -8.53
CA THR E 243 -20.84 -16.82 -9.32
C THR E 243 -20.74 -15.93 -10.55
N VAL E 244 -19.61 -16.03 -11.26
CA VAL E 244 -19.41 -15.28 -12.48
C VAL E 244 -19.06 -16.20 -13.64
N GLU E 245 -19.93 -16.21 -14.66
CA GLU E 245 -19.72 -17.03 -15.84
C GLU E 245 -18.85 -16.30 -16.85
N SER E 246 -17.71 -16.90 -17.21
CA SER E 246 -16.76 -16.27 -18.12
C SER E 246 -16.78 -16.90 -19.50
N PHE E 247 -16.55 -16.09 -20.53
CA PHE E 247 -16.53 -16.55 -21.90
C PHE E 247 -15.32 -15.98 -22.64
N GLY E 248 -14.38 -16.84 -23.00
CA GLY E 248 -13.20 -16.41 -23.72
C GLY E 248 -12.11 -17.47 -23.73
N ARG E 249 -10.96 -17.13 -24.30
CA ARG E 249 -9.82 -18.05 -24.36
C ARG E 249 -9.35 -18.40 -22.96
N GLY E 250 -9.18 -17.39 -22.11
CA GLY E 250 -8.72 -17.60 -20.75
C GLY E 250 -7.30 -18.10 -20.71
N THR E 251 -6.47 -17.58 -21.62
CA THR E 251 -5.07 -17.99 -21.70
C THR E 251 -4.29 -17.54 -20.47
N HIS E 252 -4.78 -16.48 -19.83
CA HIS E 252 -4.13 -15.96 -18.63
C HIS E 252 -5.11 -15.82 -17.47
N SER E 253 -5.84 -16.90 -17.21
CA SER E 253 -6.73 -16.99 -16.05
C SER E 253 -7.86 -15.96 -16.03
N GLN E 254 -8.20 -15.41 -17.18
CA GLN E 254 -9.30 -14.45 -17.29
C GLN E 254 -10.63 -15.11 -16.91
N LEU E 255 -10.74 -16.40 -17.16
CA LEU E 255 -11.93 -17.15 -16.82
C LEU E 255 -12.11 -17.22 -15.31
N PHE E 256 -13.25 -16.71 -14.83
CA PHE E 256 -13.54 -16.67 -13.40
C PHE E 256 -13.57 -18.06 -12.80
N PRO E 257 -12.89 -18.23 -11.64
CA PRO E 257 -12.85 -19.51 -10.92
C PRO E 257 -14.25 -20.03 -10.62
N GLN E 258 -14.63 -21.12 -11.26
CA GLN E 258 -15.97 -21.69 -11.10
C GLN E 258 -16.08 -22.54 -9.83
N GLU E 259 -15.16 -22.33 -8.91
CA GLU E 259 -15.18 -23.02 -7.62
C GLU E 259 -16.29 -22.43 -6.75
N ARG E 260 -16.62 -23.12 -5.67
CA ARG E 260 -17.67 -22.64 -4.76
C ARG E 260 -17.18 -21.48 -3.90
N LEU E 261 -17.78 -20.31 -4.08
CA LEU E 261 -17.45 -19.15 -3.27
C LEU E 261 -18.13 -19.24 -1.90
N ASP E 262 -17.41 -18.86 -0.86
CA ASP E 262 -17.91 -18.97 0.51
C ASP E 262 -18.83 -17.80 0.86
N PHE E 263 -18.50 -16.62 0.38
CA PHE E 263 -19.23 -15.40 0.73
C PHE E 263 -19.99 -14.83 -0.46
N PRO E 264 -21.10 -14.12 -0.19
CA PRO E 264 -21.92 -13.51 -1.25
C PRO E 264 -21.17 -12.44 -2.03
N ILE E 265 -21.30 -12.48 -3.36
CA ILE E 265 -20.71 -11.47 -4.22
C ILE E 265 -21.49 -10.16 -4.12
N VAL E 266 -20.78 -9.05 -3.93
CA VAL E 266 -21.43 -7.76 -3.80
C VAL E 266 -20.97 -6.76 -4.85
N GLY E 267 -20.03 -7.17 -5.70
CA GLY E 267 -19.51 -6.29 -6.74
C GLY E 267 -18.52 -6.96 -7.67
N VAL E 268 -18.66 -6.70 -8.97
CA VAL E 268 -17.77 -7.26 -9.98
C VAL E 268 -17.31 -6.18 -10.95
N ALA E 269 -16.00 -5.99 -11.05
CA ALA E 269 -15.43 -5.02 -11.98
C ALA E 269 -14.33 -5.67 -12.82
N THR E 270 -14.09 -5.10 -14.00
CA THR E 270 -13.08 -5.63 -14.91
C THR E 270 -12.15 -4.56 -15.44
N GLY E 271 -10.89 -4.95 -15.68
CA GLY E 271 -9.93 -4.07 -16.33
C GLY E 271 -9.84 -4.43 -17.80
N SER E 272 -8.66 -4.28 -18.39
CA SER E 272 -8.45 -4.66 -19.77
C SER E 272 -8.46 -6.18 -19.91
N GLU E 273 -7.68 -6.85 -19.07
CA GLU E 273 -7.62 -8.31 -19.08
C GLU E 273 -7.51 -8.88 -17.66
N HIS E 274 -8.25 -8.30 -16.73
CA HIS E 274 -8.28 -8.79 -15.36
C HIS E 274 -9.58 -8.39 -14.67
N GLY E 275 -10.03 -9.21 -13.73
CA GLY E 275 -11.28 -8.97 -13.03
C GLY E 275 -11.07 -8.60 -11.57
N ILE E 276 -11.96 -7.77 -11.05
CA ILE E 276 -11.89 -7.33 -9.67
C ILE E 276 -13.16 -7.74 -8.91
N LEU E 277 -13.03 -8.72 -8.04
CA LEU E 277 -14.19 -9.24 -7.31
C LEU E 277 -14.29 -8.64 -5.91
N THR E 278 -15.51 -8.28 -5.52
CA THR E 278 -15.77 -7.77 -4.17
C THR E 278 -16.84 -8.62 -3.49
N THR E 279 -16.50 -9.16 -2.33
CA THR E 279 -17.42 -10.02 -1.60
C THR E 279 -17.61 -9.55 -0.16
N ALA E 280 -18.56 -10.17 0.55
CA ALA E 280 -18.79 -9.86 1.95
C ALA E 280 -17.77 -10.57 2.83
N ASN E 281 -18.07 -10.66 4.12
CA ASN E 281 -17.16 -11.31 5.06
C ASN E 281 -17.87 -11.73 6.35
N CYS E 288 -14.70 -6.80 6.79
CA CYS E 288 -16.13 -6.75 6.51
C CYS E 288 -16.39 -6.91 5.01
N TYR E 289 -15.51 -6.33 4.20
CA TYR E 289 -15.61 -6.45 2.74
C TYR E 289 -14.26 -6.81 2.14
N ASN E 290 -14.23 -7.92 1.40
CA ASN E 290 -13.01 -8.36 0.75
C ASN E 290 -13.00 -8.05 -0.74
N VAL E 291 -11.84 -7.65 -1.25
CA VAL E 291 -11.67 -7.37 -2.67
C VAL E 291 -10.67 -8.35 -3.29
N TYR E 292 -11.12 -9.07 -4.31
CA TYR E 292 -10.27 -10.07 -4.97
C TYR E 292 -9.96 -9.68 -6.41
N CYS E 293 -8.84 -10.18 -6.91
CA CYS E 293 -8.44 -9.93 -8.29
C CYS E 293 -8.00 -11.22 -8.98
N TRP E 294 -8.60 -11.49 -10.13
CA TRP E 294 -8.25 -12.67 -10.91
C TRP E 294 -7.83 -12.27 -12.32
N GLY E 295 -7.25 -13.21 -13.06
CA GLY E 295 -6.90 -12.97 -14.45
C GLY E 295 -5.46 -12.53 -14.65
N TRP E 296 -5.18 -12.01 -15.84
CA TRP E 296 -3.85 -11.56 -16.20
C TRP E 296 -3.43 -10.33 -15.42
N GLY E 297 -2.43 -10.49 -14.56
CA GLY E 297 -1.94 -9.40 -13.74
C GLY E 297 -0.46 -9.49 -13.44
N GLU E 298 0.35 -9.52 -14.50
CA GLU E 298 1.79 -9.63 -14.33
C GLU E 298 2.46 -8.26 -14.11
N HIS E 299 1.63 -7.24 -13.97
CA HIS E 299 2.12 -5.90 -13.65
C HIS E 299 1.78 -5.54 -12.21
N GLY E 300 1.40 -6.55 -11.43
CA GLY E 300 1.05 -6.35 -10.03
C GLY E 300 -0.37 -5.86 -9.84
N ASN E 301 -1.11 -5.74 -10.94
CA ASN E 301 -2.48 -5.23 -10.91
C ASN E 301 -3.47 -6.20 -10.27
N CYS E 302 -3.02 -7.42 -9.99
CA CYS E 302 -3.86 -8.41 -9.33
C CYS E 302 -3.32 -8.72 -7.93
N GLY E 303 -2.25 -8.05 -7.55
CA GLY E 303 -1.62 -8.28 -6.26
C GLY E 303 -0.16 -8.68 -6.41
N PRO E 304 0.50 -8.96 -5.29
CA PRO E 304 1.92 -9.34 -5.24
C PRO E 304 2.27 -10.49 -6.17
N GLN E 305 1.36 -11.44 -6.33
CA GLN E 305 1.58 -12.56 -7.24
C GLN E 305 1.25 -12.17 -8.67
N LYS E 306 2.27 -12.06 -9.50
CA LYS E 306 2.14 -11.54 -10.86
C LYS E 306 2.38 -12.63 -11.90
N GLY E 307 1.91 -13.84 -11.62
CA GLY E 307 2.13 -14.96 -12.51
C GLY E 307 0.92 -15.30 -13.36
N SER E 308 -0.16 -14.56 -13.17
CA SER E 308 -1.43 -14.79 -13.87
C SER E 308 -1.96 -16.20 -13.67
N GLN E 309 -1.77 -16.72 -12.45
CA GLN E 309 -2.26 -18.04 -12.09
C GLN E 309 -3.76 -17.97 -11.81
N PRO E 310 -4.46 -19.11 -11.99
CA PRO E 310 -5.91 -19.13 -11.74
C PRO E 310 -6.23 -18.92 -10.26
N GLY E 311 -7.44 -18.47 -9.98
CA GLY E 311 -7.87 -18.23 -8.61
C GLY E 311 -8.04 -16.76 -8.30
N LEU E 312 -8.41 -16.47 -7.06
CA LEU E 312 -8.64 -15.10 -6.62
C LEU E 312 -7.57 -14.63 -5.66
N GLN E 313 -6.92 -13.51 -5.99
CA GLN E 313 -5.93 -12.91 -5.12
C GLN E 313 -6.54 -11.86 -4.20
N LEU E 314 -6.41 -12.05 -2.89
CA LEU E 314 -6.86 -11.06 -1.94
C LEU E 314 -5.93 -9.85 -1.99
N VAL E 315 -6.50 -8.68 -2.30
CA VAL E 315 -5.70 -7.46 -2.43
C VAL E 315 -5.98 -6.46 -1.31
N GLY E 316 -6.96 -6.78 -0.47
CA GLY E 316 -7.30 -5.91 0.64
C GLY E 316 -8.68 -6.15 1.24
N GLN E 317 -8.86 -5.68 2.47
CA GLN E 317 -10.14 -5.79 3.15
C GLN E 317 -10.57 -4.42 3.67
N TYR E 318 -11.86 -4.13 3.59
CA TYR E 318 -12.37 -2.82 3.95
C TYR E 318 -13.63 -2.88 4.80
N SER E 319 -13.79 -1.89 5.69
CA SER E 319 -14.96 -1.83 6.57
C SER E 319 -16.23 -1.54 5.78
N GLY E 320 -16.15 -0.56 4.89
CA GLY E 320 -17.29 -0.17 4.07
C GLY E 320 -17.17 -0.67 2.65
N LYS E 321 -18.31 -0.90 2.00
CA LYS E 321 -18.36 -1.37 0.63
C LYS E 321 -17.69 -0.39 -0.33
N PRO E 322 -16.55 -0.79 -0.92
CA PRO E 322 -15.76 0.08 -1.79
C PRO E 322 -16.26 0.06 -3.24
N ARG E 323 -15.95 1.12 -3.98
CA ARG E 323 -16.23 1.15 -5.41
C ARG E 323 -14.93 0.83 -6.14
N VAL E 324 -15.03 0.09 -7.24
CA VAL E 324 -13.84 -0.38 -7.94
C VAL E 324 -13.87 -0.07 -9.44
N PHE E 325 -12.69 0.20 -9.98
CA PHE E 325 -12.55 0.48 -11.42
C PHE E 325 -11.31 -0.23 -11.96
N GLY E 326 -11.40 -0.70 -13.19
CA GLY E 326 -10.30 -1.40 -13.82
C GLY E 326 -9.83 -0.72 -15.10
N GLY E 327 -8.53 -0.65 -15.28
CA GLY E 327 -7.95 -0.07 -16.47
C GLY E 327 -6.97 -1.03 -17.12
N CYS E 328 -6.20 -0.52 -18.10
CA CYS E 328 -5.19 -1.33 -18.76
C CYS E 328 -4.11 -1.77 -17.78
N ALA E 329 -4.28 -2.96 -17.23
CA ALA E 329 -3.37 -3.52 -16.23
C ALA E 329 -3.24 -2.62 -15.00
N THR E 330 -4.34 -1.97 -14.63
CA THR E 330 -4.38 -1.13 -13.43
C THR E 330 -5.64 -1.42 -12.62
N THR E 331 -5.55 -1.26 -11.31
CA THR E 331 -6.68 -1.49 -10.42
C THR E 331 -6.92 -0.30 -9.50
N TRP E 332 -8.17 0.15 -9.41
CA TRP E 332 -8.51 1.29 -8.58
C TRP E 332 -9.54 0.91 -7.52
N ILE E 333 -9.26 1.29 -6.28
CA ILE E 333 -10.18 1.05 -5.17
C ILE E 333 -10.45 2.35 -4.42
N VAL E 334 -11.70 2.80 -4.44
CA VAL E 334 -12.06 4.07 -3.81
C VAL E 334 -13.08 3.89 -2.68
N LEU E 335 -12.69 4.32 -1.47
CA LEU E 335 -13.57 4.29 -0.31
C LEU E 335 -14.28 5.62 -0.17
N GLY E 336 -15.54 5.58 0.27
CA GLY E 336 -16.32 6.79 0.47
C GLY E 336 -16.48 7.61 -0.79
N SER E 337 -17.01 6.99 -1.84
CA SER E 337 -17.20 7.67 -3.11
C SER E 337 -18.41 8.61 -3.07
N GLY E 338 -18.97 8.89 -4.25
CA GLY E 338 -20.18 9.69 -4.34
C GLY E 338 -21.30 8.88 -4.94
N SER E 339 -21.28 7.58 -4.69
CA SER E 339 -22.25 6.65 -5.28
C SER E 339 -23.53 6.57 -4.48
N GLY E 340 -24.17 5.39 -4.49
CA GLY E 340 -25.41 5.18 -3.78
C GLY E 340 -25.38 3.92 -2.94
N SER E 341 -26.14 3.93 -1.84
CA SER E 341 -26.26 2.79 -0.94
C SER E 341 -24.93 2.33 -0.35
N GLY E 342 -24.93 1.16 0.27
CA GLY E 342 -23.73 0.59 0.85
C GLY E 342 -23.30 1.30 2.12
N SER E 343 -22.30 0.72 2.79
CA SER E 343 -21.76 1.33 4.01
C SER E 343 -20.42 1.99 3.73
N GLY E 344 -20.14 3.07 4.43
CA GLY E 344 -18.88 3.79 4.27
C GLY E 344 -18.66 4.30 2.86
N SER E 345 -19.74 4.48 2.12
CA SER E 345 -19.65 4.93 0.73
C SER E 345 -19.99 6.41 0.62
N MET E 346 -20.44 6.99 1.73
CA MET E 346 -20.81 8.41 1.79
C MET E 346 -21.81 8.79 0.72
N SER E 347 -22.85 7.97 0.58
CA SER E 347 -23.90 8.21 -0.41
C SER E 347 -24.91 9.22 0.13
N THR E 348 -26.16 9.09 -0.29
CA THR E 348 -27.24 9.93 0.23
C THR E 348 -27.49 9.57 1.70
N TYR E 349 -27.67 10.60 2.52
CA TYR E 349 -27.82 10.40 3.96
C TYR E 349 -29.08 9.62 4.34
N ASP E 350 -30.22 10.06 3.83
CA ASP E 350 -31.49 9.43 4.17
C ASP E 350 -32.57 9.76 3.16
N GLU E 351 -33.56 8.88 3.04
CA GLU E 351 -34.71 9.11 2.17
C GLU E 351 -35.84 9.77 2.95
N ILE E 352 -36.24 10.96 2.49
CA ILE E 352 -37.28 11.72 3.18
C ILE E 352 -38.48 12.01 2.29
N GLU E 353 -39.68 11.72 2.79
CA GLU E 353 -40.90 12.02 2.07
C GLU E 353 -41.11 13.53 2.01
N ILE E 354 -41.77 13.99 0.95
CA ILE E 354 -42.01 15.43 0.77
C ILE E 354 -42.98 15.97 1.82
N GLU E 355 -43.80 15.07 2.37
CA GLU E 355 -44.75 15.45 3.41
C GLU E 355 -44.04 15.74 4.73
N ASP E 356 -42.81 15.24 4.86
CA ASP E 356 -42.02 15.46 6.06
C ASP E 356 -41.08 16.64 5.90
N MET E 357 -41.07 17.23 4.71
CA MET E 357 -40.23 18.40 4.43
C MET E 357 -40.90 19.66 4.96
N THR E 358 -40.11 20.71 5.11
CA THR E 358 -40.63 22.00 5.55
C THR E 358 -40.61 23.00 4.40
N PHE E 359 -41.79 23.32 3.88
CA PHE E 359 -41.90 24.23 2.74
C PHE E 359 -41.91 25.69 3.15
N GLU E 360 -41.10 26.50 2.47
CA GLU E 360 -41.03 27.93 2.74
C GLU E 360 -41.53 28.70 1.53
N PRO E 361 -42.78 29.17 1.60
CA PRO E 361 -43.45 29.87 0.50
C PRO E 361 -42.82 31.23 0.18
N GLU E 362 -42.05 31.76 1.11
CA GLU E 362 -41.40 33.06 0.91
C GLU E 362 -40.39 33.02 -0.23
N ASN E 363 -39.62 31.95 -0.29
CA ASN E 363 -38.58 31.82 -1.31
C ASN E 363 -38.65 30.52 -2.08
N GLN E 364 -39.80 29.84 -2.01
CA GLN E 364 -40.05 28.61 -2.76
C GLN E 364 -38.98 27.55 -2.49
N MET E 365 -38.90 27.09 -1.25
CA MET E 365 -37.84 26.15 -0.88
C MET E 365 -38.29 25.15 0.19
N PHE E 366 -37.83 23.91 0.06
CA PHE E 366 -38.12 22.87 1.04
C PHE E 366 -36.89 22.60 1.90
N THR E 367 -37.07 22.63 3.22
CA THR E 367 -35.96 22.42 4.14
C THR E 367 -36.17 21.21 5.04
N TYR E 368 -35.07 20.63 5.52
CA TYR E 368 -35.11 19.48 6.40
C TYR E 368 -33.84 19.44 7.25
N PRO E 369 -34.01 19.19 8.56
CA PRO E 369 -32.92 19.19 9.55
C PRO E 369 -31.70 18.35 9.13
N CYS E 370 -30.52 18.83 9.48
CA CYS E 370 -29.27 18.14 9.16
C CYS E 370 -28.47 17.90 10.44
N PRO E 371 -27.86 16.72 10.57
CA PRO E 371 -27.06 16.33 11.75
C PRO E 371 -25.97 17.34 12.13
N CYS E 372 -25.58 18.20 11.20
CA CYS E 372 -24.57 19.22 11.49
C CYS E 372 -25.21 20.40 12.23
N GLY E 373 -26.53 20.53 12.12
CA GLY E 373 -27.24 21.62 12.75
C GLY E 373 -27.94 22.50 11.74
N ASP E 374 -27.48 22.44 10.50
CA ASP E 374 -28.08 23.22 9.42
C ASP E 374 -29.28 22.48 8.84
N ARG E 375 -29.65 22.81 7.60
CA ARG E 375 -30.81 22.19 6.96
C ARG E 375 -30.53 21.83 5.50
N PHE E 376 -30.99 20.66 5.09
CA PHE E 376 -30.96 20.28 3.69
C PHE E 376 -31.97 21.14 2.94
N GLN E 377 -31.53 21.79 1.88
CA GLN E 377 -32.42 22.66 1.11
C GLN E 377 -32.58 22.19 -0.33
N ILE E 378 -33.74 22.47 -0.91
CA ILE E 378 -34.01 22.13 -2.30
C ILE E 378 -35.08 23.05 -2.88
N TYR E 379 -34.80 23.61 -4.06
CA TYR E 379 -35.70 24.58 -4.67
C TYR E 379 -36.89 23.91 -5.35
N LEU E 380 -38.05 24.55 -5.25
CA LEU E 380 -39.29 24.03 -5.83
C LEU E 380 -39.20 23.97 -7.35
N ASP E 381 -38.57 24.98 -7.94
CA ASP E 381 -38.45 25.07 -9.40
C ASP E 381 -37.55 23.97 -9.95
N ASP E 382 -36.54 23.60 -9.19
CA ASP E 382 -35.63 22.53 -9.60
C ASP E 382 -36.34 21.17 -9.56
N MET E 383 -37.20 20.98 -8.57
CA MET E 383 -37.93 19.72 -8.42
C MET E 383 -38.97 19.55 -9.51
N PHE E 384 -39.49 20.66 -10.03
CA PHE E 384 -40.47 20.61 -11.09
C PHE E 384 -39.82 20.17 -12.40
N GLU E 385 -38.51 20.26 -12.44
CA GLU E 385 -37.76 19.86 -13.61
C GLU E 385 -37.19 18.48 -13.41
N GLY E 386 -37.45 17.91 -12.25
CA GLY E 386 -37.03 16.55 -12.00
C GLY E 386 -35.72 16.40 -11.27
N GLU E 387 -35.56 17.17 -10.20
CA GLU E 387 -34.43 17.01 -9.31
C GLU E 387 -34.99 16.65 -7.94
N LYS E 388 -34.30 15.77 -7.25
CA LYS E 388 -34.80 15.07 -6.08
C LYS E 388 -33.78 15.00 -4.95
N VAL E 389 -32.66 15.68 -5.12
CA VAL E 389 -31.59 15.66 -4.12
C VAL E 389 -31.42 17.01 -3.43
N ALA E 390 -31.64 17.03 -2.12
CA ALA E 390 -31.46 18.24 -1.33
C ALA E 390 -30.04 18.32 -0.76
N VAL E 391 -29.46 19.51 -0.79
CA VAL E 391 -28.08 19.69 -0.36
C VAL E 391 -27.96 20.63 0.82
N CYS E 392 -27.15 20.24 1.80
CA CYS E 392 -26.86 21.10 2.94
C CYS E 392 -25.76 22.09 2.59
N PRO E 393 -26.00 23.36 2.88
CA PRO E 393 -25.01 24.38 2.58
C PRO E 393 -23.66 24.00 3.15
N SER E 394 -23.65 23.39 4.33
CA SER E 394 -22.40 23.24 5.06
C SER E 394 -21.93 21.82 5.36
N CYS E 395 -22.04 20.93 4.39
CA CYS E 395 -21.43 19.62 4.54
C CYS E 395 -21.71 18.68 3.40
N SER E 396 -21.00 17.59 3.40
CA SER E 396 -21.06 16.63 2.35
C SER E 396 -22.43 16.01 2.22
N LEU E 397 -23.32 16.31 3.15
CA LEU E 397 -24.57 15.58 3.21
C LEU E 397 -25.49 15.82 2.03
N MET E 398 -26.34 14.85 1.78
CA MET E 398 -27.37 14.93 0.76
C MET E 398 -28.46 13.96 1.12
N ILE E 399 -29.67 14.39 0.92
CA ILE E 399 -30.85 13.55 1.11
C ILE E 399 -31.70 13.51 -0.15
N ASP E 400 -32.46 12.43 -0.32
CA ASP E 400 -33.36 12.29 -1.46
C ASP E 400 -34.79 12.56 -1.05
N VAL E 401 -35.44 13.49 -1.73
CA VAL E 401 -36.82 13.84 -1.44
C VAL E 401 -37.78 13.06 -2.33
N VAL E 402 -38.57 12.17 -1.72
CA VAL E 402 -39.52 11.36 -2.46
C VAL E 402 -40.82 12.12 -2.70
N PHE E 403 -41.16 12.32 -3.97
CA PHE E 403 -42.37 13.04 -4.33
C PHE E 403 -42.78 12.74 -5.77
N ASP E 404 -44.01 13.10 -6.11
CA ASP E 404 -44.50 12.98 -7.47
C ASP E 404 -44.73 14.38 -8.06
N LYS E 405 -44.89 14.45 -9.37
CA LYS E 405 -45.09 15.73 -10.05
C LYS E 405 -46.41 16.39 -9.61
N GLU E 406 -47.40 15.56 -9.29
CA GLU E 406 -48.70 16.07 -8.87
C GLU E 406 -48.73 16.46 -7.39
N ASP E 407 -47.60 16.29 -6.72
CA ASP E 407 -47.49 16.66 -5.32
C ASP E 407 -46.99 18.09 -5.15
N LEU E 408 -46.55 18.68 -6.26
CA LEU E 408 -45.99 20.04 -6.24
C LEU E 408 -47.06 21.11 -6.40
N ALA E 409 -48.21 20.72 -6.94
CA ALA E 409 -49.30 21.67 -7.17
C ALA E 409 -49.82 22.29 -5.88
N GLU E 410 -49.75 21.52 -4.80
CA GLU E 410 -50.20 22.00 -3.49
C GLU E 410 -49.34 23.15 -2.99
N TYR E 411 -48.04 23.08 -3.25
CA TYR E 411 -47.10 24.08 -2.75
C TYR E 411 -47.02 25.30 -3.66
N TYR E 412 -47.29 25.10 -4.95
CA TYR E 412 -47.36 26.21 -5.89
C TYR E 412 -48.59 27.08 -5.58
N GLU E 413 -49.64 26.43 -5.08
CA GLU E 413 -50.87 27.12 -4.70
C GLU E 413 -50.67 27.89 -3.40
N GLU E 414 -49.95 27.28 -2.46
CA GLU E 414 -49.67 27.91 -1.18
C GLU E 414 -48.75 29.12 -1.37
N ALA E 415 -47.80 29.00 -2.30
CA ALA E 415 -46.86 30.08 -2.58
C ALA E 415 -47.49 31.13 -3.49
N GLY E 416 -48.38 30.69 -4.37
CA GLY E 416 -49.07 31.59 -5.27
C GLY E 416 -48.35 31.82 -6.58
N ILE E 417 -47.77 30.75 -7.12
CA ILE E 417 -47.02 30.83 -8.37
C ILE E 417 -47.44 29.72 -9.33
N HIS E 418 -47.68 30.09 -10.60
CA HIS E 418 -48.02 29.12 -11.62
C HIS E 418 -46.78 28.36 -12.09
N PRO E 419 -46.87 27.03 -12.17
CA PRO E 419 -45.74 26.19 -12.57
C PRO E 419 -45.41 26.36 -14.05
N SER F 345 4.65 -22.15 -32.88
CA SER F 345 4.27 -22.71 -31.59
C SER F 345 4.01 -21.60 -30.57
N MET F 346 3.81 -20.39 -31.07
CA MET F 346 3.54 -19.24 -30.21
C MET F 346 2.09 -19.26 -29.71
N SER F 347 1.92 -19.29 -28.40
CA SER F 347 0.60 -19.14 -27.80
C SER F 347 0.25 -17.66 -27.75
N THR F 348 -0.65 -17.24 -28.62
CA THR F 348 -0.93 -15.81 -28.81
C THR F 348 -2.14 -15.31 -28.02
N TYR F 349 -2.13 -14.01 -27.73
CA TYR F 349 -3.20 -13.36 -27.00
C TYR F 349 -4.42 -13.12 -27.90
N ASP F 350 -4.15 -12.75 -29.15
CA ASP F 350 -5.21 -12.48 -30.11
C ASP F 350 -4.65 -12.42 -31.53
N GLU F 351 -5.50 -12.64 -32.52
CA GLU F 351 -5.09 -12.52 -33.91
C GLU F 351 -5.62 -11.23 -34.53
N ILE F 352 -4.71 -10.42 -35.05
CA ILE F 352 -5.06 -9.12 -35.60
C ILE F 352 -4.79 -9.05 -37.10
N GLU F 353 -5.77 -8.53 -37.84
CA GLU F 353 -5.61 -8.32 -39.28
C GLU F 353 -4.55 -7.25 -39.53
N ILE F 354 -3.82 -7.38 -40.63
CA ILE F 354 -2.75 -6.44 -40.96
C ILE F 354 -3.29 -5.05 -41.26
N GLU F 355 -4.57 -4.98 -41.62
CA GLU F 355 -5.22 -3.71 -41.91
C GLU F 355 -5.57 -2.95 -40.63
N ASP F 356 -5.73 -3.71 -39.54
CA ASP F 356 -6.08 -3.11 -38.26
C ASP F 356 -4.86 -2.63 -37.50
N MET F 357 -3.68 -3.04 -37.98
CA MET F 357 -2.42 -2.68 -37.35
C MET F 357 -2.10 -1.21 -37.57
N THR F 358 -1.20 -0.67 -36.75
CA THR F 358 -0.75 0.72 -36.89
C THR F 358 0.68 0.75 -37.43
N PHE F 359 0.89 1.47 -38.52
CA PHE F 359 2.19 1.49 -39.18
C PHE F 359 2.95 2.79 -38.93
N GLU F 360 4.14 2.65 -38.37
CA GLU F 360 5.08 3.77 -38.25
C GLU F 360 5.99 3.75 -39.48
N PRO F 361 5.76 4.68 -40.42
CA PRO F 361 6.36 4.72 -41.75
C PRO F 361 7.87 4.51 -41.81
N GLU F 362 8.61 5.11 -40.88
CA GLU F 362 10.06 5.07 -40.91
C GLU F 362 10.62 3.72 -40.47
N ASN F 363 10.01 3.14 -39.44
CA ASN F 363 10.56 1.97 -38.78
C ASN F 363 10.32 0.65 -39.49
N GLN F 364 9.44 0.66 -40.49
CA GLN F 364 9.03 -0.57 -41.19
C GLN F 364 8.50 -1.57 -40.15
N MET F 365 7.71 -1.06 -39.21
CA MET F 365 7.25 -1.85 -38.07
C MET F 365 5.79 -1.54 -37.76
N PHE F 366 4.98 -2.59 -37.66
CA PHE F 366 3.57 -2.45 -37.31
C PHE F 366 3.37 -2.55 -35.80
N THR F 367 2.52 -1.68 -35.26
CA THR F 367 2.24 -1.69 -33.84
C THR F 367 0.76 -1.91 -33.56
N TYR F 368 0.46 -2.47 -32.39
CA TYR F 368 -0.92 -2.69 -31.96
C TYR F 368 -1.01 -2.60 -30.44
N PRO F 369 -2.03 -1.89 -29.93
CA PRO F 369 -2.23 -1.66 -28.49
C PRO F 369 -2.19 -2.95 -27.67
N CYS F 370 -1.63 -2.87 -26.47
CA CYS F 370 -1.49 -4.01 -25.57
C CYS F 370 -2.15 -3.71 -24.23
N PRO F 371 -2.85 -4.72 -23.67
CA PRO F 371 -3.55 -4.61 -22.38
C PRO F 371 -2.69 -4.06 -21.24
N CYS F 372 -1.37 -4.13 -21.36
CA CYS F 372 -0.50 -3.60 -20.32
C CYS F 372 -0.30 -2.10 -20.46
N GLY F 373 -0.62 -1.57 -21.64
CA GLY F 373 -0.46 -0.16 -21.93
C GLY F 373 0.55 0.09 -23.03
N ASP F 374 1.40 -0.90 -23.28
CA ASP F 374 2.41 -0.79 -24.33
C ASP F 374 1.83 -1.20 -25.67
N ARG F 375 2.69 -1.56 -26.62
CA ARG F 375 2.24 -1.96 -27.94
C ARG F 375 3.04 -3.15 -28.47
N PHE F 376 2.34 -4.10 -29.09
CA PHE F 376 3.00 -5.19 -29.78
C PHE F 376 3.73 -4.63 -30.99
N GLN F 377 4.75 -5.34 -31.48
CA GLN F 377 5.50 -4.87 -32.62
C GLN F 377 6.12 -6.00 -33.44
N ILE F 378 6.04 -5.88 -34.77
CA ILE F 378 6.57 -6.88 -35.68
C ILE F 378 7.19 -6.20 -36.90
N TYR F 379 8.22 -6.82 -37.47
CA TYR F 379 8.90 -6.27 -38.63
C TYR F 379 8.38 -6.84 -39.94
N LEU F 380 8.39 -6.02 -40.98
CA LEU F 380 7.85 -6.42 -42.28
C LEU F 380 8.77 -7.41 -42.99
N ASP F 381 10.08 -7.26 -42.79
CA ASP F 381 11.04 -8.19 -43.36
C ASP F 381 10.85 -9.58 -42.78
N ASP F 382 10.58 -9.63 -41.49
CA ASP F 382 10.33 -10.90 -40.80
C ASP F 382 9.03 -11.53 -41.27
N MET F 383 8.09 -10.68 -41.69
CA MET F 383 6.81 -11.15 -42.20
C MET F 383 6.96 -11.74 -43.61
N PHE F 384 7.89 -11.21 -44.38
CA PHE F 384 8.16 -11.74 -45.72
C PHE F 384 8.92 -13.06 -45.61
N GLU F 385 9.67 -13.22 -44.53
CA GLU F 385 10.44 -14.44 -44.31
C GLU F 385 9.53 -15.61 -43.98
N GLU F 387 7.25 -15.12 -40.60
CA GLU F 387 6.87 -14.85 -39.21
C GLU F 387 5.61 -13.99 -39.15
N LYS F 388 4.67 -14.39 -38.30
CA LYS F 388 3.42 -13.66 -38.14
C LYS F 388 3.17 -13.30 -36.68
N VAL F 389 4.25 -13.04 -35.94
CA VAL F 389 4.14 -12.80 -34.50
C VAL F 389 4.72 -11.46 -34.07
N ALA F 390 3.90 -10.64 -33.42
CA ALA F 390 4.36 -9.38 -32.84
C ALA F 390 4.63 -9.56 -31.36
N VAL F 391 5.62 -8.84 -30.84
CA VAL F 391 6.04 -8.99 -29.44
C VAL F 391 6.02 -7.67 -28.69
N CYS F 392 5.43 -7.69 -27.49
CA CYS F 392 5.41 -6.52 -26.63
C CYS F 392 6.71 -6.40 -25.85
N PRO F 393 7.31 -5.20 -25.85
CA PRO F 393 8.60 -4.95 -25.18
C PRO F 393 8.51 -5.06 -23.66
N SER F 394 7.39 -4.69 -23.08
CA SER F 394 7.35 -4.68 -21.64
C SER F 394 6.38 -5.63 -20.99
N CYS F 395 5.98 -6.66 -21.71
CA CYS F 395 5.06 -7.65 -21.17
C CYS F 395 5.51 -9.05 -21.56
N SER F 396 4.54 -9.94 -21.70
CA SER F 396 4.82 -11.31 -22.10
C SER F 396 3.73 -11.84 -23.03
N LEU F 397 2.89 -10.94 -23.56
CA LEU F 397 1.86 -11.40 -24.42
C LEU F 397 2.41 -11.36 -25.80
N MET F 398 1.71 -12.02 -26.70
CA MET F 398 2.05 -12.07 -28.11
C MET F 398 0.78 -12.13 -28.96
N ILE F 399 0.84 -11.56 -30.16
CA ILE F 399 -0.30 -11.60 -31.07
C ILE F 399 0.09 -12.11 -32.45
N ASP F 400 -0.88 -12.62 -33.18
CA ASP F 400 -0.67 -13.06 -34.56
C ASP F 400 -1.11 -11.97 -35.55
N VAL F 401 -0.27 -11.72 -36.54
CA VAL F 401 -0.62 -10.78 -37.60
C VAL F 401 -1.12 -11.56 -38.82
N VAL F 402 -2.44 -11.67 -38.93
CA VAL F 402 -3.06 -12.47 -39.98
C VAL F 402 -2.93 -11.85 -41.36
N PHE F 403 -2.21 -12.56 -42.24
CA PHE F 403 -2.05 -12.15 -43.63
C PHE F 403 -1.57 -13.32 -44.48
N ASP F 404 -1.70 -13.19 -45.79
CA ASP F 404 -1.27 -14.25 -46.71
C ASP F 404 0.20 -14.06 -47.08
N LYS F 405 0.62 -14.73 -48.16
CA LYS F 405 1.98 -14.57 -48.66
C LYS F 405 2.02 -13.41 -49.66
N GLU F 406 1.13 -12.46 -49.45
CA GLU F 406 1.04 -11.28 -50.30
C GLU F 406 0.41 -10.12 -49.54
N ASP F 407 -0.33 -9.27 -50.25
CA ASP F 407 -0.97 -8.07 -49.70
C ASP F 407 -0.09 -7.26 -48.75
N LEU F 408 1.21 -7.28 -49.01
CA LEU F 408 2.18 -6.53 -48.20
C LEU F 408 2.89 -5.49 -49.05
N ALA F 409 2.60 -5.49 -50.34
CA ALA F 409 3.20 -4.53 -51.26
C ALA F 409 2.67 -3.13 -51.03
N GLU F 410 1.46 -3.05 -50.46
CA GLU F 410 0.85 -1.78 -50.12
C GLU F 410 1.69 -1.03 -49.10
N TYR F 411 2.24 -1.77 -48.14
CA TYR F 411 3.06 -1.18 -47.10
C TYR F 411 4.53 -1.18 -47.52
N TYR F 412 4.86 -2.04 -48.48
CA TYR F 412 6.21 -2.06 -49.06
C TYR F 412 6.43 -0.81 -49.90
N GLU F 413 5.41 -0.43 -50.67
CA GLU F 413 5.49 0.74 -51.53
C GLU F 413 5.42 2.02 -50.70
N GLU F 414 4.72 1.95 -49.57
CA GLU F 414 4.60 3.09 -48.67
C GLU F 414 5.92 3.30 -47.93
N ALA F 415 6.71 2.24 -47.83
CA ALA F 415 8.01 2.31 -47.16
C ALA F 415 9.04 2.99 -48.06
N GLY F 416 8.88 2.82 -49.37
CA GLY F 416 9.77 3.43 -50.34
C GLY F 416 10.95 2.56 -50.71
N ILE F 417 10.92 1.31 -50.26
CA ILE F 417 12.00 0.37 -50.53
C ILE F 417 11.48 -1.06 -50.40
N HIS F 418 12.24 -2.02 -50.97
CA HIS F 418 11.89 -3.44 -50.94
C HIS F 418 10.62 -3.79 -51.73
N PRO F 419 10.54 -5.02 -52.26
CA PRO F 419 11.55 -6.09 -52.18
C PRO F 419 12.60 -5.96 -53.29
#